data_2HGM
#
_entry.id   2HGM
#
_cell.length_a   1.000
_cell.length_b   1.000
_cell.length_c   1.000
_cell.angle_alpha   90.00
_cell.angle_beta   90.00
_cell.angle_gamma   90.00
#
_symmetry.space_group_name_H-M   'P 1'
#
_entity_poly.entity_id   1
_entity_poly.type   'polypeptide(L)'
_entity_poly.pdbx_seq_one_letter_code
;MGSSHHHHHHSSGLVPRGSHMASMTGGQQMGRGSNSADSANDGFVRLRGLPFGCTKEEIVQFFSGLEIVPNGITLPVDPE
GKITGEAFVQFASQELAEKALGKHKERIGHRYIEVFKSSQEEVRSY
;
_entity_poly.pdbx_strand_id   A
#
# COMPACT_ATOMS: atom_id res chain seq x y z
N ASN A 35 -13.37 -5.20 -6.44
CA ASN A 35 -12.60 -4.90 -7.66
C ASN A 35 -12.25 -3.41 -7.75
N SER A 36 -11.06 -3.10 -8.25
CA SER A 36 -10.30 -1.83 -8.35
C SER A 36 -10.26 -0.85 -7.16
N ALA A 37 -11.20 -0.91 -6.23
CA ALA A 37 -11.28 -0.15 -4.98
C ALA A 37 -12.21 -0.81 -3.94
N ASP A 38 -13.24 -1.54 -4.38
CA ASP A 38 -14.31 -2.09 -3.51
C ASP A 38 -14.92 -3.40 -4.02
N SER A 39 -15.14 -4.39 -3.14
CA SER A 39 -16.35 -5.23 -3.18
C SER A 39 -16.83 -5.68 -1.79
N ALA A 40 -15.92 -6.18 -0.96
CA ALA A 40 -16.16 -6.63 0.42
C ALA A 40 -14.87 -7.03 1.16
N ASN A 41 -13.97 -7.75 0.48
CA ASN A 41 -12.79 -8.38 1.09
C ASN A 41 -11.45 -7.99 0.48
N ASP A 42 -11.44 -7.73 -0.81
CA ASP A 42 -10.31 -7.30 -1.66
C ASP A 42 -9.84 -5.84 -1.42
N GLY A 43 -9.87 -5.42 -0.16
CA GLY A 43 -9.33 -4.15 0.29
C GLY A 43 -7.84 -4.04 0.05
N PHE A 44 -7.41 -3.33 -0.99
CA PHE A 44 -6.02 -3.01 -1.19
C PHE A 44 -5.90 -1.51 -0.96
N VAL A 45 -4.66 -1.10 -0.85
CA VAL A 45 -4.28 0.29 -0.81
C VAL A 45 -3.11 0.48 -1.74
N ARG A 46 -2.92 1.68 -2.27
CA ARG A 46 -1.74 2.10 -3.03
C ARG A 46 -1.05 3.29 -2.39
N LEU A 47 0.28 3.19 -2.35
CA LEU A 47 1.27 4.17 -1.96
C LEU A 47 1.98 4.70 -3.19
N ARG A 48 2.39 5.97 -3.19
CA ARG A 48 3.13 6.62 -4.29
C ARG A 48 3.99 7.74 -3.75
N GLY A 49 5.12 7.40 -3.14
CA GLY A 49 5.83 8.36 -2.30
C GLY A 49 7.05 7.84 -1.55
N LEU A 50 7.50 6.61 -1.84
CA LEU A 50 8.48 5.86 -1.05
C LEU A 50 9.92 6.32 -1.33
N PRO A 51 10.83 6.13 -0.37
CA PRO A 51 12.24 6.48 -0.42
C PRO A 51 13.10 5.43 -1.12
N PHE A 52 14.38 5.73 -1.27
CA PHE A 52 15.34 4.82 -1.88
C PHE A 52 15.54 3.53 -1.07
N GLY A 53 15.56 2.38 -1.75
CA GLY A 53 15.59 1.05 -1.11
C GLY A 53 14.31 0.64 -0.37
N CYS A 54 13.16 1.31 -0.58
CA CYS A 54 11.92 0.95 0.13
C CYS A 54 11.48 -0.51 -0.12
N THR A 55 10.85 -1.14 0.87
CA THR A 55 10.42 -2.54 0.76
C THR A 55 9.19 -2.83 1.62
N LYS A 56 8.63 -4.04 1.44
CA LYS A 56 7.55 -4.60 2.24
C LYS A 56 7.65 -4.28 3.70
N GLU A 57 8.74 -4.53 4.39
CA GLU A 57 8.82 -4.36 5.85
C GLU A 57 8.60 -2.89 6.30
N GLU A 58 8.78 -1.91 5.42
CA GLU A 58 8.42 -0.53 5.74
C GLU A 58 6.90 -0.33 5.58
N ILE A 59 6.26 -1.06 4.68
CA ILE A 59 4.79 -1.16 4.56
C ILE A 59 4.20 -1.99 5.72
N VAL A 60 4.83 -3.12 6.05
CA VAL A 60 4.56 -3.94 7.23
C VAL A 60 4.70 -3.16 8.54
N GLN A 61 5.41 -2.02 8.61
CA GLN A 61 5.39 -1.17 9.81
C GLN A 61 4.39 -0.01 9.69
N PHE A 62 4.10 0.40 8.45
CA PHE A 62 3.10 1.41 8.11
C PHE A 62 1.72 0.98 8.60
N PHE A 63 1.35 -0.26 8.24
CA PHE A 63 0.10 -0.89 8.64
C PHE A 63 0.31 -2.09 9.57
N SER A 64 1.37 -2.05 10.40
CA SER A 64 1.43 -2.83 11.65
C SER A 64 0.21 -2.58 12.56
N GLY A 65 -0.46 -1.43 12.37
CA GLY A 65 -1.75 -1.09 12.95
C GLY A 65 -2.87 -2.11 12.74
N LEU A 66 -2.84 -2.82 11.60
CA LEU A 66 -4.01 -3.48 10.99
C LEU A 66 -3.70 -4.89 10.47
N GLU A 67 -4.74 -5.67 10.16
CA GLU A 67 -4.66 -7.04 9.70
C GLU A 67 -4.63 -7.11 8.16
N ILE A 68 -3.71 -7.94 7.65
CA ILE A 68 -3.30 -8.08 6.24
C ILE A 68 -3.18 -9.59 5.96
N VAL A 69 -3.59 -10.07 4.78
CA VAL A 69 -3.36 -11.49 4.39
C VAL A 69 -1.86 -11.83 4.30
N PRO A 70 -1.41 -13.09 4.44
CA PRO A 70 0.00 -13.42 4.75
C PRO A 70 1.14 -12.89 3.87
N ASN A 71 0.87 -12.45 2.64
CA ASN A 71 1.81 -11.66 1.83
C ASN A 71 1.07 -10.54 1.08
N GLY A 72 0.05 -9.98 1.73
CA GLY A 72 -0.87 -8.96 1.23
C GLY A 72 -0.24 -7.58 1.01
N ILE A 73 0.95 -7.48 0.42
CA ILE A 73 1.70 -6.25 0.18
C ILE A 73 2.39 -6.43 -1.20
N THR A 74 2.41 -5.45 -2.12
CA THR A 74 2.96 -5.56 -3.49
C THR A 74 3.87 -4.39 -3.86
N LEU A 75 5.07 -4.69 -4.41
CA LEU A 75 6.19 -3.75 -4.68
C LEU A 75 6.61 -3.83 -6.16
N PRO A 76 5.94 -3.10 -7.07
CA PRO A 76 6.25 -3.18 -8.48
C PRO A 76 7.49 -2.34 -8.88
N VAL A 77 7.41 -1.01 -8.76
CA VAL A 77 8.45 0.01 -9.05
C VAL A 77 8.00 1.38 -8.53
N ASP A 78 8.90 2.36 -8.53
CA ASP A 78 8.61 3.77 -8.37
C ASP A 78 7.86 4.41 -9.56
N PRO A 79 7.45 5.68 -9.41
CA PRO A 79 6.85 6.50 -10.47
C PRO A 79 7.70 6.72 -11.76
N GLU A 80 8.93 6.21 -11.89
CA GLU A 80 9.77 6.37 -13.09
C GLU A 80 10.24 5.01 -13.64
N GLY A 81 10.47 4.02 -12.79
CA GLY A 81 10.58 2.60 -13.18
C GLY A 81 11.95 1.97 -12.97
N LYS A 82 12.67 2.30 -11.88
CA LYS A 82 14.02 1.80 -11.58
C LYS A 82 14.21 1.37 -10.11
N ILE A 83 13.19 1.54 -9.26
CA ILE A 83 13.21 1.21 -7.83
C ILE A 83 11.89 0.66 -7.30
N THR A 84 11.25 1.33 -6.33
CA THR A 84 10.12 0.94 -5.48
C THR A 84 9.71 2.17 -4.68
N GLY A 85 9.07 3.12 -5.36
CA GLY A 85 8.46 4.33 -4.82
C GLY A 85 6.97 4.46 -5.07
N GLU A 86 6.36 3.43 -5.64
CA GLU A 86 4.97 3.08 -5.37
C GLU A 86 4.84 1.59 -5.05
N ALA A 87 3.77 1.28 -4.33
CA ALA A 87 3.48 -0.02 -3.75
C ALA A 87 2.04 -0.10 -3.31
N PHE A 88 1.65 -1.27 -2.83
CA PHE A 88 0.28 -1.59 -2.58
C PHE A 88 0.14 -2.60 -1.41
N VAL A 89 -1.06 -2.75 -0.84
CA VAL A 89 -1.30 -3.64 0.33
C VAL A 89 -2.75 -4.07 0.51
N GLN A 90 -3.00 -5.39 0.46
CA GLN A 90 -4.26 -6.10 0.67
C GLN A 90 -4.42 -6.49 2.14
N PHE A 91 -5.52 -6.07 2.74
CA PHE A 91 -5.81 -6.31 4.14
C PHE A 91 -6.57 -7.64 4.30
N ALA A 92 -7.19 -7.93 5.45
CA ALA A 92 -8.20 -8.98 5.51
C ALA A 92 -9.60 -8.54 5.01
N SER A 93 -9.81 -7.25 4.78
CA SER A 93 -11.11 -6.70 4.37
C SER A 93 -11.01 -5.34 3.67
N GLN A 94 -12.06 -4.94 2.92
CA GLN A 94 -12.19 -3.59 2.35
C GLN A 94 -12.16 -2.45 3.39
N GLU A 95 -12.60 -2.76 4.61
CA GLU A 95 -12.76 -1.79 5.71
C GLU A 95 -11.43 -1.47 6.41
N LEU A 96 -10.70 -2.53 6.74
CA LEU A 96 -9.32 -2.48 7.23
C LEU A 96 -8.42 -1.69 6.27
N ALA A 97 -8.68 -1.87 4.97
CA ALA A 97 -7.95 -1.15 3.94
C ALA A 97 -8.32 0.34 3.84
N GLU A 98 -9.35 0.84 4.53
CA GLU A 98 -9.70 2.27 4.55
C GLU A 98 -9.49 2.92 5.92
N LYS A 99 -9.34 2.08 6.96
CA LYS A 99 -8.67 2.47 8.19
C LYS A 99 -7.22 2.87 7.87
N ALA A 100 -6.62 2.14 6.93
CA ALA A 100 -5.30 2.41 6.34
C ALA A 100 -5.18 3.67 5.47
N LEU A 101 -6.10 3.96 4.54
CA LEU A 101 -6.24 5.32 3.97
C LEU A 101 -6.27 6.43 5.03
N GLY A 102 -6.86 6.13 6.18
CA GLY A 102 -6.94 6.98 7.36
C GLY A 102 -5.58 7.39 7.97
N LYS A 103 -4.46 6.73 7.61
CA LYS A 103 -3.08 7.16 7.95
C LYS A 103 -2.64 8.48 7.33
N HIS A 104 -3.24 8.84 6.19
CA HIS A 104 -3.06 10.06 5.39
C HIS A 104 -1.65 10.35 4.83
N LYS A 105 -0.58 10.24 5.64
CA LYS A 105 0.81 10.63 5.28
C LYS A 105 1.85 9.71 5.92
N GLU A 106 1.96 9.74 7.25
CA GLU A 106 3.06 9.15 8.04
C GLU A 106 4.45 9.29 7.35
N ARG A 107 5.32 8.28 7.46
CA ARG A 107 6.64 8.20 6.83
C ARG A 107 7.02 6.74 6.57
N ILE A 108 7.90 6.52 5.59
CA ILE A 108 8.71 5.32 5.33
C ILE A 108 10.14 5.83 5.10
N GLY A 109 11.15 5.18 5.68
CA GLY A 109 12.58 5.51 5.56
C GLY A 109 12.91 6.99 5.81
N HIS A 110 12.84 7.82 4.76
CA HIS A 110 12.98 9.28 4.81
C HIS A 110 11.91 10.06 4.00
N ARG A 111 10.92 9.39 3.43
CA ARG A 111 9.87 9.95 2.56
C ARG A 111 8.45 9.57 2.96
N TYR A 112 7.49 10.07 2.18
CA TYR A 112 6.40 10.89 2.71
C TYR A 112 5.08 10.70 1.94
N ILE A 113 5.05 9.65 1.13
CA ILE A 113 3.96 8.69 0.99
C ILE A 113 2.54 9.26 0.95
N GLU A 114 1.99 9.20 -0.26
CA GLU A 114 0.59 9.27 -0.60
C GLU A 114 -0.22 8.03 -0.18
N VAL A 115 -1.54 8.11 -0.16
CA VAL A 115 -2.44 6.94 -0.05
C VAL A 115 -3.67 7.06 -0.96
N PHE A 116 -4.07 5.94 -1.57
CA PHE A 116 -5.28 5.77 -2.39
C PHE A 116 -5.87 4.38 -2.19
N LYS A 117 -7.19 4.24 -2.39
CA LYS A 117 -7.87 2.95 -2.37
C LYS A 117 -7.59 2.14 -3.63
N SER A 118 -7.70 0.82 -3.50
CA SER A 118 -7.17 -0.10 -4.51
C SER A 118 -7.84 -1.50 -4.45
N SER A 119 -7.59 -2.31 -5.49
CA SER A 119 -7.73 -3.78 -5.50
C SER A 119 -6.70 -4.40 -6.47
N GLN A 120 -6.42 -5.70 -6.36
CA GLN A 120 -5.50 -6.59 -7.12
C GLN A 120 -5.23 -6.35 -8.63
N GLU A 121 -5.97 -5.48 -9.29
CA GLU A 121 -5.92 -5.23 -10.73
C GLU A 121 -5.82 -3.72 -11.05
N GLU A 122 -5.92 -2.89 -10.02
CA GLU A 122 -5.26 -1.59 -9.95
C GLU A 122 -3.80 -1.83 -9.54
N VAL A 123 -3.51 -2.98 -8.87
CA VAL A 123 -2.26 -3.16 -8.15
C VAL A 123 -1.14 -3.79 -8.94
N ARG A 124 -1.49 -4.72 -9.83
CA ARG A 124 -0.55 -5.65 -10.45
C ARG A 124 0.20 -5.06 -11.66
N SER A 125 0.82 -3.90 -11.45
CA SER A 125 1.77 -3.29 -12.39
C SER A 125 2.99 -4.19 -12.71
N TYR A 126 3.18 -5.25 -11.91
CA TYR A 126 4.04 -6.41 -12.12
C TYR A 126 3.23 -7.67 -11.78
N ASN A 35 -12.62 -5.93 -9.33
CA ASN A 35 -12.38 -5.11 -10.54
C ASN A 35 -12.14 -3.64 -10.21
N SER A 36 -10.86 -3.26 -10.07
CA SER A 36 -10.25 -1.92 -9.95
C SER A 36 -10.66 -0.96 -8.81
N ALA A 37 -11.90 -1.04 -8.30
CA ALA A 37 -12.49 -0.11 -7.33
C ALA A 37 -13.59 -0.80 -6.49
N ASP A 38 -13.28 -1.97 -5.94
CA ASP A 38 -14.22 -2.87 -5.24
C ASP A 38 -14.79 -2.32 -3.92
N SER A 39 -15.76 -3.04 -3.35
CA SER A 39 -16.36 -2.80 -2.02
C SER A 39 -16.98 -4.09 -1.44
N ALA A 40 -16.12 -5.04 -1.05
CA ALA A 40 -16.54 -6.32 -0.44
C ALA A 40 -15.54 -6.88 0.59
N ASN A 41 -14.25 -6.84 0.24
CA ASN A 41 -13.16 -7.56 0.92
C ASN A 41 -11.80 -7.12 0.38
N ASP A 42 -11.73 -7.07 -0.94
CA ASP A 42 -10.59 -6.78 -1.81
C ASP A 42 -10.14 -5.30 -1.78
N GLY A 43 -10.06 -4.72 -0.57
CA GLY A 43 -9.46 -3.41 -0.32
C GLY A 43 -7.95 -3.52 -0.36
N PHE A 44 -7.37 -3.09 -1.48
CA PHE A 44 -5.96 -2.90 -1.64
C PHE A 44 -5.72 -1.41 -1.46
N VAL A 45 -4.49 -1.04 -1.17
CA VAL A 45 -4.21 0.32 -0.77
C VAL A 45 -2.86 0.77 -1.27
N ARG A 46 -2.86 1.80 -2.10
CA ARG A 46 -1.73 2.18 -2.95
C ARG A 46 -1.00 3.39 -2.42
N LEU A 47 0.29 3.18 -2.26
CA LEU A 47 1.31 4.16 -1.94
C LEU A 47 1.82 4.84 -3.22
N ARG A 48 2.28 6.08 -3.12
CA ARG A 48 2.90 6.87 -4.20
C ARG A 48 3.80 7.92 -3.58
N GLY A 49 5.00 7.54 -3.16
CA GLY A 49 5.75 8.39 -2.22
C GLY A 49 7.15 7.94 -1.82
N LEU A 50 7.52 6.70 -2.16
CA LEU A 50 8.55 5.92 -1.49
C LEU A 50 9.99 6.41 -1.79
N PRO A 51 10.91 6.17 -0.84
CA PRO A 51 12.36 6.42 -0.95
C PRO A 51 13.08 5.34 -1.75
N PHE A 52 14.35 5.62 -2.03
CA PHE A 52 15.30 4.66 -2.59
C PHE A 52 15.43 3.39 -1.70
N GLY A 53 15.40 2.21 -2.33
CA GLY A 53 15.44 0.93 -1.63
C GLY A 53 14.21 0.62 -0.76
N CYS A 54 13.06 1.29 -0.98
CA CYS A 54 11.81 0.96 -0.27
C CYS A 54 11.42 -0.52 -0.45
N THR A 55 10.80 -1.12 0.58
CA THR A 55 10.48 -2.55 0.61
C THR A 55 9.22 -2.84 1.46
N LYS A 56 8.66 -4.03 1.28
CA LYS A 56 7.56 -4.60 2.05
C LYS A 56 7.57 -4.32 3.53
N GLU A 57 8.69 -4.43 4.21
CA GLU A 57 8.82 -4.24 5.65
C GLU A 57 8.65 -2.78 6.09
N GLU A 58 8.82 -1.82 5.17
CA GLU A 58 8.46 -0.45 5.46
C GLU A 58 6.94 -0.28 5.35
N ILE A 59 6.30 -1.04 4.46
CA ILE A 59 4.83 -1.14 4.40
C ILE A 59 4.30 -1.91 5.63
N VAL A 60 5.00 -2.97 6.05
CA VAL A 60 4.80 -3.68 7.30
C VAL A 60 5.02 -2.82 8.56
N GLN A 61 5.64 -1.62 8.49
CA GLN A 61 5.62 -0.65 9.61
C GLN A 61 4.62 0.49 9.42
N PHE A 62 4.22 0.74 8.18
CA PHE A 62 3.15 1.67 7.79
C PHE A 62 1.79 1.20 8.35
N PHE A 63 1.51 -0.10 8.12
CA PHE A 63 0.29 -0.76 8.56
C PHE A 63 0.60 -1.94 9.51
N SER A 64 1.68 -1.81 10.30
CA SER A 64 1.80 -2.49 11.60
C SER A 64 0.54 -2.38 12.47
N GLY A 65 -0.24 -1.32 12.25
CA GLY A 65 -1.52 -1.02 12.87
C GLY A 65 -2.63 -2.06 12.66
N LEU A 66 -2.63 -2.77 11.53
CA LEU A 66 -3.84 -3.35 10.94
C LEU A 66 -3.63 -4.79 10.42
N GLU A 67 -4.73 -5.55 10.26
CA GLU A 67 -4.72 -6.92 9.79
C GLU A 67 -4.75 -7.02 8.26
N ILE A 68 -3.80 -7.78 7.73
CA ILE A 68 -3.44 -7.96 6.32
C ILE A 68 -3.38 -9.46 6.01
N VAL A 69 -3.88 -9.90 4.85
CA VAL A 69 -3.70 -11.31 4.39
C VAL A 69 -2.20 -11.62 4.19
N PRO A 70 -1.73 -12.87 4.35
CA PRO A 70 -0.31 -13.16 4.62
C PRO A 70 0.79 -12.58 3.72
N ASN A 71 0.50 -12.25 2.46
CA ASN A 71 1.37 -11.46 1.58
C ASN A 71 0.52 -10.45 0.79
N GLY A 72 -0.43 -9.82 1.49
CA GLY A 72 -1.31 -8.78 0.96
C GLY A 72 -0.60 -7.57 0.33
N ILE A 73 0.65 -7.33 0.72
CA ILE A 73 1.47 -6.17 0.31
C ILE A 73 2.10 -6.45 -1.08
N THR A 74 2.26 -5.45 -1.96
CA THR A 74 2.87 -5.59 -3.31
C THR A 74 3.78 -4.41 -3.71
N LEU A 75 4.96 -4.71 -4.29
CA LEU A 75 6.05 -3.77 -4.66
C LEU A 75 6.43 -3.91 -6.15
N PRO A 76 5.79 -3.15 -7.05
CA PRO A 76 6.11 -3.21 -8.47
C PRO A 76 7.26 -2.28 -8.89
N VAL A 77 7.03 -0.96 -8.94
CA VAL A 77 7.97 0.10 -9.37
C VAL A 77 7.50 1.48 -8.91
N ASP A 78 8.36 2.49 -9.02
CA ASP A 78 8.05 3.91 -8.90
C ASP A 78 7.24 4.48 -10.08
N PRO A 79 6.80 5.75 -9.96
CA PRO A 79 6.15 6.51 -11.03
C PRO A 79 6.92 6.70 -12.36
N GLU A 80 8.18 6.25 -12.52
CA GLU A 80 8.93 6.34 -13.79
C GLU A 80 9.40 4.97 -14.30
N GLY A 81 9.79 4.07 -13.39
CA GLY A 81 9.91 2.63 -13.66
C GLY A 81 11.33 2.06 -13.53
N LYS A 82 12.08 2.46 -12.48
CA LYS A 82 13.46 2.01 -12.21
C LYS A 82 13.70 1.61 -10.75
N ILE A 83 12.70 1.75 -9.88
CA ILE A 83 12.77 1.45 -8.44
C ILE A 83 11.47 0.85 -7.87
N THR A 84 10.83 1.53 -6.92
CA THR A 84 9.72 1.14 -6.05
C THR A 84 9.34 2.38 -5.25
N GLY A 85 8.65 3.32 -5.90
CA GLY A 85 8.04 4.55 -5.35
C GLY A 85 6.53 4.64 -5.47
N GLU A 86 5.92 3.59 -5.99
CA GLU A 86 4.57 3.19 -5.61
C GLU A 86 4.55 1.68 -5.28
N ALA A 87 3.55 1.31 -4.50
CA ALA A 87 3.34 0.01 -3.89
C ALA A 87 1.90 -0.07 -3.40
N PHE A 88 1.53 -1.22 -2.85
CA PHE A 88 0.13 -1.55 -2.65
C PHE A 88 -0.02 -2.52 -1.46
N VAL A 89 -1.21 -2.63 -0.85
CA VAL A 89 -1.47 -3.55 0.26
C VAL A 89 -2.94 -3.93 0.48
N GLN A 90 -3.21 -5.22 0.59
CA GLN A 90 -4.53 -5.83 0.77
C GLN A 90 -4.70 -6.29 2.21
N PHE A 91 -5.88 -6.06 2.74
CA PHE A 91 -6.18 -6.34 4.14
C PHE A 91 -7.05 -7.59 4.28
N ALA A 92 -7.50 -7.97 5.48
CA ALA A 92 -8.52 -9.01 5.57
C ALA A 92 -9.92 -8.54 5.11
N SER A 93 -10.10 -7.24 4.86
CA SER A 93 -11.37 -6.64 4.44
C SER A 93 -11.19 -5.26 3.79
N GLN A 94 -12.21 -4.80 3.05
CA GLN A 94 -12.25 -3.46 2.44
C GLN A 94 -12.23 -2.33 3.49
N GLU A 95 -12.64 -2.66 4.73
CA GLU A 95 -12.81 -1.80 5.90
C GLU A 95 -11.51 -1.58 6.67
N LEU A 96 -10.78 -2.66 6.94
CA LEU A 96 -9.42 -2.64 7.45
C LEU A 96 -8.49 -1.88 6.50
N ALA A 97 -8.75 -2.02 5.22
CA ALA A 97 -8.06 -1.25 4.20
C ALA A 97 -8.48 0.23 4.19
N GLU A 98 -9.56 0.61 4.88
CA GLU A 98 -10.09 1.99 4.93
C GLU A 98 -9.55 2.72 6.17
N LYS A 99 -9.27 1.94 7.22
CA LYS A 99 -8.57 2.35 8.43
C LYS A 99 -7.14 2.81 8.07
N ALA A 100 -6.58 2.05 7.13
CA ALA A 100 -5.27 2.25 6.51
C ALA A 100 -5.11 3.53 5.66
N LEU A 101 -6.07 3.87 4.78
CA LEU A 101 -6.14 5.23 4.19
C LEU A 101 -6.10 6.37 5.22
N GLY A 102 -6.59 6.08 6.43
CA GLY A 102 -6.49 6.93 7.60
C GLY A 102 -5.04 7.25 8.06
N LYS A 103 -4.02 6.46 7.67
CA LYS A 103 -2.57 6.78 7.75
C LYS A 103 -2.12 7.84 6.72
N HIS A 104 -2.98 8.83 6.44
CA HIS A 104 -3.03 9.62 5.20
C HIS A 104 -1.72 10.25 4.69
N LYS A 105 -0.78 10.61 5.58
CA LYS A 105 0.49 11.28 5.26
C LYS A 105 1.70 10.68 6.01
N GLU A 106 1.64 9.40 6.38
CA GLU A 106 2.74 8.67 7.03
C GLU A 106 3.99 8.45 6.12
N ARG A 107 4.95 7.63 6.57
CA ARG A 107 6.36 7.67 6.23
C ARG A 107 6.92 6.26 6.01
N ILE A 108 7.90 6.18 5.12
CA ILE A 108 8.74 5.02 4.76
C ILE A 108 10.16 5.56 4.58
N GLY A 109 11.15 4.96 5.24
CA GLY A 109 12.51 5.50 5.32
C GLY A 109 12.48 6.94 5.84
N HIS A 110 13.10 7.85 5.09
CA HIS A 110 13.03 9.29 5.37
C HIS A 110 11.99 10.03 4.49
N ARG A 111 11.16 9.31 3.73
CA ARG A 111 10.19 9.86 2.77
C ARG A 111 8.76 9.41 3.04
N TYR A 112 7.84 9.87 2.21
CA TYR A 112 6.75 10.69 2.72
C TYR A 112 5.55 10.52 1.78
N ILE A 113 4.51 9.88 2.28
CA ILE A 113 3.79 8.91 1.46
C ILE A 113 2.28 9.20 1.41
N GLU A 114 1.77 9.07 0.19
CA GLU A 114 0.37 9.03 -0.24
C GLU A 114 -0.34 7.72 0.12
N VAL A 115 -1.67 7.73 0.26
CA VAL A 115 -2.50 6.50 0.31
C VAL A 115 -3.83 6.70 -0.43
N PHE A 116 -4.18 5.73 -1.29
CA PHE A 116 -5.38 5.70 -2.13
C PHE A 116 -5.99 4.30 -2.17
N LYS A 117 -7.30 4.17 -2.36
CA LYS A 117 -7.98 2.90 -2.48
C LYS A 117 -7.72 2.26 -3.82
N SER A 118 -7.62 0.94 -3.77
CA SER A 118 -7.08 0.10 -4.84
C SER A 118 -7.72 -1.28 -4.84
N SER A 119 -7.45 -2.05 -5.90
CA SER A 119 -7.82 -3.47 -6.03
C SER A 119 -6.70 -4.23 -6.74
N GLN A 120 -6.64 -5.54 -6.48
CA GLN A 120 -5.83 -6.68 -6.98
C GLN A 120 -5.30 -6.69 -8.44
N GLU A 121 -5.52 -5.63 -9.19
CA GLU A 121 -5.39 -5.57 -10.65
C GLU A 121 -4.69 -4.30 -11.13
N GLU A 122 -4.74 -3.22 -10.32
CA GLU A 122 -3.80 -2.11 -10.51
C GLU A 122 -2.51 -2.43 -9.73
N VAL A 123 -2.62 -3.32 -8.75
CA VAL A 123 -1.61 -3.53 -7.71
C VAL A 123 -0.43 -4.34 -8.19
N ARG A 124 -0.72 -5.28 -9.10
CA ARG A 124 0.18 -6.33 -9.56
C ARG A 124 1.06 -5.88 -10.74
N SER A 125 1.51 -4.62 -10.74
CA SER A 125 1.78 -3.73 -11.90
C SER A 125 2.95 -4.11 -12.84
N TYR A 126 3.22 -5.41 -12.98
CA TYR A 126 4.35 -6.08 -13.62
C TYR A 126 3.95 -7.21 -14.58
N ASN A 35 -19.33 0.89 -3.88
CA ASN A 35 -19.29 0.12 -5.14
C ASN A 35 -19.43 1.08 -6.31
N SER A 36 -18.39 1.36 -7.11
CA SER A 36 -16.98 0.94 -7.05
C SER A 36 -16.19 1.51 -5.84
N ALA A 37 -14.85 1.44 -5.86
CA ALA A 37 -13.88 1.81 -4.81
C ALA A 37 -13.93 0.97 -3.50
N ASP A 38 -15.12 0.52 -3.11
CA ASP A 38 -15.40 -0.41 -2.01
C ASP A 38 -16.37 -1.48 -2.52
N SER A 39 -16.25 -2.73 -2.05
CA SER A 39 -17.02 -3.86 -2.59
C SER A 39 -17.39 -4.93 -1.55
N ALA A 40 -16.42 -5.47 -0.83
CA ALA A 40 -16.60 -6.48 0.22
C ALA A 40 -15.39 -6.58 1.16
N ASN A 41 -14.28 -7.16 0.68
CA ASN A 41 -13.07 -7.43 1.47
C ASN A 41 -11.76 -6.99 0.79
N ASP A 42 -11.83 -6.82 -0.51
CA ASP A 42 -10.74 -6.74 -1.49
C ASP A 42 -10.10 -5.33 -1.56
N GLY A 43 -9.97 -4.69 -0.39
CA GLY A 43 -9.28 -3.42 -0.25
C GLY A 43 -7.78 -3.61 -0.30
N PHE A 44 -7.19 -3.15 -1.40
CA PHE A 44 -5.77 -2.94 -1.51
C PHE A 44 -5.57 -1.46 -1.24
N VAL A 45 -4.32 -1.08 -1.03
CA VAL A 45 -3.99 0.28 -0.71
C VAL A 45 -2.69 0.71 -1.35
N ARG A 46 -2.76 1.59 -2.33
CA ARG A 46 -1.61 2.05 -3.10
C ARG A 46 -0.91 3.22 -2.43
N LEU A 47 0.35 3.00 -2.13
CA LEU A 47 1.34 3.99 -1.74
C LEU A 47 1.90 4.70 -2.96
N ARG A 48 2.32 5.96 -2.78
CA ARG A 48 3.11 6.72 -3.76
C ARG A 48 3.97 7.71 -3.01
N GLY A 49 5.18 7.33 -2.64
CA GLY A 49 6.08 8.33 -2.07
C GLY A 49 7.54 7.89 -1.98
N LEU A 50 7.68 6.57 -1.92
CA LEU A 50 8.82 5.82 -1.41
C LEU A 50 10.18 6.22 -2.00
N PRO A 51 11.23 6.17 -1.17
CA PRO A 51 12.62 6.48 -1.49
C PRO A 51 13.38 5.29 -2.07
N PHE A 52 14.60 5.59 -2.52
CA PHE A 52 15.64 4.61 -2.84
C PHE A 52 15.81 3.58 -1.71
N GLY A 53 15.68 2.29 -2.05
CA GLY A 53 15.83 1.19 -1.08
C GLY A 53 14.62 0.96 -0.15
N CYS A 54 13.43 1.45 -0.49
CA CYS A 54 12.17 1.04 0.17
C CYS A 54 11.97 -0.50 0.16
N THR A 55 11.21 -1.02 1.12
CA THR A 55 10.85 -2.44 1.18
C THR A 55 9.48 -2.69 1.85
N LYS A 56 8.91 -3.88 1.63
CA LYS A 56 7.78 -4.45 2.34
C LYS A 56 7.74 -4.12 3.81
N GLU A 57 8.82 -4.24 4.57
CA GLU A 57 8.86 -3.99 6.01
C GLU A 57 8.65 -2.51 6.38
N GLU A 58 8.84 -1.56 5.47
CA GLU A 58 8.40 -0.19 5.72
C GLU A 58 6.90 -0.05 5.50
N ILE A 59 6.32 -0.85 4.59
CA ILE A 59 4.86 -1.01 4.47
C ILE A 59 4.29 -1.75 5.68
N VAL A 60 4.97 -2.80 6.14
CA VAL A 60 4.70 -3.51 7.38
C VAL A 60 4.86 -2.64 8.64
N GLN A 61 5.50 -1.45 8.58
CA GLN A 61 5.39 -0.45 9.66
C GLN A 61 4.36 0.65 9.39
N PHE A 62 4.09 0.91 8.11
CA PHE A 62 3.02 1.82 7.65
C PHE A 62 1.68 1.37 8.20
N PHE A 63 1.43 0.06 8.08
CA PHE A 63 0.23 -0.62 8.58
C PHE A 63 0.53 -1.75 9.57
N SER A 64 1.57 -1.59 10.41
CA SER A 64 1.66 -2.32 11.69
C SER A 64 0.42 -2.12 12.56
N GLY A 65 -0.33 -1.04 12.30
CA GLY A 65 -1.62 -0.73 12.88
C GLY A 65 -2.72 -1.79 12.67
N LEU A 66 -2.68 -2.55 11.56
CA LEU A 66 -3.84 -3.21 10.96
C LEU A 66 -3.53 -4.64 10.47
N GLU A 67 -4.57 -5.42 10.16
CA GLU A 67 -4.49 -6.79 9.72
C GLU A 67 -4.49 -6.92 8.18
N ILE A 68 -3.54 -7.69 7.69
CA ILE A 68 -3.17 -7.90 6.28
C ILE A 68 -3.14 -9.40 5.97
N VAL A 69 -3.66 -9.82 4.82
CA VAL A 69 -3.60 -11.24 4.39
C VAL A 69 -2.14 -11.68 4.12
N PRO A 70 -1.78 -12.98 4.22
CA PRO A 70 -0.39 -13.46 4.24
C PRO A 70 0.56 -13.09 3.10
N ASN A 71 0.05 -12.57 1.98
CA ASN A 71 0.80 -12.06 0.84
C ASN A 71 0.24 -10.72 0.35
N GLY A 72 -0.42 -9.97 1.24
CA GLY A 72 -1.21 -8.78 0.88
C GLY A 72 -0.42 -7.66 0.21
N ILE A 73 0.88 -7.54 0.50
CA ILE A 73 1.71 -6.36 0.15
C ILE A 73 2.40 -6.61 -1.22
N THR A 74 2.46 -5.62 -2.12
CA THR A 74 3.10 -5.69 -3.45
C THR A 74 4.02 -4.48 -3.71
N LEU A 75 5.19 -4.72 -4.31
CA LEU A 75 6.29 -3.76 -4.52
C LEU A 75 6.65 -3.67 -6.03
N PRO A 76 6.05 -2.72 -6.77
CA PRO A 76 6.17 -2.59 -8.21
C PRO A 76 7.48 -1.89 -8.65
N VAL A 77 7.43 -0.56 -8.81
CA VAL A 77 8.52 0.40 -9.11
C VAL A 77 8.09 1.80 -8.64
N ASP A 78 8.97 2.79 -8.69
CA ASP A 78 8.70 4.21 -8.47
C ASP A 78 8.06 4.91 -9.68
N PRO A 79 7.65 6.18 -9.50
CA PRO A 79 7.19 7.08 -10.57
C PRO A 79 8.15 7.30 -11.78
N GLU A 80 9.33 6.68 -11.83
CA GLU A 80 10.28 6.73 -12.95
C GLU A 80 10.69 5.31 -13.42
N GLY A 81 10.16 4.25 -12.79
CA GLY A 81 10.24 2.89 -13.27
C GLY A 81 11.60 2.19 -13.12
N LYS A 82 12.36 2.45 -12.05
CA LYS A 82 13.71 1.92 -11.83
C LYS A 82 13.88 1.28 -10.45
N ILE A 83 12.96 1.54 -9.51
CA ILE A 83 13.09 1.16 -8.10
C ILE A 83 11.81 0.60 -7.47
N THR A 84 11.04 1.42 -6.73
CA THR A 84 9.94 1.10 -5.78
C THR A 84 9.64 2.33 -4.93
N GLY A 85 8.92 3.26 -5.52
CA GLY A 85 8.39 4.53 -4.98
C GLY A 85 6.88 4.70 -5.14
N GLU A 86 6.22 3.67 -5.65
CA GLU A 86 4.86 3.28 -5.27
C GLU A 86 4.85 1.78 -4.95
N ALA A 87 3.77 1.33 -4.32
CA ALA A 87 3.55 0.00 -3.74
C ALA A 87 2.09 -0.13 -3.34
N PHE A 88 1.70 -1.30 -2.88
CA PHE A 88 0.29 -1.66 -2.72
C PHE A 88 0.11 -2.66 -1.57
N VAL A 89 -1.07 -2.74 -0.93
CA VAL A 89 -1.31 -3.69 0.20
C VAL A 89 -2.77 -4.04 0.46
N GLN A 90 -3.08 -5.34 0.51
CA GLN A 90 -4.40 -5.92 0.77
C GLN A 90 -4.55 -6.33 2.24
N PHE A 91 -5.74 -6.07 2.79
CA PHE A 91 -6.03 -6.29 4.19
C PHE A 91 -6.93 -7.51 4.38
N ALA A 92 -7.36 -7.85 5.60
CA ALA A 92 -8.41 -8.88 5.74
C ALA A 92 -9.81 -8.36 5.32
N SER A 93 -9.95 -7.05 5.09
CA SER A 93 -11.21 -6.43 4.71
C SER A 93 -10.99 -5.06 4.05
N GLN A 94 -11.97 -4.60 3.26
CA GLN A 94 -11.91 -3.30 2.59
C GLN A 94 -12.11 -2.12 3.57
N GLU A 95 -12.58 -2.44 4.79
CA GLU A 95 -12.66 -1.56 5.96
C GLU A 95 -11.31 -1.34 6.62
N LEU A 96 -10.60 -2.43 6.91
CA LEU A 96 -9.22 -2.40 7.39
C LEU A 96 -8.33 -1.65 6.40
N ALA A 97 -8.59 -1.85 5.12
CA ALA A 97 -7.91 -1.15 4.06
C ALA A 97 -8.24 0.36 4.02
N GLU A 98 -9.28 0.82 4.72
CA GLU A 98 -9.73 2.22 4.74
C GLU A 98 -9.32 2.89 6.05
N LYS A 99 -9.17 2.10 7.12
CA LYS A 99 -8.50 2.50 8.36
C LYS A 99 -7.03 2.84 8.04
N ALA A 100 -6.47 2.15 7.06
CA ALA A 100 -5.18 2.41 6.45
C ALA A 100 -5.08 3.68 5.59
N LEU A 101 -6.01 3.95 4.67
CA LEU A 101 -6.18 5.29 4.08
C LEU A 101 -6.25 6.40 5.13
N GLY A 102 -6.83 6.07 6.29
CA GLY A 102 -6.90 6.90 7.47
C GLY A 102 -5.53 7.33 8.06
N LYS A 103 -4.42 6.68 7.70
CA LYS A 103 -3.04 7.17 7.96
C LYS A 103 -2.72 8.51 7.27
N HIS A 104 -3.31 8.72 6.09
CA HIS A 104 -3.19 9.83 5.11
C HIS A 104 -1.78 10.35 4.74
N LYS A 105 -0.90 10.61 5.71
CA LYS A 105 0.44 11.18 5.57
C LYS A 105 1.39 10.55 6.61
N GLU A 106 2.03 9.47 6.19
CA GLU A 106 3.11 8.79 6.92
C GLU A 106 4.31 8.55 5.98
N ARG A 107 5.22 7.63 6.32
CA ARG A 107 6.61 7.62 5.83
C ARG A 107 7.13 6.21 5.56
N ILE A 108 8.04 6.15 4.60
CA ILE A 108 8.89 5.00 4.21
C ILE A 108 10.27 5.56 3.89
N GLY A 109 11.34 4.95 4.42
CA GLY A 109 12.72 5.46 4.41
C GLY A 109 12.79 6.91 4.89
N HIS A 110 13.57 7.76 4.21
CA HIS A 110 13.60 9.19 4.51
C HIS A 110 12.34 9.96 4.06
N ARG A 111 11.44 9.31 3.31
CA ARG A 111 10.43 9.97 2.49
C ARG A 111 9.02 9.76 2.97
N TYR A 112 8.10 10.34 2.22
CA TYR A 112 6.82 10.83 2.72
C TYR A 112 5.72 10.45 1.73
N ILE A 113 4.76 9.65 2.19
CA ILE A 113 4.06 8.66 1.37
C ILE A 113 2.54 8.91 1.40
N GLU A 114 1.95 8.83 0.22
CA GLU A 114 0.52 8.78 -0.12
C GLU A 114 -0.21 7.50 0.28
N VAL A 115 -1.56 7.53 0.29
CA VAL A 115 -2.43 6.34 0.36
C VAL A 115 -3.70 6.52 -0.47
N PHE A 116 -4.04 5.53 -1.29
CA PHE A 116 -5.21 5.52 -2.18
C PHE A 116 -5.88 4.14 -2.18
N LYS A 117 -7.21 4.11 -2.37
CA LYS A 117 -8.01 2.90 -2.46
C LYS A 117 -7.74 2.16 -3.76
N SER A 118 -7.58 0.86 -3.62
CA SER A 118 -6.98 0.00 -4.64
C SER A 118 -7.62 -1.40 -4.63
N SER A 119 -7.36 -2.22 -5.66
CA SER A 119 -7.75 -3.65 -5.68
C SER A 119 -6.84 -4.48 -6.60
N GLN A 120 -6.74 -5.80 -6.36
CA GLN A 120 -6.01 -6.94 -6.99
C GLN A 120 -5.77 -6.97 -8.53
N GLU A 121 -6.16 -5.95 -9.28
CA GLU A 121 -5.87 -5.80 -10.69
C GLU A 121 -5.29 -4.42 -11.05
N GLU A 122 -5.57 -3.38 -10.24
CA GLU A 122 -5.00 -2.03 -10.38
C GLU A 122 -3.60 -1.99 -9.75
N VAL A 123 -3.24 -3.09 -9.10
CA VAL A 123 -2.07 -3.31 -8.27
C VAL A 123 -0.97 -4.12 -8.95
N ARG A 124 -1.37 -4.90 -9.96
CA ARG A 124 -0.49 -5.69 -10.82
C ARG A 124 0.18 -4.78 -11.86
N SER A 125 1.12 -3.94 -11.42
CA SER A 125 1.94 -3.14 -12.34
C SER A 125 2.81 -4.02 -13.26
N TYR A 126 2.98 -5.30 -12.89
CA TYR A 126 3.85 -6.28 -13.52
C TYR A 126 3.29 -7.72 -13.54
N ASN A 35 -11.40 -3.33 -8.88
CA ASN A 35 -12.14 -2.42 -9.79
C ASN A 35 -12.69 -1.26 -8.97
N SER A 36 -12.31 -0.03 -9.33
CA SER A 36 -12.21 1.13 -8.43
C SER A 36 -13.43 1.37 -7.50
N ALA A 37 -13.37 1.02 -6.21
CA ALA A 37 -12.29 0.29 -5.52
C ALA A 37 -12.82 -0.56 -4.33
N ASP A 38 -14.12 -0.86 -4.27
CA ASP A 38 -14.82 -1.34 -3.07
C ASP A 38 -15.89 -2.42 -3.37
N SER A 39 -15.45 -3.67 -3.48
CA SER A 39 -16.29 -4.89 -3.55
C SER A 39 -15.42 -6.13 -3.31
N ALA A 40 -15.52 -6.80 -2.16
CA ALA A 40 -16.25 -6.46 -0.92
C ALA A 40 -15.49 -6.87 0.36
N ASN A 41 -14.40 -7.63 0.20
CA ASN A 41 -13.47 -8.06 1.24
C ASN A 41 -12.01 -7.93 0.73
N ASP A 42 -11.81 -7.05 -0.25
CA ASP A 42 -10.73 -7.07 -1.24
C ASP A 42 -10.15 -5.65 -1.40
N GLY A 43 -10.00 -4.98 -0.25
CA GLY A 43 -9.42 -3.64 -0.16
C GLY A 43 -7.91 -3.71 -0.20
N PHE A 44 -7.37 -3.16 -1.28
CA PHE A 44 -5.95 -2.97 -1.46
C PHE A 44 -5.71 -1.49 -1.28
N VAL A 45 -4.45 -1.14 -1.05
CA VAL A 45 -4.10 0.24 -0.75
C VAL A 45 -2.76 0.59 -1.33
N ARG A 46 -2.75 1.58 -2.22
CA ARG A 46 -1.59 1.97 -3.00
C ARG A 46 -0.88 3.14 -2.35
N LEU A 47 0.38 2.89 -2.05
CA LEU A 47 1.39 3.91 -1.85
C LEU A 47 1.78 4.53 -3.16
N ARG A 48 2.08 5.82 -3.11
CA ARG A 48 3.18 6.38 -3.90
C ARG A 48 3.91 7.37 -3.01
N GLY A 49 5.23 7.40 -3.10
CA GLY A 49 6.03 8.37 -2.34
C GLY A 49 7.43 7.87 -1.95
N LEU A 50 7.77 6.65 -2.35
CA LEU A 50 8.72 5.77 -1.68
C LEU A 50 10.18 6.27 -1.79
N PRO A 51 11.01 5.92 -0.80
CA PRO A 51 12.46 6.14 -0.77
C PRO A 51 13.21 5.18 -1.69
N PHE A 52 14.48 5.47 -1.92
CA PHE A 52 15.37 4.58 -2.65
C PHE A 52 15.66 3.30 -1.85
N GLY A 53 15.47 2.13 -2.48
CA GLY A 53 15.55 0.83 -1.81
C GLY A 53 14.38 0.53 -0.85
N CYS A 54 13.21 1.13 -1.08
CA CYS A 54 11.99 0.89 -0.26
C CYS A 54 11.62 -0.61 -0.13
N THR A 55 10.99 -1.06 0.97
CA THR A 55 10.68 -2.48 1.18
C THR A 55 9.37 -2.71 1.96
N LYS A 56 8.83 -3.92 1.83
CA LYS A 56 7.69 -4.45 2.58
C LYS A 56 7.69 -4.09 4.04
N GLU A 57 8.77 -4.21 4.77
CA GLU A 57 8.84 -3.97 6.22
C GLU A 57 8.61 -2.49 6.58
N GLU A 58 8.77 -1.57 5.63
CA GLU A 58 8.41 -0.18 5.81
C GLU A 58 6.91 0.00 5.58
N ILE A 59 6.31 -0.83 4.72
CA ILE A 59 4.84 -0.97 4.61
C ILE A 59 4.26 -1.68 5.85
N VAL A 60 4.91 -2.72 6.34
CA VAL A 60 4.65 -3.40 7.61
C VAL A 60 4.83 -2.50 8.85
N GLN A 61 5.45 -1.31 8.73
CA GLN A 61 5.36 -0.26 9.78
C GLN A 61 4.36 0.87 9.46
N PHE A 62 4.03 1.04 8.18
CA PHE A 62 2.94 1.91 7.73
C PHE A 62 1.60 1.43 8.28
N PHE A 63 1.36 0.13 8.13
CA PHE A 63 0.16 -0.56 8.60
C PHE A 63 0.47 -1.70 9.59
N SER A 64 1.51 -1.52 10.42
CA SER A 64 1.64 -2.22 11.71
C SER A 64 0.37 -2.11 12.57
N GLY A 65 -0.44 -1.08 12.31
CA GLY A 65 -1.74 -0.84 12.91
C GLY A 65 -2.80 -1.94 12.68
N LEU A 66 -2.74 -2.66 11.55
CA LEU A 66 -3.90 -3.33 10.95
C LEU A 66 -3.58 -4.74 10.40
N GLU A 67 -4.63 -5.56 10.20
CA GLU A 67 -4.54 -6.94 9.68
C GLU A 67 -4.45 -7.00 8.14
N ILE A 68 -3.67 -7.94 7.61
CA ILE A 68 -3.25 -8.07 6.20
C ILE A 68 -3.14 -9.58 5.89
N VAL A 69 -3.66 -10.03 4.74
CA VAL A 69 -3.46 -11.43 4.27
C VAL A 69 -1.96 -11.76 4.07
N PRO A 70 -1.50 -13.02 4.17
CA PRO A 70 -0.08 -13.34 4.35
C PRO A 70 0.86 -13.02 3.16
N ASN A 71 0.32 -12.54 2.04
CA ASN A 71 1.04 -12.05 0.86
C ASN A 71 0.47 -10.69 0.38
N GLY A 72 -0.30 -9.99 1.22
CA GLY A 72 -1.14 -8.85 0.81
C GLY A 72 -0.37 -7.67 0.23
N ILE A 73 0.88 -7.50 0.68
CA ILE A 73 1.74 -6.33 0.38
C ILE A 73 2.48 -6.60 -0.95
N THR A 74 2.45 -5.66 -1.90
CA THR A 74 3.06 -5.75 -3.23
C THR A 74 4.09 -4.62 -3.46
N LEU A 75 5.30 -4.96 -3.93
CA LEU A 75 6.42 -4.06 -4.26
C LEU A 75 6.80 -4.20 -5.74
N PRO A 76 6.21 -3.37 -6.63
CA PRO A 76 6.46 -3.42 -8.06
C PRO A 76 7.67 -2.56 -8.48
N VAL A 77 7.45 -1.26 -8.74
CA VAL A 77 8.42 -0.26 -9.22
C VAL A 77 7.92 1.17 -8.92
N ASP A 78 8.76 2.17 -9.15
CA ASP A 78 8.43 3.59 -9.20
C ASP A 78 7.76 4.03 -10.52
N PRO A 79 7.31 5.28 -10.64
CA PRO A 79 6.72 5.87 -11.85
C PRO A 79 7.57 5.82 -13.14
N GLU A 80 8.84 5.40 -13.12
CA GLU A 80 9.75 5.30 -14.25
C GLU A 80 10.13 3.84 -14.54
N GLY A 81 9.87 2.92 -13.61
CA GLY A 81 10.07 1.49 -13.80
C GLY A 81 11.49 0.99 -13.55
N LYS A 82 12.22 1.53 -12.56
CA LYS A 82 13.61 1.15 -12.26
C LYS A 82 13.79 0.71 -10.79
N ILE A 83 12.83 1.04 -9.92
CA ILE A 83 12.97 0.88 -8.47
C ILE A 83 11.72 0.38 -7.72
N THR A 84 10.97 1.27 -7.06
CA THR A 84 9.91 1.07 -6.06
C THR A 84 9.63 2.41 -5.39
N GLY A 85 8.79 3.20 -6.05
CA GLY A 85 8.23 4.52 -5.72
C GLY A 85 6.73 4.50 -5.46
N GLU A 86 6.08 3.42 -5.89
CA GLU A 86 4.78 2.95 -5.42
C GLU A 86 4.85 1.46 -5.05
N ALA A 87 3.84 1.05 -4.30
CA ALA A 87 3.62 -0.26 -3.69
C ALA A 87 2.18 -0.30 -3.23
N PHE A 88 1.75 -1.47 -2.78
CA PHE A 88 0.34 -1.74 -2.56
C PHE A 88 0.17 -2.73 -1.41
N VAL A 89 -1.04 -2.84 -0.83
CA VAL A 89 -1.33 -3.74 0.30
C VAL A 89 -2.79 -4.12 0.45
N GLN A 90 -3.08 -5.42 0.38
CA GLN A 90 -4.39 -6.04 0.63
C GLN A 90 -4.47 -6.41 2.09
N PHE A 91 -5.51 -5.95 2.75
CA PHE A 91 -5.70 -6.20 4.17
C PHE A 91 -6.37 -7.57 4.40
N ALA A 92 -6.84 -7.86 5.60
CA ALA A 92 -7.74 -9.01 5.80
C ALA A 92 -9.18 -8.72 5.34
N SER A 93 -9.51 -7.44 5.04
CA SER A 93 -10.85 -6.99 4.66
C SER A 93 -10.83 -5.63 3.96
N GLN A 94 -11.94 -5.29 3.30
CA GLN A 94 -12.21 -3.97 2.68
C GLN A 94 -12.18 -2.82 3.69
N GLU A 95 -12.59 -3.09 4.93
CA GLU A 95 -12.72 -2.14 6.05
C GLU A 95 -11.37 -1.76 6.65
N LEU A 96 -10.55 -2.77 6.91
CA LEU A 96 -9.19 -2.64 7.39
C LEU A 96 -8.36 -1.80 6.43
N ALA A 97 -8.62 -1.98 5.13
CA ALA A 97 -7.98 -1.18 4.09
C ALA A 97 -8.43 0.29 4.08
N GLU A 98 -9.57 0.58 4.70
CA GLU A 98 -10.19 1.92 4.77
C GLU A 98 -9.71 2.66 6.03
N LYS A 99 -9.46 1.90 7.11
CA LYS A 99 -8.86 2.36 8.36
C LYS A 99 -7.42 2.80 8.09
N ALA A 100 -6.77 2.08 7.19
CA ALA A 100 -5.42 2.29 6.71
C ALA A 100 -5.21 3.57 5.92
N LEU A 101 -6.11 3.94 4.99
CA LEU A 101 -6.02 5.27 4.34
C LEU A 101 -6.05 6.45 5.31
N GLY A 102 -6.55 6.21 6.52
CA GLY A 102 -6.45 7.10 7.65
C GLY A 102 -5.00 7.50 8.02
N LYS A 103 -3.99 6.72 7.61
CA LYS A 103 -2.56 7.11 7.47
C LYS A 103 -2.34 8.07 6.28
N HIS A 104 -3.20 9.07 6.11
CA HIS A 104 -3.38 9.87 4.89
C HIS A 104 -2.08 10.46 4.33
N LYS A 105 -1.20 10.94 5.22
CA LYS A 105 0.21 11.24 4.95
C LYS A 105 1.04 10.58 6.05
N GLU A 106 2.01 9.75 5.69
CA GLU A 106 2.92 9.07 6.63
C GLU A 106 4.30 8.82 5.98
N ARG A 107 5.15 7.97 6.58
CA ARG A 107 6.57 7.84 6.26
C ARG A 107 6.97 6.38 6.03
N ILE A 108 7.96 6.19 5.17
CA ILE A 108 8.71 4.96 4.87
C ILE A 108 10.18 5.35 4.71
N GLY A 109 11.07 4.79 5.54
CA GLY A 109 12.50 5.12 5.52
C GLY A 109 12.72 6.60 5.81
N HIS A 110 13.41 7.31 4.91
CA HIS A 110 13.58 8.76 5.00
C HIS A 110 12.46 9.56 4.30
N ARG A 111 11.58 8.92 3.51
CA ARG A 111 10.59 9.57 2.65
C ARG A 111 9.16 9.26 3.03
N TYR A 112 8.24 9.75 2.21
CA TYR A 112 7.15 10.59 2.67
C TYR A 112 6.00 10.43 1.68
N ILE A 113 4.89 9.88 2.16
CA ILE A 113 4.11 8.94 1.37
C ILE A 113 2.62 9.32 1.35
N GLU A 114 2.02 9.09 0.19
CA GLU A 114 0.62 9.18 -0.15
C GLU A 114 -0.13 7.86 0.08
N VAL A 115 -1.46 7.90 0.12
CA VAL A 115 -2.28 6.67 0.03
C VAL A 115 -3.52 6.85 -0.86
N PHE A 116 -3.88 5.79 -1.59
CA PHE A 116 -5.05 5.69 -2.46
C PHE A 116 -5.68 4.29 -2.36
N LYS A 117 -7.00 4.19 -2.53
CA LYS A 117 -7.71 2.93 -2.61
C LYS A 117 -7.36 2.15 -3.86
N SER A 118 -7.47 0.84 -3.77
CA SER A 118 -6.98 -0.08 -4.79
C SER A 118 -7.70 -1.44 -4.77
N SER A 119 -7.46 -2.28 -5.79
CA SER A 119 -7.81 -3.72 -5.83
C SER A 119 -6.84 -4.51 -6.74
N GLN A 120 -6.74 -5.85 -6.60
CA GLN A 120 -5.95 -6.87 -7.33
C GLN A 120 -5.83 -6.80 -8.87
N GLU A 121 -6.35 -5.79 -9.53
CA GLU A 121 -6.07 -5.49 -10.95
C GLU A 121 -5.66 -4.04 -11.24
N GLU A 122 -5.94 -3.14 -10.30
CA GLU A 122 -5.51 -1.74 -10.30
C GLU A 122 -4.07 -1.66 -9.77
N VAL A 123 -3.74 -2.65 -8.94
CA VAL A 123 -2.47 -2.86 -8.27
C VAL A 123 -1.36 -3.51 -9.10
N ARG A 124 -1.72 -4.02 -10.26
CA ARG A 124 -0.90 -4.79 -11.21
C ARG A 124 0.08 -3.92 -12.02
N SER A 125 0.85 -3.11 -11.29
CA SER A 125 2.18 -2.64 -11.72
C SER A 125 3.22 -3.78 -11.78
N TYR A 126 2.82 -5.01 -11.41
CA TYR A 126 3.49 -6.30 -11.49
C TYR A 126 2.60 -7.38 -12.14
N ASN A 35 -10.38 2.11 -9.28
CA ASN A 35 -10.90 0.89 -8.61
C ASN A 35 -12.37 1.07 -8.17
N SER A 36 -12.69 1.03 -6.87
CA SER A 36 -14.04 0.64 -6.39
C SER A 36 -14.46 1.28 -5.06
N ALA A 37 -15.78 1.31 -4.85
CA ALA A 37 -16.46 1.60 -3.58
C ALA A 37 -17.35 0.44 -3.11
N ASP A 38 -17.24 -0.71 -3.79
CA ASP A 38 -17.75 -2.01 -3.37
C ASP A 38 -17.10 -2.52 -2.07
N SER A 39 -17.68 -3.54 -1.44
CA SER A 39 -17.15 -4.18 -0.22
C SER A 39 -17.46 -5.68 -0.15
N ALA A 40 -16.42 -6.48 0.09
CA ALA A 40 -16.52 -7.90 0.47
C ALA A 40 -15.28 -8.37 1.26
N ASN A 41 -14.09 -8.16 0.68
CA ASN A 41 -12.80 -8.58 1.26
C ASN A 41 -11.59 -7.81 0.74
N ASP A 42 -11.55 -7.56 -0.56
CA ASP A 42 -10.43 -7.00 -1.32
C ASP A 42 -10.21 -5.48 -1.12
N GLY A 43 -10.09 -5.08 0.15
CA GLY A 43 -9.51 -3.81 0.56
C GLY A 43 -8.01 -3.78 0.28
N PHE A 44 -7.61 -3.18 -0.83
CA PHE A 44 -6.21 -2.97 -1.14
C PHE A 44 -5.99 -1.48 -0.96
N VAL A 45 -4.73 -1.11 -0.87
CA VAL A 45 -4.30 0.27 -0.76
C VAL A 45 -3.08 0.47 -1.65
N ARG A 46 -2.88 1.67 -2.17
CA ARG A 46 -1.69 2.06 -2.94
C ARG A 46 -0.96 3.24 -2.31
N LEU A 47 0.36 3.19 -2.41
CA LEU A 47 1.34 4.15 -1.96
C LEU A 47 2.06 4.80 -3.16
N ARG A 48 2.55 6.04 -2.98
CA ARG A 48 3.26 6.85 -3.99
C ARG A 48 4.10 7.93 -3.32
N GLY A 49 5.18 7.55 -2.66
CA GLY A 49 5.85 8.47 -1.73
C GLY A 49 7.12 7.97 -1.03
N LEU A 50 7.54 6.75 -1.33
CA LEU A 50 8.53 5.99 -0.57
C LEU A 50 9.97 6.47 -0.87
N PRO A 51 10.89 6.29 0.09
CA PRO A 51 12.30 6.68 0.06
C PRO A 51 13.19 5.68 -0.68
N PHE A 52 14.44 6.08 -0.89
CA PHE A 52 15.48 5.25 -1.48
C PHE A 52 15.78 3.98 -0.64
N GLY A 53 15.64 2.81 -1.26
CA GLY A 53 15.75 1.50 -0.62
C GLY A 53 14.49 1.00 0.09
N CYS A 54 13.31 1.61 -0.13
CA CYS A 54 12.07 1.17 0.53
C CYS A 54 11.71 -0.31 0.22
N THR A 55 11.01 -0.98 1.14
CA THR A 55 10.66 -2.39 1.02
C THR A 55 9.32 -2.70 1.69
N LYS A 56 8.77 -3.88 1.37
CA LYS A 56 7.55 -4.45 1.90
C LYS A 56 7.42 -4.26 3.40
N GLU A 57 8.44 -4.59 4.19
CA GLU A 57 8.46 -4.43 5.64
C GLU A 57 8.34 -2.97 6.14
N GLU A 58 8.52 -1.95 5.30
CA GLU A 58 8.24 -0.59 5.72
C GLU A 58 6.76 -0.28 5.52
N ILE A 59 6.11 -0.95 4.56
CA ILE A 59 4.63 -1.03 4.55
C ILE A 59 4.10 -1.90 5.69
N VAL A 60 4.77 -3.01 6.00
CA VAL A 60 4.51 -3.81 7.20
C VAL A 60 4.65 -3.01 8.52
N GLN A 61 5.33 -1.85 8.54
CA GLN A 61 5.26 -0.90 9.68
C GLN A 61 4.27 0.25 9.46
N PHE A 62 4.00 0.61 8.21
CA PHE A 62 3.03 1.63 7.81
C PHE A 62 1.61 1.23 8.23
N PHE A 63 1.27 -0.04 8.04
CA PHE A 63 0.02 -0.64 8.52
C PHE A 63 0.26 -1.83 9.46
N SER A 64 1.32 -1.79 10.27
CA SER A 64 1.40 -2.58 11.51
C SER A 64 0.22 -2.33 12.45
N GLY A 65 -0.46 -1.19 12.26
CA GLY A 65 -1.74 -0.83 12.87
C GLY A 65 -2.86 -1.87 12.68
N LEU A 66 -2.86 -2.58 11.54
CA LEU A 66 -4.02 -3.26 10.96
C LEU A 66 -3.67 -4.68 10.44
N GLU A 67 -4.67 -5.50 10.14
CA GLU A 67 -4.46 -6.87 9.62
C GLU A 67 -4.35 -6.89 8.09
N ILE A 68 -3.42 -7.70 7.58
CA ILE A 68 -3.06 -7.90 6.18
C ILE A 68 -2.94 -9.41 5.92
N VAL A 69 -3.47 -9.91 4.80
CA VAL A 69 -3.29 -11.33 4.40
C VAL A 69 -1.80 -11.65 4.14
N PRO A 70 -1.34 -12.90 4.32
CA PRO A 70 0.10 -13.25 4.40
C PRO A 70 1.05 -12.85 3.26
N ASN A 71 0.54 -12.46 2.09
CA ASN A 71 1.32 -11.94 0.96
C ASN A 71 0.75 -10.60 0.43
N GLY A 72 -0.04 -9.90 1.25
CA GLY A 72 -0.93 -8.81 0.81
C GLY A 72 -0.25 -7.62 0.12
N ILE A 73 1.02 -7.38 0.43
CA ILE A 73 1.79 -6.16 0.08
C ILE A 73 2.54 -6.39 -1.27
N THR A 74 2.57 -5.42 -2.20
CA THR A 74 3.25 -5.53 -3.52
C THR A 74 4.12 -4.30 -3.86
N LEU A 75 5.34 -4.52 -4.41
CA LEU A 75 6.41 -3.53 -4.62
C LEU A 75 6.89 -3.50 -6.08
N PRO A 76 6.30 -2.66 -6.94
CA PRO A 76 6.67 -2.63 -8.35
C PRO A 76 7.97 -1.85 -8.64
N VAL A 77 7.97 -0.54 -8.37
CA VAL A 77 9.04 0.47 -8.58
C VAL A 77 8.60 1.77 -7.90
N ASP A 78 9.40 2.83 -7.95
CA ASP A 78 8.95 4.20 -7.79
C ASP A 78 8.19 4.76 -9.01
N PRO A 79 7.58 5.95 -8.87
CA PRO A 79 6.94 6.69 -9.96
C PRO A 79 7.82 7.05 -11.19
N GLU A 80 9.12 6.70 -11.21
CA GLU A 80 10.07 7.01 -12.28
C GLU A 80 10.85 5.76 -12.74
N GLY A 81 10.56 4.59 -12.15
CA GLY A 81 10.95 3.29 -12.68
C GLY A 81 12.42 2.88 -12.46
N LYS A 82 13.00 3.17 -11.30
CA LYS A 82 14.42 2.92 -10.97
C LYS A 82 14.55 2.04 -9.72
N ILE A 83 13.54 2.07 -8.85
CA ILE A 83 13.66 1.72 -7.43
C ILE A 83 12.36 1.11 -6.84
N THR A 84 11.66 1.79 -5.94
CA THR A 84 10.57 1.35 -5.04
C THR A 84 10.08 2.54 -4.22
N GLY A 85 9.27 3.39 -4.85
CA GLY A 85 8.62 4.58 -4.31
C GLY A 85 7.12 4.67 -4.59
N GLU A 86 6.56 3.60 -5.13
CA GLU A 86 5.14 3.26 -5.04
C GLU A 86 4.99 1.75 -4.75
N ALA A 87 3.82 1.38 -4.25
CA ALA A 87 3.53 0.06 -3.69
C ALA A 87 2.04 -0.08 -3.42
N PHE A 88 1.65 -1.27 -2.98
CA PHE A 88 0.27 -1.68 -2.83
C PHE A 88 0.13 -2.66 -1.65
N VAL A 89 -1.07 -2.85 -1.09
CA VAL A 89 -1.30 -3.73 0.08
C VAL A 89 -2.76 -4.11 0.33
N GLN A 90 -3.04 -5.42 0.39
CA GLN A 90 -4.33 -6.03 0.72
C GLN A 90 -4.43 -6.36 2.20
N PHE A 91 -5.53 -5.98 2.82
CA PHE A 91 -5.75 -6.18 4.25
C PHE A 91 -6.47 -7.51 4.51
N ALA A 92 -6.89 -7.80 5.74
CA ALA A 92 -7.80 -8.92 6.00
C ALA A 92 -9.25 -8.61 5.59
N SER A 93 -9.58 -7.34 5.32
CA SER A 93 -10.94 -6.89 4.97
C SER A 93 -10.96 -5.55 4.22
N GLN A 94 -12.08 -5.24 3.56
CA GLN A 94 -12.33 -3.92 2.92
C GLN A 94 -12.26 -2.75 3.92
N GLU A 95 -12.69 -3.00 5.16
CA GLU A 95 -12.79 -2.05 6.28
C GLU A 95 -11.44 -1.66 6.84
N LEU A 96 -10.59 -2.66 7.06
CA LEU A 96 -9.23 -2.50 7.51
C LEU A 96 -8.42 -1.68 6.51
N ALA A 97 -8.72 -1.85 5.23
CA ALA A 97 -8.07 -1.04 4.19
C ALA A 97 -8.64 0.40 4.15
N GLU A 98 -9.80 0.63 4.74
CA GLU A 98 -10.48 1.95 4.76
C GLU A 98 -9.94 2.77 5.94
N LYS A 99 -9.60 2.08 7.03
CA LYS A 99 -8.89 2.61 8.19
C LYS A 99 -7.47 3.02 7.79
N ALA A 100 -6.86 2.26 6.89
CA ALA A 100 -5.51 2.45 6.34
C ALA A 100 -5.29 3.77 5.58
N LEU A 101 -6.21 4.13 4.67
CA LEU A 101 -6.26 5.48 4.06
C LEU A 101 -6.19 6.63 5.07
N GLY A 102 -6.65 6.37 6.29
CA GLY A 102 -6.58 7.28 7.42
C GLY A 102 -5.16 7.63 7.90
N LYS A 103 -4.11 6.90 7.46
CA LYS A 103 -2.68 7.25 7.64
C LYS A 103 -2.25 8.53 6.91
N HIS A 104 -2.98 8.92 5.86
CA HIS A 104 -2.91 10.11 4.99
C HIS A 104 -1.53 10.64 4.52
N LYS A 105 -0.58 10.92 5.43
CA LYS A 105 0.74 11.53 5.18
C LYS A 105 1.83 10.98 6.13
N GLU A 106 1.60 9.81 6.73
CA GLU A 106 2.59 9.10 7.58
C GLU A 106 3.88 8.68 6.85
N ARG A 107 4.80 8.03 7.58
CA ARG A 107 6.21 7.88 7.19
C ARG A 107 6.72 6.44 7.01
N ILE A 108 7.77 6.36 6.19
CA ILE A 108 8.63 5.22 5.90
C ILE A 108 10.07 5.78 5.82
N GLY A 109 11.04 5.16 6.50
CA GLY A 109 12.42 5.68 6.65
C GLY A 109 12.47 7.07 7.30
N HIS A 110 12.33 8.12 6.48
CA HIS A 110 12.14 9.53 6.89
C HIS A 110 11.25 10.30 5.88
N ARG A 111 10.55 9.60 4.98
CA ARG A 111 9.73 10.14 3.88
C ARG A 111 8.31 9.62 3.96
N TYR A 112 7.46 10.06 3.04
CA TYR A 112 6.33 10.90 3.39
C TYR A 112 5.19 10.65 2.43
N ILE A 113 4.34 9.71 2.81
CA ILE A 113 3.75 8.77 1.88
C ILE A 113 2.31 9.16 1.54
N GLU A 114 1.96 9.02 0.26
CA GLU A 114 0.60 9.03 -0.29
C GLU A 114 -0.19 7.77 0.08
N VAL A 115 -1.53 7.86 0.18
CA VAL A 115 -2.41 6.69 0.29
C VAL A 115 -3.69 6.86 -0.54
N PHE A 116 -4.09 5.80 -1.25
CA PHE A 116 -5.28 5.73 -2.11
C PHE A 116 -5.90 4.33 -2.00
N LYS A 117 -7.22 4.22 -2.17
CA LYS A 117 -7.92 2.95 -2.29
C LYS A 117 -7.42 2.18 -3.51
N SER A 118 -7.52 0.87 -3.42
CA SER A 118 -6.99 -0.04 -4.45
C SER A 118 -7.76 -1.36 -4.53
N SER A 119 -7.47 -2.17 -5.54
CA SER A 119 -7.96 -3.55 -5.71
C SER A 119 -6.99 -4.40 -6.54
N GLN A 120 -7.05 -5.73 -6.35
CA GLN A 120 -6.35 -6.88 -6.97
C GLN A 120 -5.97 -6.85 -8.48
N GLU A 121 -6.32 -5.80 -9.21
CA GLU A 121 -5.99 -5.64 -10.62
C GLU A 121 -5.10 -4.41 -10.89
N GLU A 122 -5.16 -3.35 -10.07
CA GLU A 122 -4.29 -2.17 -10.27
C GLU A 122 -2.93 -2.41 -9.61
N VAL A 123 -2.94 -3.37 -8.68
CA VAL A 123 -1.95 -3.66 -7.66
C VAL A 123 -0.86 -4.60 -8.16
N ARG A 124 -1.20 -5.52 -9.08
CA ARG A 124 -0.25 -6.48 -9.69
C ARG A 124 0.47 -5.87 -10.89
N SER A 125 0.83 -4.59 -10.81
CA SER A 125 1.64 -3.83 -11.78
C SER A 125 3.13 -4.30 -11.82
N TYR A 126 3.37 -5.58 -11.54
CA TYR A 126 4.64 -6.18 -11.13
C TYR A 126 4.67 -7.70 -11.43
N ASN A 35 -11.87 6.29 0.52
CA ASN A 35 -13.30 6.24 0.93
C ASN A 35 -14.20 6.03 -0.28
N SER A 36 -14.57 4.76 -0.52
CA SER A 36 -15.36 4.33 -1.70
C SER A 36 -16.40 3.19 -1.53
N ALA A 37 -16.47 2.33 -0.50
CA ALA A 37 -15.60 2.15 0.67
C ALA A 37 -15.53 0.69 1.17
N ASP A 38 -16.61 -0.10 1.04
CA ASP A 38 -16.66 -1.53 1.40
C ASP A 38 -17.79 -2.29 0.65
N SER A 39 -17.56 -3.60 0.43
CA SER A 39 -18.50 -4.62 -0.07
C SER A 39 -18.03 -6.05 0.25
N ALA A 40 -16.97 -6.21 1.08
CA ALA A 40 -16.06 -7.36 1.18
C ALA A 40 -15.39 -7.80 -0.15
N ASN A 41 -14.11 -8.22 -0.16
CA ASN A 41 -13.08 -8.18 0.89
C ASN A 41 -11.75 -7.60 0.39
N ASP A 42 -11.73 -7.16 -0.87
CA ASP A 42 -10.53 -6.98 -1.68
C ASP A 42 -9.99 -5.55 -1.55
N GLY A 43 -9.83 -5.14 -0.29
CA GLY A 43 -9.24 -3.90 0.16
C GLY A 43 -7.74 -3.87 -0.06
N PHE A 44 -7.30 -3.34 -1.20
CA PHE A 44 -5.91 -3.06 -1.43
C PHE A 44 -5.73 -1.57 -1.18
N VAL A 45 -4.49 -1.18 -1.07
CA VAL A 45 -4.14 0.21 -0.84
C VAL A 45 -2.84 0.55 -1.53
N ARG A 46 -2.82 1.60 -2.33
CA ARG A 46 -1.64 2.02 -3.10
C ARG A 46 -0.97 3.23 -2.47
N LEU A 47 0.35 3.16 -2.48
CA LEU A 47 1.29 4.16 -2.02
C LEU A 47 1.98 4.79 -3.22
N ARG A 48 2.46 6.04 -3.10
CA ARG A 48 3.28 6.72 -4.13
C ARG A 48 4.12 7.79 -3.48
N GLY A 49 5.25 7.40 -2.89
CA GLY A 49 5.99 8.33 -2.04
C GLY A 49 7.33 7.84 -1.49
N LEU A 50 7.67 6.58 -1.74
CA LEU A 50 8.69 5.83 -1.02
C LEU A 50 10.11 6.22 -1.49
N PRO A 51 11.10 6.15 -0.59
CA PRO A 51 12.51 6.46 -0.80
C PRO A 51 13.28 5.33 -1.48
N PHE A 52 14.50 5.67 -1.86
CA PHE A 52 15.56 4.76 -2.24
C PHE A 52 15.80 3.69 -1.17
N GLY A 53 15.60 2.41 -1.51
CA GLY A 53 15.73 1.29 -0.57
C GLY A 53 14.44 0.90 0.18
N CYS A 54 13.27 1.44 -0.15
CA CYS A 54 11.99 1.00 0.41
C CYS A 54 11.78 -0.53 0.21
N THR A 55 11.05 -1.15 1.14
CA THR A 55 10.68 -2.57 1.10
C THR A 55 9.31 -2.80 1.74
N LYS A 56 8.74 -3.97 1.46
CA LYS A 56 7.52 -4.50 2.02
C LYS A 56 7.41 -4.30 3.52
N GLU A 57 8.46 -4.53 4.29
CA GLU A 57 8.48 -4.35 5.74
C GLU A 57 8.41 -2.89 6.20
N GLU A 58 8.68 -1.88 5.36
CA GLU A 58 8.32 -0.52 5.72
C GLU A 58 6.81 -0.29 5.50
N ILE A 59 6.21 -1.02 4.57
CA ILE A 59 4.74 -1.10 4.46
C ILE A 59 4.16 -1.88 5.64
N VAL A 60 4.86 -2.93 6.10
CA VAL A 60 4.57 -3.64 7.34
C VAL A 60 4.72 -2.77 8.61
N GLN A 61 5.40 -1.60 8.55
CA GLN A 61 5.30 -0.59 9.64
C GLN A 61 4.29 0.53 9.37
N PHE A 62 4.00 0.78 8.10
CA PHE A 62 2.96 1.70 7.64
C PHE A 62 1.58 1.26 8.12
N PHE A 63 1.30 -0.03 7.97
CA PHE A 63 0.08 -0.67 8.45
C PHE A 63 0.37 -1.80 9.44
N SER A 64 1.41 -1.63 10.27
CA SER A 64 1.53 -2.31 11.58
C SER A 64 0.26 -2.15 12.44
N GLY A 65 -0.51 -1.09 12.17
CA GLY A 65 -1.80 -0.80 12.76
C GLY A 65 -2.88 -1.88 12.56
N LEU A 66 -2.85 -2.59 11.42
CA LEU A 66 -4.02 -3.27 10.84
C LEU A 66 -3.68 -4.66 10.26
N GLU A 67 -4.70 -5.50 10.08
CA GLU A 67 -4.58 -6.88 9.61
C GLU A 67 -4.57 -6.97 8.07
N ILE A 68 -3.66 -7.80 7.56
CA ILE A 68 -3.26 -8.01 6.16
C ILE A 68 -3.15 -9.53 5.92
N VAL A 69 -3.64 -10.02 4.77
CA VAL A 69 -3.42 -11.43 4.36
C VAL A 69 -1.92 -11.72 4.16
N PRO A 70 -1.41 -12.95 4.34
CA PRO A 70 0.00 -13.21 4.62
C PRO A 70 1.10 -12.64 3.72
N ASN A 71 0.82 -12.32 2.45
CA ASN A 71 1.70 -11.53 1.58
C ASN A 71 0.87 -10.52 0.76
N GLY A 72 -0.13 -9.94 1.42
CA GLY A 72 -1.02 -8.89 0.87
C GLY A 72 -0.31 -7.72 0.21
N ILE A 73 0.94 -7.45 0.61
CA ILE A 73 1.74 -6.27 0.24
C ILE A 73 2.48 -6.54 -1.10
N THR A 74 2.46 -5.61 -2.06
CA THR A 74 3.09 -5.73 -3.40
C THR A 74 3.98 -4.52 -3.75
N LEU A 75 5.16 -4.78 -4.31
CA LEU A 75 6.27 -3.84 -4.53
C LEU A 75 6.70 -3.79 -6.01
N PRO A 76 6.12 -2.88 -6.82
CA PRO A 76 6.38 -2.78 -8.24
C PRO A 76 7.70 -2.03 -8.58
N VAL A 77 7.66 -0.69 -8.56
CA VAL A 77 8.74 0.29 -8.87
C VAL A 77 8.34 1.68 -8.38
N ASP A 78 9.28 2.63 -8.36
CA ASP A 78 9.04 4.04 -8.10
C ASP A 78 8.55 4.84 -9.33
N PRO A 79 8.15 6.11 -9.12
CA PRO A 79 7.80 7.06 -10.18
C PRO A 79 8.87 7.33 -11.28
N GLU A 80 10.06 6.71 -11.23
CA GLU A 80 11.14 6.84 -12.23
C GLU A 80 11.63 5.46 -12.72
N GLY A 81 11.05 4.36 -12.22
CA GLY A 81 11.23 3.01 -12.74
C GLY A 81 12.62 2.39 -12.50
N LYS A 82 13.22 2.60 -11.32
CA LYS A 82 14.56 2.11 -10.94
C LYS A 82 14.53 1.35 -9.60
N ILE A 83 13.46 1.52 -8.80
CA ILE A 83 13.39 1.01 -7.44
C ILE A 83 12.01 0.46 -7.02
N THR A 84 11.24 1.21 -6.23
CA THR A 84 10.06 0.84 -5.42
C THR A 84 9.66 2.04 -4.55
N GLY A 85 9.06 3.03 -5.20
CA GLY A 85 8.52 4.28 -4.66
C GLY A 85 7.04 4.51 -4.96
N GLU A 86 6.39 3.55 -5.60
CA GLU A 86 5.02 3.18 -5.31
C GLU A 86 4.94 1.68 -4.99
N ALA A 87 3.84 1.28 -4.36
CA ALA A 87 3.58 -0.03 -3.78
C ALA A 87 2.11 -0.15 -3.39
N PHE A 88 1.75 -1.34 -2.91
CA PHE A 88 0.37 -1.75 -2.75
C PHE A 88 0.22 -2.71 -1.55
N VAL A 89 -1.00 -2.88 -1.02
CA VAL A 89 -1.24 -3.78 0.15
C VAL A 89 -2.71 -4.16 0.34
N GLN A 90 -3.00 -5.47 0.34
CA GLN A 90 -4.30 -6.08 0.64
C GLN A 90 -4.40 -6.39 2.12
N PHE A 91 -5.53 -6.02 2.72
CA PHE A 91 -5.77 -6.23 4.14
C PHE A 91 -6.43 -7.60 4.35
N ALA A 92 -7.12 -7.85 5.46
CA ALA A 92 -8.15 -8.90 5.48
C ALA A 92 -9.51 -8.43 4.92
N SER A 93 -9.68 -7.13 4.65
CA SER A 93 -10.94 -6.55 4.16
C SER A 93 -10.81 -5.15 3.53
N GLN A 94 -11.78 -4.75 2.69
CA GLN A 94 -11.99 -3.36 2.22
C GLN A 94 -12.15 -2.35 3.36
N GLU A 95 -12.71 -2.77 4.50
CA GLU A 95 -12.94 -1.95 5.69
C GLU A 95 -11.62 -1.60 6.38
N LEU A 96 -10.83 -2.63 6.67
CA LEU A 96 -9.48 -2.53 7.20
C LEU A 96 -8.59 -1.71 6.29
N ALA A 97 -8.78 -1.86 4.98
CA ALA A 97 -8.03 -1.06 4.02
C ALA A 97 -8.49 0.41 3.98
N GLU A 98 -9.66 0.72 4.53
CA GLU A 98 -10.27 2.06 4.55
C GLU A 98 -9.87 2.81 5.82
N LYS A 99 -9.67 2.05 6.91
CA LYS A 99 -9.05 2.49 8.16
C LYS A 99 -7.61 2.92 7.90
N ALA A 100 -6.96 2.14 7.04
CA ALA A 100 -5.58 2.30 6.62
C ALA A 100 -5.29 3.64 5.93
N LEU A 101 -6.12 4.08 4.98
CA LEU A 101 -5.98 5.44 4.41
C LEU A 101 -6.02 6.56 5.46
N GLY A 102 -6.56 6.28 6.64
CA GLY A 102 -6.53 7.16 7.79
C GLY A 102 -5.11 7.47 8.33
N LYS A 103 -4.07 6.72 7.93
CA LYS A 103 -2.64 7.11 8.08
C LYS A 103 -2.27 8.38 7.27
N HIS A 104 -3.00 8.61 6.18
CA HIS A 104 -3.05 9.73 5.23
C HIS A 104 -1.74 10.28 4.60
N LYS A 105 -0.65 10.44 5.36
CA LYS A 105 0.65 10.97 4.89
C LYS A 105 1.83 10.46 5.73
N GLU A 106 1.74 9.20 6.17
CA GLU A 106 2.78 8.53 6.97
C GLU A 106 4.12 8.30 6.22
N ARG A 107 5.06 7.59 6.84
CA ARG A 107 6.48 7.56 6.49
C ARG A 107 6.99 6.15 6.16
N ILE A 108 7.97 6.07 5.27
CA ILE A 108 8.75 4.89 4.83
C ILE A 108 10.21 5.36 4.73
N GLY A 109 11.16 4.63 5.30
CA GLY A 109 12.60 4.98 5.31
C GLY A 109 12.85 6.38 5.88
N HIS A 110 13.05 7.36 5.00
CA HIS A 110 13.19 8.79 5.34
C HIS A 110 12.10 9.68 4.70
N ARG A 111 11.23 9.11 3.85
CA ARG A 111 10.27 9.83 3.00
C ARG A 111 8.83 9.49 3.33
N TYR A 112 7.91 9.97 2.51
CA TYR A 112 6.71 10.64 3.01
C TYR A 112 5.55 10.45 2.02
N ILE A 113 4.55 9.66 2.43
CA ILE A 113 3.91 8.72 1.51
C ILE A 113 2.40 8.93 1.43
N GLU A 114 1.96 9.05 0.19
CA GLU A 114 0.59 9.08 -0.27
C GLU A 114 -0.21 7.81 0.02
N VAL A 115 -1.54 7.88 0.02
CA VAL A 115 -2.43 6.69 0.06
C VAL A 115 -3.64 6.84 -0.85
N PHE A 116 -4.04 5.74 -1.52
CA PHE A 116 -5.22 5.64 -2.38
C PHE A 116 -5.86 4.25 -2.25
N LYS A 117 -7.20 4.17 -2.29
CA LYS A 117 -7.91 2.91 -2.29
C LYS A 117 -7.66 2.15 -3.58
N SER A 118 -7.63 0.83 -3.45
CA SER A 118 -7.16 -0.08 -4.51
C SER A 118 -7.86 -1.44 -4.42
N SER A 119 -7.70 -2.26 -5.47
CA SER A 119 -7.98 -3.71 -5.47
C SER A 119 -7.01 -4.46 -6.40
N GLN A 120 -6.93 -5.80 -6.29
CA GLN A 120 -6.16 -6.84 -7.03
C GLN A 120 -5.91 -6.68 -8.55
N GLU A 121 -6.36 -5.61 -9.18
CA GLU A 121 -6.16 -5.27 -10.59
C GLU A 121 -5.38 -3.96 -10.79
N GLU A 122 -5.48 -2.99 -9.87
CA GLU A 122 -4.70 -1.74 -9.93
C GLU A 122 -3.23 -2.03 -9.59
N VAL A 123 -3.02 -3.14 -8.90
CA VAL A 123 -1.92 -3.44 -7.99
C VAL A 123 -0.85 -4.35 -8.57
N ARG A 124 -1.20 -5.08 -9.64
CA ARG A 124 -0.33 -5.99 -10.38
C ARG A 124 0.40 -5.30 -11.55
N SER A 125 0.44 -3.97 -11.53
CA SER A 125 0.87 -3.05 -12.61
C SER A 125 2.39 -2.97 -12.83
N TYR A 126 3.06 -4.14 -12.84
CA TYR A 126 4.49 -4.32 -13.05
C TYR A 126 4.84 -5.26 -14.23
N ASN A 35 -18.74 0.38 -4.14
CA ASN A 35 -18.36 -0.33 -5.40
C ASN A 35 -18.04 0.66 -6.52
N SER A 36 -16.88 1.32 -6.44
CA SER A 36 -16.31 2.24 -7.45
C SER A 36 -14.77 2.40 -7.33
N ALA A 37 -14.20 2.08 -6.16
CA ALA A 37 -12.76 1.93 -5.90
C ALA A 37 -12.51 0.64 -5.07
N ASP A 38 -13.45 -0.29 -5.15
CA ASP A 38 -13.73 -1.36 -4.19
C ASP A 38 -14.77 -2.34 -4.76
N SER A 39 -14.89 -3.54 -4.17
CA SER A 39 -15.90 -4.55 -4.57
C SER A 39 -16.54 -5.32 -3.41
N ALA A 40 -15.74 -5.87 -2.49
CA ALA A 40 -16.25 -6.53 -1.28
C ALA A 40 -15.23 -6.63 -0.13
N ASN A 41 -14.08 -7.26 -0.38
CA ASN A 41 -13.04 -7.56 0.62
C ASN A 41 -11.59 -7.36 0.13
N ASP A 42 -11.46 -7.14 -1.17
CA ASP A 42 -10.26 -6.85 -1.98
C ASP A 42 -9.67 -5.44 -1.74
N GLY A 43 -9.72 -5.01 -0.48
CA GLY A 43 -9.10 -3.80 0.04
C GLY A 43 -7.59 -3.75 -0.15
N PHE A 44 -7.13 -3.33 -1.32
CA PHE A 44 -5.77 -3.01 -1.58
C PHE A 44 -5.63 -1.52 -1.31
N VAL A 45 -4.40 -1.10 -1.10
CA VAL A 45 -4.14 0.28 -0.79
C VAL A 45 -2.85 0.73 -1.41
N ARG A 46 -2.93 1.64 -2.39
CA ARG A 46 -1.77 2.09 -3.16
C ARG A 46 -1.09 3.27 -2.50
N LEU A 47 0.22 3.14 -2.39
CA LEU A 47 1.20 4.12 -1.95
C LEU A 47 1.86 4.77 -3.17
N ARG A 48 2.34 6.01 -3.02
CA ARG A 48 3.07 6.76 -4.05
C ARG A 48 3.91 7.85 -3.40
N GLY A 49 4.97 7.45 -2.71
CA GLY A 49 5.61 8.37 -1.76
C GLY A 49 6.86 7.88 -1.04
N LEU A 50 7.35 6.67 -1.34
CA LEU A 50 8.29 5.96 -0.49
C LEU A 50 9.75 6.48 -0.66
N PRO A 51 10.58 6.33 0.37
CA PRO A 51 11.99 6.73 0.41
C PRO A 51 12.91 5.75 -0.30
N PHE A 52 14.19 6.15 -0.38
CA PHE A 52 15.21 5.38 -1.07
C PHE A 52 15.51 4.04 -0.37
N GLY A 53 15.55 2.95 -1.15
CA GLY A 53 15.63 1.59 -0.65
C GLY A 53 14.38 1.05 0.07
N CYS A 54 13.20 1.70 -0.04
CA CYS A 54 11.98 1.28 0.67
C CYS A 54 11.56 -0.19 0.36
N THR A 55 10.94 -0.87 1.32
CA THR A 55 10.58 -2.27 1.28
C THR A 55 9.16 -2.51 1.76
N LYS A 56 8.64 -3.70 1.45
CA LYS A 56 7.45 -4.29 2.01
C LYS A 56 7.43 -4.24 3.53
N GLU A 57 8.52 -4.51 4.24
CA GLU A 57 8.55 -4.46 5.71
C GLU A 57 8.44 -3.04 6.29
N GLU A 58 8.70 -1.97 5.52
CA GLU A 58 8.35 -0.63 5.99
C GLU A 58 6.85 -0.42 5.85
N ILE A 59 6.21 -1.03 4.86
CA ILE A 59 4.74 -1.12 4.76
C ILE A 59 4.17 -2.00 5.88
N VAL A 60 4.85 -3.11 6.22
CA VAL A 60 4.54 -3.95 7.36
C VAL A 60 4.69 -3.20 8.71
N GLN A 61 5.38 -2.05 8.76
CA GLN A 61 5.31 -1.14 9.92
C GLN A 61 4.30 0.00 9.72
N PHE A 62 4.13 0.44 8.47
CA PHE A 62 3.21 1.50 8.05
C PHE A 62 1.76 1.14 8.41
N PHE A 63 1.40 -0.14 8.19
CA PHE A 63 0.15 -0.74 8.64
C PHE A 63 0.36 -1.94 9.59
N SER A 64 1.40 -1.91 10.42
CA SER A 64 1.43 -2.71 11.66
C SER A 64 0.20 -2.49 12.56
N GLY A 65 -0.48 -1.35 12.36
CA GLY A 65 -1.78 -1.02 12.92
C GLY A 65 -2.88 -2.07 12.70
N LEU A 66 -2.83 -2.78 11.57
CA LEU A 66 -3.98 -3.45 10.96
C LEU A 66 -3.64 -4.85 10.41
N GLU A 67 -4.67 -5.64 10.09
CA GLU A 67 -4.57 -7.01 9.60
C GLU A 67 -4.52 -7.05 8.05
N ILE A 68 -3.64 -7.89 7.53
CA ILE A 68 -3.23 -8.02 6.11
C ILE A 68 -3.13 -9.52 5.81
N VAL A 69 -3.61 -9.97 4.65
CA VAL A 69 -3.40 -11.39 4.20
C VAL A 69 -1.89 -11.70 4.06
N PRO A 70 -1.45 -12.97 4.19
CA PRO A 70 -0.05 -13.30 4.50
C PRO A 70 1.09 -12.76 3.64
N ASN A 71 0.85 -12.34 2.39
CA ASN A 71 1.79 -11.56 1.57
C ASN A 71 1.03 -10.48 0.78
N GLY A 72 0.06 -9.85 1.45
CA GLY A 72 -0.83 -8.82 0.90
C GLY A 72 -0.15 -7.61 0.23
N ILE A 73 1.14 -7.40 0.46
CA ILE A 73 1.87 -6.15 0.18
C ILE A 73 2.72 -6.32 -1.11
N THR A 74 2.52 -5.46 -2.13
CA THR A 74 3.15 -5.50 -3.49
C THR A 74 4.04 -4.28 -3.75
N LEU A 75 5.28 -4.49 -4.23
CA LEU A 75 6.35 -3.49 -4.38
C LEU A 75 6.87 -3.43 -5.83
N PRO A 76 6.14 -2.74 -6.73
CA PRO A 76 6.45 -2.81 -8.15
C PRO A 76 7.74 -2.07 -8.54
N VAL A 77 7.78 -0.76 -8.26
CA VAL A 77 8.85 0.25 -8.49
C VAL A 77 8.36 1.58 -7.93
N ASP A 78 9.19 2.61 -7.91
CA ASP A 78 8.78 4.00 -7.80
C ASP A 78 8.08 4.52 -9.07
N PRO A 79 7.47 5.71 -8.97
CA PRO A 79 6.91 6.46 -10.11
C PRO A 79 7.86 6.79 -11.30
N GLU A 80 9.14 6.36 -11.28
CA GLU A 80 10.12 6.56 -12.36
C GLU A 80 10.79 5.23 -12.79
N GLY A 81 10.47 4.12 -12.12
CA GLY A 81 10.81 2.78 -12.60
C GLY A 81 12.25 2.32 -12.35
N LYS A 82 12.88 2.67 -11.21
CA LYS A 82 14.27 2.35 -10.88
C LYS A 82 14.44 1.76 -9.47
N ILE A 83 13.40 1.90 -8.62
CA ILE A 83 13.46 1.58 -7.19
C ILE A 83 12.15 0.98 -6.66
N THR A 84 11.43 1.67 -5.75
CA THR A 84 10.30 1.20 -4.91
C THR A 84 9.78 2.41 -4.12
N GLY A 85 9.06 3.29 -4.81
CA GLY A 85 8.40 4.49 -4.31
C GLY A 85 6.91 4.57 -4.61
N GLU A 86 6.36 3.52 -5.21
CA GLU A 86 4.96 3.13 -5.04
C GLU A 86 4.86 1.64 -4.74
N ALA A 87 3.68 1.25 -4.24
CA ALA A 87 3.37 -0.06 -3.67
C ALA A 87 1.89 -0.16 -3.40
N PHE A 88 1.41 -1.37 -3.10
CA PHE A 88 0.03 -1.63 -2.85
C PHE A 88 -0.11 -2.64 -1.69
N VAL A 89 -1.20 -2.64 -0.92
CA VAL A 89 -1.37 -3.59 0.20
C VAL A 89 -2.79 -4.04 0.45
N GLN A 90 -3.00 -5.36 0.41
CA GLN A 90 -4.27 -6.05 0.65
C GLN A 90 -4.41 -6.41 2.11
N PHE A 91 -5.48 -5.94 2.71
CA PHE A 91 -5.75 -6.19 4.11
C PHE A 91 -6.43 -7.56 4.29
N ALA A 92 -7.01 -7.85 5.44
CA ALA A 92 -7.98 -8.93 5.55
C ALA A 92 -9.37 -8.54 5.03
N SER A 93 -9.61 -7.23 4.79
CA SER A 93 -10.89 -6.71 4.33
C SER A 93 -10.78 -5.30 3.71
N GLN A 94 -11.80 -4.91 2.95
CA GLN A 94 -11.91 -3.57 2.33
C GLN A 94 -12.26 -2.44 3.31
N GLU A 95 -12.59 -2.80 4.54
CA GLU A 95 -12.82 -1.92 5.70
C GLU A 95 -11.51 -1.55 6.39
N LEU A 96 -10.73 -2.56 6.76
CA LEU A 96 -9.38 -2.45 7.29
C LEU A 96 -8.48 -1.66 6.34
N ALA A 97 -8.69 -1.87 5.05
CA ALA A 97 -7.98 -1.13 4.02
C ALA A 97 -8.39 0.36 3.96
N GLU A 98 -9.51 0.75 4.57
CA GLU A 98 -10.05 2.11 4.57
C GLU A 98 -9.66 2.86 5.85
N LYS A 99 -9.41 2.09 6.92
CA LYS A 99 -8.76 2.55 8.15
C LYS A 99 -7.32 2.98 7.85
N ALA A 100 -6.68 2.18 7.00
CA ALA A 100 -5.34 2.37 6.47
C ALA A 100 -5.12 3.66 5.65
N LEU A 101 -6.03 4.00 4.72
CA LEU A 101 -6.08 5.34 4.10
C LEU A 101 -6.03 6.51 5.08
N GLY A 102 -6.38 6.27 6.34
CA GLY A 102 -6.36 7.27 7.39
C GLY A 102 -4.94 7.73 7.79
N LYS A 103 -3.89 7.05 7.30
CA LYS A 103 -2.48 7.52 7.30
C LYS A 103 -2.27 8.82 6.53
N HIS A 104 -3.04 9.02 5.46
CA HIS A 104 -3.11 10.15 4.51
C HIS A 104 -1.80 10.75 3.94
N LYS A 105 -0.87 11.22 4.80
CA LYS A 105 0.43 11.81 4.45
C LYS A 105 1.54 11.53 5.48
N GLU A 106 1.41 10.46 6.26
CA GLU A 106 2.45 9.92 7.16
C GLU A 106 3.74 9.49 6.43
N ARG A 107 4.75 8.99 7.17
CA ARG A 107 6.09 8.64 6.65
C ARG A 107 6.44 7.19 6.94
N ILE A 108 7.24 6.60 6.06
CA ILE A 108 7.78 5.23 6.20
C ILE A 108 9.15 5.20 6.89
N GLY A 109 9.83 6.35 6.96
CA GLY A 109 11.16 6.52 7.58
C GLY A 109 11.67 7.96 7.48
N HIS A 110 11.48 8.59 6.31
CA HIS A 110 11.72 10.02 6.06
C HIS A 110 10.80 10.61 4.99
N ARG A 111 10.55 9.88 3.89
CA ARG A 111 9.60 10.29 2.84
C ARG A 111 8.17 9.86 3.17
N TYR A 112 7.28 10.31 2.30
CA TYR A 112 6.10 11.05 2.68
C TYR A 112 4.93 10.56 1.85
N ILE A 113 4.17 9.67 2.46
CA ILE A 113 3.46 8.61 1.78
C ILE A 113 2.00 8.99 1.57
N GLU A 114 1.65 9.04 0.31
CA GLU A 114 0.29 9.01 -0.20
C GLU A 114 -0.41 7.68 0.08
N VAL A 115 -1.74 7.71 0.17
CA VAL A 115 -2.57 6.49 0.23
C VAL A 115 -3.86 6.68 -0.58
N PHE A 116 -4.17 5.68 -1.40
CA PHE A 116 -5.34 5.63 -2.28
C PHE A 116 -5.99 4.25 -2.20
N LYS A 117 -7.32 4.18 -2.28
CA LYS A 117 -8.06 2.94 -2.31
C LYS A 117 -7.81 2.21 -3.61
N SER A 118 -7.71 0.91 -3.51
CA SER A 118 -7.23 0.06 -4.58
C SER A 118 -7.88 -1.33 -4.49
N SER A 119 -7.78 -2.07 -5.58
CA SER A 119 -8.13 -3.49 -5.66
C SER A 119 -7.06 -4.28 -6.42
N GLN A 120 -7.08 -5.59 -6.19
CA GLN A 120 -6.21 -6.70 -6.64
C GLN A 120 -5.82 -6.76 -8.13
N GLU A 121 -6.19 -5.78 -8.95
CA GLU A 121 -5.83 -5.72 -10.35
C GLU A 121 -5.22 -4.37 -10.76
N GLU A 122 -5.57 -3.26 -10.09
CA GLU A 122 -4.89 -1.97 -10.27
C GLU A 122 -3.47 -2.02 -9.69
N VAL A 123 -3.27 -2.93 -8.73
CA VAL A 123 -1.95 -3.28 -8.19
C VAL A 123 -1.06 -4.00 -9.19
N ARG A 124 -1.71 -4.84 -9.99
CA ARG A 124 -1.17 -6.14 -10.31
C ARG A 124 -0.29 -6.12 -11.57
N SER A 125 0.86 -5.45 -11.48
CA SER A 125 2.00 -5.69 -12.38
C SER A 125 2.86 -6.89 -11.93
N TYR A 126 2.58 -7.38 -10.71
CA TYR A 126 3.24 -8.43 -9.93
C TYR A 126 2.71 -9.86 -10.21
N ASN A 35 -7.39 2.70 -7.50
CA ASN A 35 -8.86 2.65 -7.58
C ASN A 35 -9.42 3.90 -6.87
N SER A 36 -10.73 4.01 -6.66
CA SER A 36 -11.40 5.06 -5.86
C SER A 36 -12.72 4.57 -5.25
N ALA A 37 -12.83 3.25 -5.01
CA ALA A 37 -14.07 2.57 -4.63
C ALA A 37 -13.83 1.33 -3.73
N ASP A 38 -14.93 0.67 -3.35
CA ASP A 38 -14.99 -0.39 -2.32
C ASP A 38 -15.76 -1.64 -2.80
N SER A 39 -15.69 -2.72 -2.02
CA SER A 39 -16.54 -3.92 -2.15
C SER A 39 -16.92 -4.45 -0.74
N ALA A 40 -16.03 -5.24 -0.15
CA ALA A 40 -15.99 -5.73 1.24
C ALA A 40 -14.62 -6.36 1.57
N ASN A 41 -13.99 -7.04 0.60
CA ASN A 41 -12.88 -7.97 0.82
C ASN A 41 -11.69 -7.85 -0.17
N ASP A 42 -11.64 -6.77 -0.95
CA ASP A 42 -10.51 -6.43 -1.83
C ASP A 42 -9.89 -5.06 -1.48
N GLY A 43 -9.89 -4.78 -0.18
CA GLY A 43 -9.19 -3.67 0.47
C GLY A 43 -7.69 -3.67 0.23
N PHE A 44 -7.28 -3.22 -0.95
CA PHE A 44 -5.90 -3.03 -1.33
C PHE A 44 -5.65 -1.54 -1.15
N VAL A 45 -4.39 -1.18 -0.97
CA VAL A 45 -4.05 0.20 -0.67
C VAL A 45 -2.76 0.62 -1.34
N ARG A 46 -2.87 1.46 -2.37
CA ARG A 46 -1.72 1.93 -3.16
C ARG A 46 -1.06 3.13 -2.51
N LEU A 47 0.23 2.96 -2.29
CA LEU A 47 1.18 3.98 -1.89
C LEU A 47 1.73 4.73 -3.11
N ARG A 48 2.13 5.98 -2.93
CA ARG A 48 2.80 6.82 -3.95
C ARG A 48 3.63 7.88 -3.25
N GLY A 49 4.79 7.50 -2.72
CA GLY A 49 5.45 8.34 -1.71
C GLY A 49 6.86 7.93 -1.24
N LEU A 50 7.31 6.73 -1.60
CA LEU A 50 8.30 5.98 -0.82
C LEU A 50 9.74 6.53 -0.90
N PRO A 51 10.55 6.23 0.12
CA PRO A 51 11.95 6.62 0.23
C PRO A 51 12.88 5.74 -0.63
N PHE A 52 14.14 6.17 -0.74
CA PHE A 52 15.15 5.47 -1.54
C PHE A 52 15.50 4.12 -0.89
N GLY A 53 15.41 3.03 -1.66
CA GLY A 53 15.52 1.66 -1.14
C GLY A 53 14.35 1.22 -0.24
N CYS A 54 13.16 1.81 -0.37
CA CYS A 54 11.96 1.38 0.38
C CYS A 54 11.64 -0.12 0.18
N THR A 55 10.95 -0.74 1.15
CA THR A 55 10.62 -2.16 1.12
C THR A 55 9.28 -2.46 1.80
N LYS A 56 8.73 -3.65 1.54
CA LYS A 56 7.57 -4.24 2.18
C LYS A 56 7.60 -4.11 3.70
N GLU A 57 8.70 -4.28 4.40
CA GLU A 57 8.79 -4.13 5.85
C GLU A 57 8.64 -2.67 6.34
N GLU A 58 8.80 -1.66 5.48
CA GLU A 58 8.39 -0.31 5.85
C GLU A 58 6.87 -0.20 5.74
N ILE A 59 6.24 -0.88 4.79
CA ILE A 59 4.77 -1.04 4.72
C ILE A 59 4.25 -1.84 5.92
N VAL A 60 4.97 -2.89 6.31
CA VAL A 60 4.71 -3.70 7.49
C VAL A 60 4.89 -2.92 8.80
N GLN A 61 5.57 -1.76 8.79
CA GLN A 61 5.49 -0.80 9.91
C GLN A 61 4.44 0.30 9.68
N PHE A 62 4.22 0.66 8.42
CA PHE A 62 3.22 1.63 7.97
C PHE A 62 1.81 1.22 8.39
N PHE A 63 1.52 -0.08 8.34
CA PHE A 63 0.34 -0.70 8.93
C PHE A 63 0.71 -1.81 9.95
N SER A 64 1.80 -1.64 10.72
CA SER A 64 1.95 -2.27 12.04
C SER A 64 0.87 -1.72 12.98
N GLY A 65 -0.32 -2.27 12.79
CA GLY A 65 -1.58 -1.59 13.07
C GLY A 65 -2.82 -2.43 12.76
N LEU A 66 -2.83 -3.05 11.57
CA LEU A 66 -4.05 -3.55 10.91
C LEU A 66 -3.83 -4.96 10.31
N GLU A 67 -4.91 -5.70 10.09
CA GLU A 67 -4.86 -7.05 9.52
C GLU A 67 -4.64 -7.01 8.01
N ILE A 68 -3.68 -7.80 7.55
CA ILE A 68 -3.23 -7.97 6.17
C ILE A 68 -3.18 -9.48 5.88
N VAL A 69 -3.75 -9.91 4.76
CA VAL A 69 -3.66 -11.33 4.34
C VAL A 69 -2.19 -11.73 4.08
N PRO A 70 -1.79 -13.01 4.25
CA PRO A 70 -0.37 -13.43 4.32
C PRO A 70 0.58 -13.04 3.19
N ASN A 71 0.07 -12.65 2.02
CA ASN A 71 0.83 -12.23 0.85
C ASN A 71 0.44 -10.81 0.39
N GLY A 72 -0.24 -10.04 1.26
CA GLY A 72 -1.05 -8.88 0.86
C GLY A 72 -0.30 -7.72 0.21
N ILE A 73 0.99 -7.55 0.52
CA ILE A 73 1.78 -6.34 0.22
C ILE A 73 2.56 -6.55 -1.10
N THR A 74 2.57 -5.57 -2.02
CA THR A 74 3.19 -5.66 -3.38
C THR A 74 4.06 -4.42 -3.71
N LEU A 75 5.27 -4.65 -4.24
CA LEU A 75 6.34 -3.67 -4.51
C LEU A 75 6.81 -3.76 -5.98
N PRO A 76 6.28 -2.91 -6.88
CA PRO A 76 6.75 -2.86 -8.26
C PRO A 76 7.94 -1.90 -8.48
N VAL A 77 7.69 -0.60 -8.62
CA VAL A 77 8.64 0.52 -8.88
C VAL A 77 8.00 1.86 -8.50
N ASP A 78 8.79 2.93 -8.44
CA ASP A 78 8.36 4.32 -8.29
C ASP A 78 7.68 4.91 -9.54
N PRO A 79 7.09 6.11 -9.41
CA PRO A 79 6.56 6.92 -10.50
C PRO A 79 7.54 7.27 -11.67
N GLU A 80 8.80 6.84 -11.65
CA GLU A 80 9.80 7.03 -12.73
C GLU A 80 10.43 5.69 -13.18
N GLY A 81 10.05 4.57 -12.55
CA GLY A 81 10.37 3.22 -13.03
C GLY A 81 11.82 2.77 -12.83
N LYS A 82 12.48 3.14 -11.73
CA LYS A 82 13.89 2.84 -11.45
C LYS A 82 14.08 2.20 -10.05
N ILE A 83 13.07 2.29 -9.18
CA ILE A 83 13.18 1.93 -7.76
C ILE A 83 11.93 1.23 -7.18
N THR A 84 11.11 1.93 -6.39
CA THR A 84 10.01 1.46 -5.52
C THR A 84 9.54 2.63 -4.66
N GLY A 85 8.72 3.47 -5.28
CA GLY A 85 8.08 4.70 -4.79
C GLY A 85 6.57 4.75 -5.00
N GLU A 86 6.02 3.72 -5.61
CA GLU A 86 4.66 3.27 -5.35
C GLU A 86 4.65 1.75 -5.13
N ALA A 87 3.60 1.30 -4.46
CA ALA A 87 3.43 -0.03 -3.88
C ALA A 87 1.98 -0.18 -3.45
N PHE A 88 1.64 -1.33 -2.89
CA PHE A 88 0.27 -1.71 -2.66
C PHE A 88 0.15 -2.67 -1.46
N VAL A 89 -1.02 -2.78 -0.83
CA VAL A 89 -1.27 -3.74 0.28
C VAL A 89 -2.73 -4.12 0.49
N GLN A 90 -3.03 -5.41 0.47
CA GLN A 90 -4.34 -6.03 0.73
C GLN A 90 -4.50 -6.38 2.21
N PHE A 91 -5.57 -5.91 2.81
CA PHE A 91 -5.90 -6.12 4.20
C PHE A 91 -6.79 -7.37 4.36
N ALA A 92 -7.31 -7.66 5.56
CA ALA A 92 -8.38 -8.64 5.69
C ALA A 92 -9.74 -8.13 5.18
N SER A 93 -9.88 -6.82 4.95
CA SER A 93 -11.15 -6.18 4.52
C SER A 93 -10.93 -4.79 3.87
N GLN A 94 -11.91 -4.31 3.08
CA GLN A 94 -11.98 -2.91 2.59
C GLN A 94 -12.07 -1.85 3.71
N GLU A 95 -12.51 -2.26 4.90
CA GLU A 95 -12.64 -1.39 6.09
C GLU A 95 -11.30 -1.16 6.76
N LEU A 96 -10.59 -2.25 7.02
CA LEU A 96 -9.22 -2.24 7.49
C LEU A 96 -8.32 -1.49 6.52
N ALA A 97 -8.60 -1.63 5.24
CA ALA A 97 -7.88 -0.89 4.21
C ALA A 97 -8.21 0.61 4.25
N GLU A 98 -9.34 1.02 4.84
CA GLU A 98 -9.79 2.43 4.91
C GLU A 98 -9.28 3.09 6.19
N LYS A 99 -9.09 2.28 7.25
CA LYS A 99 -8.38 2.68 8.45
C LYS A 99 -6.91 3.00 8.08
N ALA A 100 -6.38 2.27 7.11
CA ALA A 100 -5.09 2.53 6.47
C ALA A 100 -5.02 3.74 5.51
N LEU A 101 -6.01 3.99 4.64
CA LEU A 101 -6.23 5.31 4.00
C LEU A 101 -6.23 6.47 5.00
N GLY A 102 -6.69 6.19 6.22
CA GLY A 102 -6.61 7.06 7.38
C GLY A 102 -5.19 7.51 7.81
N LYS A 103 -4.11 6.86 7.34
CA LYS A 103 -2.71 7.37 7.45
C LYS A 103 -2.43 8.59 6.57
N HIS A 104 -3.27 8.81 5.55
CA HIS A 104 -3.37 9.94 4.61
C HIS A 104 -2.08 10.43 3.92
N LYS A 105 -1.12 10.99 4.68
CA LYS A 105 0.12 11.64 4.19
C LYS A 105 1.27 11.53 5.22
N GLU A 106 1.33 10.42 5.98
CA GLU A 106 2.40 10.11 6.94
C GLU A 106 3.71 9.62 6.27
N ARG A 107 4.59 8.89 6.99
CA ARG A 107 5.95 8.52 6.60
C ARG A 107 6.26 7.06 6.90
N ILE A 108 7.13 6.47 6.08
CA ILE A 108 7.41 5.02 6.07
C ILE A 108 8.77 4.66 6.67
N GLY A 109 9.65 5.65 6.79
CA GLY A 109 11.06 5.52 7.21
C GLY A 109 11.79 6.87 7.14
N HIS A 110 11.49 7.64 6.09
CA HIS A 110 11.89 9.04 5.92
C HIS A 110 10.89 9.82 5.04
N ARG A 111 10.45 9.23 3.92
CA ARG A 111 9.56 9.86 2.94
C ARG A 111 8.11 9.45 3.12
N TYR A 112 7.28 10.05 2.26
CA TYR A 112 6.08 10.77 2.60
C TYR A 112 4.92 10.29 1.73
N ILE A 113 3.96 9.66 2.37
CA ILE A 113 3.19 8.58 1.77
C ILE A 113 1.70 8.89 1.74
N GLU A 114 1.29 9.06 0.51
CA GLU A 114 -0.07 8.95 0.02
C GLU A 114 -0.64 7.55 0.22
N VAL A 115 -1.97 7.46 0.39
CA VAL A 115 -2.70 6.19 0.42
C VAL A 115 -4.00 6.31 -0.35
N PHE A 116 -4.19 5.44 -1.34
CA PHE A 116 -5.33 5.40 -2.24
C PHE A 116 -6.04 4.05 -2.11
N LYS A 117 -7.36 4.06 -2.26
CA LYS A 117 -8.17 2.84 -2.34
C LYS A 117 -7.81 2.10 -3.61
N SER A 118 -7.65 0.78 -3.50
CA SER A 118 -7.04 -0.04 -4.55
C SER A 118 -7.67 -1.42 -4.68
N SER A 119 -7.26 -2.15 -5.71
CA SER A 119 -7.66 -3.54 -6.00
C SER A 119 -6.55 -4.24 -6.79
N GLN A 120 -6.38 -5.56 -6.60
CA GLN A 120 -5.53 -6.57 -7.28
C GLN A 120 -5.20 -6.37 -8.77
N GLU A 121 -5.95 -5.52 -9.46
CA GLU A 121 -5.96 -5.38 -10.92
C GLU A 121 -5.41 -4.02 -11.34
N GLU A 122 -5.33 -3.08 -10.39
CA GLU A 122 -4.41 -1.96 -10.47
C GLU A 122 -3.04 -2.47 -10.01
N VAL A 123 -3.03 -3.46 -9.10
CA VAL A 123 -1.85 -3.78 -8.33
C VAL A 123 -0.84 -4.61 -9.11
N ARG A 124 -1.35 -5.61 -9.85
CA ARG A 124 -0.52 -6.56 -10.59
C ARG A 124 0.03 -6.02 -11.92
N SER A 125 -0.46 -4.86 -12.35
CA SER A 125 -0.46 -4.39 -13.75
C SER A 125 0.75 -3.50 -14.05
N TYR A 126 1.86 -3.85 -13.39
CA TYR A 126 2.99 -3.00 -13.05
C TYR A 126 4.33 -3.73 -13.27
N ASN A 35 -15.70 4.54 1.30
CA ASN A 35 -15.45 5.29 0.04
C ASN A 35 -15.59 4.33 -1.14
N SER A 36 -14.72 4.35 -2.16
CA SER A 36 -14.71 3.37 -3.26
C SER A 36 -14.60 1.93 -2.70
N ALA A 37 -15.44 1.00 -3.19
CA ALA A 37 -15.54 -0.35 -2.64
C ALA A 37 -15.63 -1.45 -3.71
N ASP A 38 -15.13 -2.64 -3.38
CA ASP A 38 -15.02 -3.79 -4.30
C ASP A 38 -15.03 -5.14 -3.54
N SER A 39 -15.53 -6.18 -4.23
CA SER A 39 -15.86 -7.56 -3.82
C SER A 39 -16.69 -7.79 -2.53
N ALA A 40 -16.28 -7.17 -1.43
CA ALA A 40 -16.65 -7.28 -0.01
C ALA A 40 -15.40 -7.28 0.88
N ASN A 41 -14.26 -7.76 0.36
CA ASN A 41 -13.07 -8.11 1.16
C ASN A 41 -11.74 -7.62 0.59
N ASP A 42 -11.68 -7.43 -0.72
CA ASP A 42 -10.49 -7.02 -1.49
C ASP A 42 -10.19 -5.52 -1.35
N GLY A 43 -10.04 -5.07 -0.10
CA GLY A 43 -9.45 -3.79 0.26
C GLY A 43 -7.95 -3.78 0.02
N PHE A 44 -7.52 -3.29 -1.14
CA PHE A 44 -6.12 -3.04 -1.42
C PHE A 44 -5.90 -1.57 -1.20
N VAL A 45 -4.63 -1.18 -1.08
CA VAL A 45 -4.28 0.18 -0.77
C VAL A 45 -2.96 0.57 -1.41
N ARG A 46 -3.01 1.50 -2.37
CA ARG A 46 -1.85 1.94 -3.14
C ARG A 46 -1.16 3.11 -2.44
N LEU A 47 0.06 2.85 -2.02
CA LEU A 47 1.06 3.85 -1.77
C LEU A 47 1.51 4.51 -3.06
N ARG A 48 1.83 5.78 -2.91
CA ARG A 48 2.95 6.43 -3.58
C ARG A 48 3.77 7.10 -2.48
N GLY A 49 5.07 7.25 -2.65
CA GLY A 49 5.86 8.22 -1.90
C GLY A 49 7.33 7.81 -1.73
N LEU A 50 7.62 6.53 -2.01
CA LEU A 50 8.56 5.72 -1.25
C LEU A 50 10.04 6.15 -1.34
N PRO A 51 10.83 5.82 -0.29
CA PRO A 51 12.26 6.09 -0.17
C PRO A 51 13.11 5.19 -1.05
N PHE A 52 14.40 5.48 -1.11
CA PHE A 52 15.34 4.71 -1.92
C PHE A 52 15.56 3.30 -1.34
N GLY A 53 15.51 2.29 -2.20
CA GLY A 53 15.45 0.88 -1.82
C GLY A 53 14.24 0.49 -0.96
N CYS A 54 13.11 1.23 -1.04
CA CYS A 54 11.92 0.93 -0.20
C CYS A 54 11.44 -0.52 -0.32
N THR A 55 10.86 -1.06 0.76
CA THR A 55 10.52 -2.47 0.84
C THR A 55 9.23 -2.70 1.63
N LYS A 56 8.65 -3.88 1.42
CA LYS A 56 7.48 -4.41 2.07
C LYS A 56 7.50 -4.25 3.58
N GLU A 57 8.62 -4.40 4.27
CA GLU A 57 8.74 -4.23 5.72
C GLU A 57 8.62 -2.77 6.20
N GLU A 58 8.84 -1.78 5.33
CA GLU A 58 8.49 -0.40 5.67
C GLU A 58 6.99 -0.22 5.57
N ILE A 59 6.33 -0.93 4.64
CA ILE A 59 4.86 -1.03 4.58
C ILE A 59 4.31 -1.83 5.77
N VAL A 60 4.99 -2.89 6.17
CA VAL A 60 4.69 -3.69 7.36
C VAL A 60 4.88 -2.90 8.67
N GLN A 61 5.58 -1.75 8.64
CA GLN A 61 5.53 -0.78 9.75
C GLN A 61 4.52 0.35 9.51
N PHE A 62 4.27 0.68 8.26
CA PHE A 62 3.31 1.70 7.81
C PHE A 62 1.89 1.33 8.24
N PHE A 63 1.52 0.06 8.05
CA PHE A 63 0.30 -0.56 8.54
C PHE A 63 0.55 -1.72 9.51
N SER A 64 1.60 -1.62 10.33
CA SER A 64 1.68 -2.35 11.62
C SER A 64 0.41 -2.16 12.48
N GLY A 65 -0.31 -1.07 12.25
CA GLY A 65 -1.61 -0.74 12.82
C GLY A 65 -2.71 -1.80 12.62
N LEU A 66 -2.69 -2.53 11.49
CA LEU A 66 -3.87 -3.18 10.92
C LEU A 66 -3.58 -4.59 10.38
N GLU A 67 -4.63 -5.40 10.19
CA GLU A 67 -4.55 -6.77 9.73
C GLU A 67 -4.55 -6.87 8.19
N ILE A 68 -3.62 -7.68 7.68
CA ILE A 68 -3.24 -7.89 6.28
C ILE A 68 -3.13 -9.40 6.03
N VAL A 69 -3.63 -9.90 4.89
CA VAL A 69 -3.45 -11.32 4.51
C VAL A 69 -1.96 -11.66 4.29
N PRO A 70 -1.50 -12.92 4.49
CA PRO A 70 -0.07 -13.26 4.60
C PRO A 70 0.90 -12.87 3.47
N ASN A 71 0.42 -12.50 2.29
CA ASN A 71 1.22 -11.98 1.16
C ASN A 71 0.61 -10.67 0.60
N GLY A 72 -0.20 -9.97 1.40
CA GLY A 72 -1.08 -8.88 0.94
C GLY A 72 -0.37 -7.70 0.25
N ILE A 73 0.91 -7.48 0.55
CA ILE A 73 1.66 -6.26 0.20
C ILE A 73 2.42 -6.48 -1.13
N THR A 74 2.32 -5.55 -2.10
CA THR A 74 2.92 -5.65 -3.46
C THR A 74 3.82 -4.46 -3.80
N LEU A 75 5.02 -4.73 -4.32
CA LEU A 75 6.10 -3.78 -4.63
C LEU A 75 6.48 -3.87 -6.12
N PRO A 76 5.80 -3.12 -7.00
CA PRO A 76 6.09 -3.13 -8.43
C PRO A 76 7.28 -2.23 -8.79
N VAL A 77 7.02 -0.94 -9.04
CA VAL A 77 7.97 0.14 -9.38
C VAL A 77 7.26 1.50 -9.22
N ASP A 78 8.05 2.55 -9.01
CA ASP A 78 7.71 3.93 -8.73
C ASP A 78 6.96 4.66 -9.86
N PRO A 79 6.58 5.93 -9.63
CA PRO A 79 6.01 6.82 -10.64
C PRO A 79 6.84 7.07 -11.93
N GLU A 80 8.03 6.47 -12.12
CA GLU A 80 8.89 6.66 -13.30
C GLU A 80 9.44 5.35 -13.88
N GLY A 81 9.71 4.34 -13.04
CA GLY A 81 10.03 2.96 -13.43
C GLY A 81 11.49 2.55 -13.18
N LYS A 82 12.08 2.97 -12.05
CA LYS A 82 13.51 2.84 -11.70
C LYS A 82 13.73 2.30 -10.28
N ILE A 83 12.68 2.30 -9.46
CA ILE A 83 12.68 2.05 -8.00
C ILE A 83 11.24 1.72 -7.58
N THR A 84 10.82 1.77 -6.32
CA THR A 84 9.51 1.28 -5.81
C THR A 84 8.71 2.37 -5.10
N GLY A 85 8.86 3.64 -5.49
CA GLY A 85 8.10 4.82 -5.05
C GLY A 85 6.59 4.75 -5.15
N GLU A 86 6.06 3.63 -5.61
CA GLU A 86 4.69 3.23 -5.36
C GLU A 86 4.56 1.71 -5.26
N ALA A 87 3.55 1.30 -4.50
CA ALA A 87 3.34 -0.03 -3.93
C ALA A 87 1.93 -0.14 -3.41
N PHE A 88 1.55 -1.32 -2.94
CA PHE A 88 0.18 -1.65 -2.67
C PHE A 88 0.05 -2.64 -1.51
N VAL A 89 -1.15 -2.78 -0.93
CA VAL A 89 -1.40 -3.71 0.19
C VAL A 89 -2.86 -4.09 0.40
N GLN A 90 -3.12 -5.40 0.46
CA GLN A 90 -4.41 -6.04 0.70
C GLN A 90 -4.55 -6.40 2.17
N PHE A 91 -5.67 -6.03 2.76
CA PHE A 91 -5.94 -6.25 4.18
C PHE A 91 -6.73 -7.57 4.37
N ALA A 92 -7.28 -7.85 5.55
CA ALA A 92 -8.31 -8.90 5.65
C ALA A 92 -9.70 -8.44 5.19
N SER A 93 -9.90 -7.13 4.94
CA SER A 93 -11.19 -6.55 4.57
C SER A 93 -11.05 -5.18 3.88
N GLN A 94 -12.08 -4.79 3.11
CA GLN A 94 -12.30 -3.43 2.58
C GLN A 94 -12.34 -2.33 3.65
N GLU A 95 -12.75 -2.69 4.87
CA GLU A 95 -12.87 -1.81 6.02
C GLU A 95 -11.50 -1.47 6.61
N LEU A 96 -10.74 -2.51 6.93
CA LEU A 96 -9.36 -2.45 7.37
C LEU A 96 -8.49 -1.68 6.39
N ALA A 97 -8.76 -1.87 5.11
CA ALA A 97 -8.02 -1.17 4.06
C ALA A 97 -8.30 0.34 4.04
N GLU A 98 -9.37 0.81 4.68
CA GLU A 98 -9.80 2.21 4.63
C GLU A 98 -9.59 2.93 5.97
N LYS A 99 -9.40 2.14 7.04
CA LYS A 99 -8.71 2.56 8.25
C LYS A 99 -7.28 2.97 7.93
N ALA A 100 -6.68 2.19 7.03
CA ALA A 100 -5.32 2.37 6.53
C ALA A 100 -5.09 3.64 5.69
N LEU A 101 -5.99 3.97 4.76
CA LEU A 101 -6.03 5.32 4.13
C LEU A 101 -6.04 6.47 5.14
N GLY A 102 -6.57 6.21 6.33
CA GLY A 102 -6.51 7.10 7.48
C GLY A 102 -5.09 7.44 7.98
N LYS A 103 -4.03 6.72 7.56
CA LYS A 103 -2.60 7.13 7.71
C LYS A 103 -2.21 8.37 6.90
N HIS A 104 -3.03 8.72 5.91
CA HIS A 104 -3.10 9.91 5.03
C HIS A 104 -1.80 10.60 4.52
N LYS A 105 -0.81 10.89 5.37
CA LYS A 105 0.42 11.65 5.04
C LYS A 105 1.67 11.20 5.84
N GLU A 106 1.65 9.99 6.39
CA GLU A 106 2.75 9.39 7.19
C GLU A 106 4.10 9.23 6.45
N ARG A 107 5.10 8.70 7.17
CA ARG A 107 6.48 8.44 6.78
C ARG A 107 6.77 6.93 6.90
N ILE A 108 7.66 6.43 6.05
CA ILE A 108 7.96 4.99 5.92
C ILE A 108 9.41 4.64 6.32
N GLY A 109 10.32 5.59 6.13
CA GLY A 109 11.76 5.48 6.29
C GLY A 109 12.37 6.87 6.18
N HIS A 110 13.13 7.18 5.12
CA HIS A 110 13.45 8.57 4.78
C HIS A 110 12.23 9.38 4.31
N ARG A 111 11.32 8.77 3.52
CA ARG A 111 10.28 9.45 2.73
C ARG A 111 8.85 9.19 3.20
N TYR A 112 7.94 9.78 2.44
CA TYR A 112 6.72 10.43 2.93
C TYR A 112 5.62 10.19 1.91
N ILE A 113 4.45 9.77 2.39
CA ILE A 113 3.65 8.80 1.66
C ILE A 113 2.19 9.25 1.47
N GLU A 114 1.72 9.05 0.26
CA GLU A 114 0.35 9.05 -0.24
C GLU A 114 -0.36 7.71 0.00
N VAL A 115 -1.70 7.74 0.05
CA VAL A 115 -2.54 6.52 0.12
C VAL A 115 -3.82 6.70 -0.71
N PHE A 116 -4.14 5.68 -1.52
CA PHE A 116 -5.28 5.64 -2.42
C PHE A 116 -5.97 4.26 -2.31
N LYS A 117 -7.30 4.24 -2.42
CA LYS A 117 -8.11 3.03 -2.37
C LYS A 117 -8.00 2.27 -3.67
N SER A 118 -7.91 0.95 -3.53
CA SER A 118 -7.34 0.08 -4.56
C SER A 118 -7.98 -1.30 -4.55
N SER A 119 -7.72 -2.05 -5.63
CA SER A 119 -7.94 -3.49 -5.75
C SER A 119 -6.82 -4.11 -6.58
N GLN A 120 -6.45 -5.36 -6.28
CA GLN A 120 -5.59 -6.38 -6.92
C GLN A 120 -5.12 -6.22 -8.37
N GLU A 121 -5.76 -5.38 -9.17
CA GLU A 121 -5.60 -5.32 -10.63
C GLU A 121 -5.18 -3.93 -11.09
N GLU A 122 -5.14 -2.98 -10.14
CA GLU A 122 -4.27 -1.81 -10.22
C GLU A 122 -2.82 -2.22 -9.87
N VAL A 123 -2.66 -3.35 -9.16
CA VAL A 123 -1.54 -3.54 -8.23
C VAL A 123 -0.35 -4.28 -8.81
N ARG A 124 -0.64 -5.25 -9.67
CA ARG A 124 0.29 -6.23 -10.22
C ARG A 124 0.88 -5.81 -11.58
N SER A 125 0.55 -4.60 -12.03
CA SER A 125 0.52 -4.15 -13.43
C SER A 125 1.88 -3.74 -14.01
N TYR A 126 2.93 -4.51 -13.68
CA TYR A 126 4.33 -4.29 -14.05
C TYR A 126 5.03 -5.53 -14.66
N ASN A 35 -18.14 -0.78 -7.72
CA ASN A 35 -17.78 0.43 -8.51
C ASN A 35 -16.27 0.70 -8.51
N SER A 36 -15.64 0.93 -7.34
CA SER A 36 -14.20 1.26 -7.09
C SER A 36 -14.01 1.86 -5.69
N ALA A 37 -14.93 2.73 -5.25
CA ALA A 37 -14.88 3.40 -3.94
C ALA A 37 -15.66 2.66 -2.83
N ASP A 38 -16.50 1.70 -3.21
CA ASP A 38 -17.23 0.77 -2.33
C ASP A 38 -16.36 -0.40 -1.81
N SER A 39 -16.96 -1.23 -0.96
CA SER A 39 -16.26 -2.22 -0.11
C SER A 39 -16.94 -3.60 -0.01
N ALA A 40 -16.11 -4.64 0.14
CA ALA A 40 -16.49 -6.03 0.45
C ALA A 40 -15.48 -6.72 1.38
N ASN A 41 -14.22 -6.85 0.89
CA ASN A 41 -13.12 -7.57 1.53
C ASN A 41 -11.76 -7.24 0.90
N ASP A 42 -11.76 -7.13 -0.42
CA ASP A 42 -10.64 -6.94 -1.34
C ASP A 42 -10.13 -5.48 -1.35
N GLY A 43 -10.01 -4.90 -0.14
CA GLY A 43 -9.39 -3.60 0.10
C GLY A 43 -7.89 -3.67 -0.07
N PHE A 44 -7.40 -3.26 -1.24
CA PHE A 44 -6.00 -3.01 -1.48
C PHE A 44 -5.80 -1.52 -1.28
N VAL A 45 -4.54 -1.14 -1.11
CA VAL A 45 -4.23 0.23 -0.75
C VAL A 45 -2.89 0.67 -1.34
N ARG A 46 -2.93 1.64 -2.24
CA ARG A 46 -1.76 2.09 -3.01
C ARG A 46 -1.04 3.25 -2.35
N LEU A 47 0.28 3.14 -2.36
CA LEU A 47 1.27 4.11 -1.94
C LEU A 47 1.91 4.81 -3.13
N ARG A 48 2.35 6.05 -2.94
CA ARG A 48 3.05 6.89 -3.92
C ARG A 48 3.85 7.96 -3.18
N GLY A 49 4.96 7.55 -2.57
CA GLY A 49 5.62 8.37 -1.55
C GLY A 49 6.98 7.89 -1.05
N LEU A 50 7.42 6.70 -1.46
CA LEU A 50 8.42 5.93 -0.73
C LEU A 50 9.87 6.44 -0.93
N PRO A 51 10.75 6.18 0.05
CA PRO A 51 12.17 6.56 0.10
C PRO A 51 13.07 5.62 -0.70
N PHE A 52 14.34 6.00 -0.80
CA PHE A 52 15.36 5.21 -1.48
C PHE A 52 15.58 3.85 -0.80
N GLY A 53 15.58 2.77 -1.59
CA GLY A 53 15.61 1.38 -1.11
C GLY A 53 14.35 0.90 -0.38
N CYS A 54 13.18 1.55 -0.54
CA CYS A 54 11.97 1.18 0.21
C CYS A 54 11.55 -0.29 0.03
N THR A 55 10.93 -0.89 1.06
CA THR A 55 10.56 -2.31 1.09
C THR A 55 9.22 -2.57 1.81
N LYS A 56 8.64 -3.74 1.53
CA LYS A 56 7.48 -4.33 2.16
C LYS A 56 7.48 -4.23 3.69
N GLU A 57 8.58 -4.47 4.39
CA GLU A 57 8.69 -4.31 5.84
C GLU A 57 8.52 -2.86 6.34
N GLU A 58 8.70 -1.85 5.51
CA GLU A 58 8.34 -0.49 5.90
C GLU A 58 6.85 -0.29 5.74
N ILE A 59 6.22 -0.94 4.75
CA ILE A 59 4.75 -1.06 4.67
C ILE A 59 4.20 -1.85 5.86
N VAL A 60 4.92 -2.90 6.29
CA VAL A 60 4.63 -3.67 7.48
C VAL A 60 4.86 -2.89 8.80
N GLN A 61 5.51 -1.71 8.77
CA GLN A 61 5.43 -0.72 9.87
C GLN A 61 4.39 0.38 9.62
N PHE A 62 4.13 0.68 8.35
CA PHE A 62 3.16 1.66 7.88
C PHE A 62 1.74 1.28 8.27
N PHE A 63 1.43 -0.01 8.15
CA PHE A 63 0.20 -0.65 8.65
C PHE A 63 0.49 -1.77 9.65
N SER A 64 1.54 -1.62 10.48
CA SER A 64 1.63 -2.34 11.77
C SER A 64 0.37 -2.18 12.64
N GLY A 65 -0.40 -1.11 12.39
CA GLY A 65 -1.71 -0.86 12.95
C GLY A 65 -2.73 -2.00 12.77
N LEU A 66 -2.68 -2.71 11.62
CA LEU A 66 -3.83 -3.32 10.97
C LEU A 66 -3.52 -4.72 10.40
N GLU A 67 -4.54 -5.56 10.23
CA GLU A 67 -4.39 -6.93 9.68
C GLU A 67 -4.33 -6.94 8.15
N ILE A 68 -3.45 -7.79 7.61
CA ILE A 68 -3.12 -7.97 6.19
C ILE A 68 -3.06 -9.47 5.92
N VAL A 69 -3.60 -9.93 4.79
CA VAL A 69 -3.50 -11.35 4.37
C VAL A 69 -2.02 -11.75 4.13
N PRO A 70 -1.62 -13.03 4.29
CA PRO A 70 -0.22 -13.47 4.40
C PRO A 70 0.81 -13.09 3.32
N ASN A 71 0.36 -12.52 2.19
CA ASN A 71 1.19 -12.03 1.08
C ASN A 71 0.64 -10.70 0.51
N GLY A 72 -0.14 -9.98 1.33
CA GLY A 72 -1.02 -8.89 0.87
C GLY A 72 -0.34 -7.69 0.18
N ILE A 73 0.98 -7.52 0.35
CA ILE A 73 1.70 -6.26 0.06
C ILE A 73 2.51 -6.42 -1.25
N THR A 74 2.49 -5.44 -2.18
CA THR A 74 3.16 -5.49 -3.50
C THR A 74 4.01 -4.23 -3.77
N LEU A 75 5.23 -4.43 -4.30
CA LEU A 75 6.29 -3.41 -4.49
C LEU A 75 6.74 -3.32 -5.97
N PRO A 76 6.04 -2.52 -6.81
CA PRO A 76 6.30 -2.48 -8.23
C PRO A 76 7.63 -1.78 -8.59
N VAL A 77 7.70 -0.47 -8.34
CA VAL A 77 8.78 0.50 -8.62
C VAL A 77 8.41 1.84 -7.97
N ASP A 78 9.23 2.88 -8.08
CA ASP A 78 8.84 4.27 -7.94
C ASP A 78 8.11 4.85 -9.17
N PRO A 79 7.53 6.06 -9.03
CA PRO A 79 6.99 6.86 -10.13
C PRO A 79 7.96 7.21 -11.30
N GLU A 80 9.21 6.72 -11.31
CA GLU A 80 10.19 6.91 -12.40
C GLU A 80 10.78 5.56 -12.86
N GLY A 81 10.33 4.43 -12.30
CA GLY A 81 10.54 3.09 -12.84
C GLY A 81 11.95 2.51 -12.67
N LYS A 82 12.65 2.78 -11.57
CA LYS A 82 14.04 2.34 -11.33
C LYS A 82 14.25 1.72 -9.95
N ILE A 83 13.29 1.92 -9.02
CA ILE A 83 13.43 1.61 -7.60
C ILE A 83 12.13 1.08 -6.95
N THR A 84 11.48 1.83 -6.06
CA THR A 84 10.39 1.48 -5.13
C THR A 84 10.00 2.74 -4.37
N GLY A 85 9.06 3.47 -4.94
CA GLY A 85 8.45 4.73 -4.49
C GLY A 85 6.94 4.80 -4.69
N GLU A 86 6.38 3.71 -5.20
CA GLU A 86 4.96 3.36 -5.10
C GLU A 86 4.83 1.86 -4.81
N ALA A 87 3.66 1.44 -4.33
CA ALA A 87 3.35 0.11 -3.77
C ALA A 87 1.86 -0.02 -3.47
N PHE A 88 1.49 -1.17 -2.94
CA PHE A 88 0.11 -1.60 -2.80
C PHE A 88 -0.04 -2.59 -1.62
N VAL A 89 -1.21 -2.69 -0.97
CA VAL A 89 -1.44 -3.66 0.14
C VAL A 89 -2.89 -4.04 0.39
N GLN A 90 -3.18 -5.34 0.40
CA GLN A 90 -4.45 -5.98 0.73
C GLN A 90 -4.52 -6.30 2.21
N PHE A 91 -5.63 -5.96 2.85
CA PHE A 91 -5.81 -6.18 4.27
C PHE A 91 -6.58 -7.49 4.53
N ALA A 92 -6.92 -7.80 5.79
CA ALA A 92 -7.85 -8.89 6.08
C ALA A 92 -9.32 -8.54 5.72
N SER A 93 -9.60 -7.27 5.38
CA SER A 93 -10.94 -6.78 5.04
C SER A 93 -10.88 -5.40 4.37
N GLN A 94 -11.93 -5.04 3.63
CA GLN A 94 -12.14 -3.69 3.06
C GLN A 94 -12.82 -2.77 4.11
N GLU A 95 -12.22 -2.77 5.30
CA GLU A 95 -12.54 -1.96 6.50
C GLU A 95 -11.22 -1.52 7.13
N LEU A 96 -10.39 -2.51 7.44
CA LEU A 96 -8.98 -2.39 7.75
C LEU A 96 -8.22 -1.64 6.65
N ALA A 97 -8.55 -1.93 5.40
CA ALA A 97 -8.00 -1.21 4.26
C ALA A 97 -8.51 0.25 4.19
N GLU A 98 -9.60 0.57 4.88
CA GLU A 98 -10.23 1.90 4.86
C GLU A 98 -9.69 2.74 6.01
N LYS A 99 -9.30 2.05 7.11
CA LYS A 99 -8.58 2.62 8.23
C LYS A 99 -7.18 3.05 7.77
N ALA A 100 -6.59 2.25 6.88
CA ALA A 100 -5.29 2.47 6.26
C ALA A 100 -5.17 3.67 5.30
N LEU A 101 -6.18 3.97 4.48
CA LEU A 101 -6.30 5.30 3.82
C LEU A 101 -6.19 6.48 4.79
N GLY A 102 -6.50 6.26 6.06
CA GLY A 102 -6.32 7.20 7.13
C GLY A 102 -4.85 7.55 7.47
N LYS A 103 -3.86 6.76 7.04
CA LYS A 103 -2.40 7.02 7.19
C LYS A 103 -1.82 8.09 6.25
N HIS A 104 -2.67 8.90 5.62
CA HIS A 104 -2.44 9.94 4.59
C HIS A 104 -1.37 11.04 4.86
N LYS A 105 -0.60 10.95 5.93
CA LYS A 105 0.30 12.01 6.44
C LYS A 105 1.55 11.48 7.17
N GLU A 106 1.91 10.21 6.95
CA GLU A 106 2.88 9.45 7.75
C GLU A 106 4.14 9.07 6.94
N ARG A 107 5.01 8.22 7.49
CA ARG A 107 6.39 7.98 7.07
C ARG A 107 6.71 6.48 7.11
N ILE A 108 7.65 6.06 6.25
CA ILE A 108 8.02 4.66 6.03
C ILE A 108 9.48 4.37 6.41
N GLY A 109 10.39 5.31 6.13
CA GLY A 109 11.82 5.21 6.47
C GLY A 109 12.44 6.60 6.56
N HIS A 110 12.75 7.21 5.40
CA HIS A 110 13.14 8.63 5.30
C HIS A 110 12.05 9.51 4.65
N ARG A 111 11.08 8.93 3.94
CA ARG A 111 10.01 9.61 3.20
C ARG A 111 8.62 9.10 3.52
N TYR A 112 7.65 9.68 2.83
CA TYR A 112 6.56 10.45 3.42
C TYR A 112 5.35 10.29 2.49
N ILE A 113 4.29 9.68 3.00
CA ILE A 113 3.55 8.71 2.19
C ILE A 113 2.06 9.06 2.05
N GLU A 114 1.66 9.04 0.78
CA GLU A 114 0.30 9.05 0.26
C GLU A 114 -0.38 7.68 0.38
N VAL A 115 -1.71 7.66 0.47
CA VAL A 115 -2.53 6.44 0.41
C VAL A 115 -3.82 6.66 -0.37
N PHE A 116 -4.15 5.71 -1.26
CA PHE A 116 -5.30 5.71 -2.15
C PHE A 116 -5.94 4.31 -2.20
N LYS A 117 -7.24 4.25 -2.49
CA LYS A 117 -7.98 3.00 -2.54
C LYS A 117 -7.67 2.22 -3.81
N SER A 118 -7.67 0.90 -3.68
CA SER A 118 -7.13 0.00 -4.69
C SER A 118 -7.82 -1.37 -4.65
N SER A 119 -7.57 -2.19 -5.67
CA SER A 119 -7.91 -3.63 -5.72
C SER A 119 -6.90 -4.40 -6.59
N GLN A 120 -6.81 -5.72 -6.38
CA GLN A 120 -6.01 -6.82 -7.00
C GLN A 120 -5.67 -6.74 -8.51
N GLU A 121 -6.11 -5.74 -9.23
CA GLU A 121 -5.94 -5.60 -10.69
C GLU A 121 -5.42 -4.22 -11.13
N GLU A 122 -5.39 -3.25 -10.21
CA GLU A 122 -4.56 -2.06 -10.34
C GLU A 122 -3.14 -2.40 -9.86
N VAL A 123 -3.07 -3.35 -8.91
CA VAL A 123 -1.95 -3.53 -8.01
C VAL A 123 -0.80 -4.30 -8.64
N ARG A 124 -1.14 -5.19 -9.59
CA ARG A 124 -0.21 -6.03 -10.34
C ARG A 124 0.37 -5.27 -11.55
N SER A 125 0.87 -4.07 -11.29
CA SER A 125 1.32 -3.08 -12.30
C SER A 125 2.58 -3.52 -13.08
N TYR A 126 3.16 -4.68 -12.73
CA TYR A 126 4.42 -5.24 -13.24
C TYR A 126 4.42 -6.77 -13.44
N ASN A 35 -12.59 -4.29 -6.29
CA ASN A 35 -12.23 -3.96 -7.68
C ASN A 35 -12.38 -2.44 -7.89
N SER A 36 -11.40 -1.76 -8.51
CA SER A 36 -11.22 -0.30 -8.66
C SER A 36 -11.12 0.54 -7.37
N ALA A 37 -11.84 0.15 -6.32
CA ALA A 37 -11.85 0.72 -4.97
C ALA A 37 -12.56 -0.20 -3.96
N ASP A 38 -13.65 -0.87 -4.37
CA ASP A 38 -14.59 -1.53 -3.46
C ASP A 38 -15.09 -2.91 -3.94
N SER A 39 -15.59 -3.68 -2.97
CA SER A 39 -15.96 -5.11 -2.98
C SER A 39 -16.22 -5.55 -1.52
N ALA A 40 -16.42 -6.84 -1.25
CA ALA A 40 -16.56 -7.38 0.09
C ALA A 40 -15.24 -7.48 0.88
N ASN A 41 -14.13 -7.78 0.19
CA ASN A 41 -12.88 -8.18 0.88
C ASN A 41 -11.55 -7.78 0.23
N ASP A 42 -11.50 -7.60 -1.08
CA ASP A 42 -10.31 -7.18 -1.85
C ASP A 42 -9.97 -5.68 -1.69
N GLY A 43 -9.86 -5.24 -0.44
CA GLY A 43 -9.36 -3.95 0.00
C GLY A 43 -7.85 -3.87 -0.10
N PHE A 44 -7.35 -3.25 -1.17
CA PHE A 44 -5.94 -2.98 -1.33
C PHE A 44 -5.75 -1.49 -1.14
N VAL A 45 -4.50 -1.10 -0.95
CA VAL A 45 -4.17 0.29 -0.70
C VAL A 45 -2.83 0.64 -1.33
N ARG A 46 -2.84 1.58 -2.28
CA ARG A 46 -1.67 2.01 -3.02
C ARG A 46 -0.93 3.16 -2.33
N LEU A 47 0.38 3.03 -2.29
CA LEU A 47 1.36 4.00 -1.85
C LEU A 47 2.10 4.59 -3.06
N ARG A 48 2.58 5.83 -2.92
CA ARG A 48 3.29 6.60 -3.95
C ARG A 48 4.13 7.68 -3.27
N GLY A 49 5.25 7.28 -2.69
CA GLY A 49 5.93 8.14 -1.72
C GLY A 49 7.29 7.66 -1.22
N LEU A 50 7.66 6.40 -1.46
CA LEU A 50 8.58 5.69 -0.60
C LEU A 50 10.06 6.12 -0.82
N PRO A 51 10.88 6.02 0.23
CA PRO A 51 12.30 6.39 0.25
C PRO A 51 13.19 5.37 -0.45
N PHE A 52 14.47 5.71 -0.55
CA PHE A 52 15.46 4.91 -1.25
C PHE A 52 15.73 3.58 -0.51
N GLY A 53 15.76 2.48 -1.26
CA GLY A 53 15.81 1.12 -0.71
C GLY A 53 14.52 0.67 0.03
N CYS A 54 13.37 1.35 -0.13
CA CYS A 54 12.14 0.95 0.54
C CYS A 54 11.70 -0.49 0.18
N THR A 55 10.99 -1.16 1.09
CA THR A 55 10.56 -2.54 0.95
C THR A 55 9.21 -2.77 1.63
N LYS A 56 8.60 -3.91 1.31
CA LYS A 56 7.37 -4.43 1.86
C LYS A 56 7.33 -4.37 3.38
N GLU A 57 8.38 -4.72 4.09
CA GLU A 57 8.44 -4.67 5.55
C GLU A 57 8.41 -3.24 6.12
N GLU A 58 8.70 -2.19 5.35
CA GLU A 58 8.43 -0.83 5.81
C GLU A 58 6.95 -0.49 5.62
N ILE A 59 6.27 -1.14 4.68
CA ILE A 59 4.80 -1.15 4.61
C ILE A 59 4.20 -2.00 5.74
N VAL A 60 4.86 -3.11 6.09
CA VAL A 60 4.56 -3.89 7.31
C VAL A 60 4.74 -3.08 8.61
N GLN A 61 5.47 -1.95 8.61
CA GLN A 61 5.43 -0.97 9.73
C GLN A 61 4.51 0.21 9.47
N PHE A 62 4.27 0.53 8.21
CA PHE A 62 3.31 1.54 7.79
C PHE A 62 1.91 1.18 8.26
N PHE A 63 1.55 -0.10 8.14
CA PHE A 63 0.38 -0.71 8.76
C PHE A 63 0.71 -1.83 9.74
N SER A 64 1.75 -1.67 10.59
CA SER A 64 1.85 -2.36 11.90
C SER A 64 0.77 -1.84 12.87
N GLY A 65 -0.48 -2.11 12.51
CA GLY A 65 -1.66 -1.37 12.93
C GLY A 65 -2.95 -2.12 12.63
N LEU A 66 -3.00 -2.75 11.44
CA LEU A 66 -4.19 -3.33 10.82
C LEU A 66 -3.87 -4.69 10.18
N GLU A 67 -4.86 -5.56 10.05
CA GLU A 67 -4.71 -6.92 9.51
C GLU A 67 -4.51 -6.92 7.98
N ILE A 68 -3.62 -7.80 7.50
CA ILE A 68 -3.13 -7.94 6.13
C ILE A 68 -2.93 -9.45 5.88
N VAL A 69 -3.44 -9.96 4.75
CA VAL A 69 -3.19 -11.37 4.35
C VAL A 69 -1.67 -11.63 4.12
N PRO A 70 -1.15 -12.85 4.29
CA PRO A 70 0.29 -13.09 4.49
C PRO A 70 1.32 -12.53 3.49
N ASN A 71 0.96 -12.27 2.23
CA ASN A 71 1.73 -11.48 1.28
C ASN A 71 0.84 -10.46 0.56
N GLY A 72 -0.05 -9.83 1.34
CA GLY A 72 -0.96 -8.77 0.89
C GLY A 72 -0.27 -7.58 0.23
N ILE A 73 0.98 -7.30 0.61
CA ILE A 73 1.75 -6.10 0.26
C ILE A 73 2.52 -6.35 -1.07
N THR A 74 2.46 -5.43 -2.05
CA THR A 74 3.00 -5.59 -3.42
C THR A 74 3.88 -4.41 -3.86
N LEU A 75 5.06 -4.69 -4.42
CA LEU A 75 6.18 -3.75 -4.66
C LEU A 75 6.68 -3.78 -6.12
N PRO A 76 6.14 -2.90 -7.00
CA PRO A 76 6.56 -2.87 -8.40
C PRO A 76 7.87 -2.08 -8.64
N VAL A 77 7.86 -0.76 -8.40
CA VAL A 77 8.92 0.26 -8.64
C VAL A 77 8.53 1.57 -7.98
N ASP A 78 9.35 2.61 -8.03
CA ASP A 78 8.98 3.99 -7.76
C ASP A 78 8.31 4.71 -8.95
N PRO A 79 7.79 5.93 -8.71
CA PRO A 79 7.27 6.83 -9.76
C PRO A 79 8.23 7.23 -10.90
N GLU A 80 9.50 6.77 -10.92
CA GLU A 80 10.51 7.04 -11.96
C GLU A 80 11.13 5.74 -12.51
N GLY A 81 10.72 4.57 -11.99
CA GLY A 81 11.03 3.25 -12.55
C GLY A 81 12.47 2.77 -12.37
N LYS A 82 13.09 3.00 -11.21
CA LYS A 82 14.48 2.64 -10.87
C LYS A 82 14.58 1.86 -9.54
N ILE A 83 13.53 1.92 -8.70
CA ILE A 83 13.56 1.43 -7.31
C ILE A 83 12.25 0.79 -6.85
N THR A 84 11.53 1.39 -5.90
CA THR A 84 10.39 0.88 -5.11
C THR A 84 9.86 2.00 -4.22
N GLY A 85 9.33 3.05 -4.85
CA GLY A 85 8.74 4.26 -4.26
C GLY A 85 7.24 4.41 -4.54
N GLU A 86 6.62 3.41 -5.14
CA GLU A 86 5.19 3.15 -5.08
C GLU A 86 4.96 1.64 -4.84
N ALA A 87 3.79 1.32 -4.29
CA ALA A 87 3.46 0.02 -3.73
C ALA A 87 1.98 -0.09 -3.45
N PHE A 88 1.58 -1.23 -2.91
CA PHE A 88 0.20 -1.61 -2.75
C PHE A 88 0.07 -2.58 -1.56
N VAL A 89 -1.12 -2.72 -0.94
CA VAL A 89 -1.32 -3.65 0.19
C VAL A 89 -2.77 -4.07 0.40
N GLN A 90 -3.03 -5.38 0.33
CA GLN A 90 -4.29 -6.04 0.69
C GLN A 90 -4.33 -6.28 2.18
N PHE A 91 -5.47 -5.99 2.78
CA PHE A 91 -5.70 -6.18 4.21
C PHE A 91 -6.34 -7.56 4.46
N ALA A 92 -7.03 -7.78 5.57
CA ALA A 92 -8.01 -8.87 5.63
C ALA A 92 -9.40 -8.44 5.09
N SER A 93 -9.60 -7.15 4.77
CA SER A 93 -10.90 -6.64 4.29
C SER A 93 -10.84 -5.33 3.48
N GLN A 94 -11.96 -4.99 2.81
CA GLN A 94 -12.23 -3.67 2.23
C GLN A 94 -12.30 -2.51 3.25
N GLU A 95 -12.43 -2.84 4.53
CA GLU A 95 -12.77 -1.92 5.62
C GLU A 95 -11.57 -1.60 6.48
N LEU A 96 -10.86 -2.65 6.88
CA LEU A 96 -9.50 -2.58 7.35
C LEU A 96 -8.60 -1.78 6.42
N ALA A 97 -8.84 -1.90 5.12
CA ALA A 97 -8.10 -1.12 4.12
C ALA A 97 -8.48 0.36 4.14
N GLU A 98 -9.67 0.71 4.62
CA GLU A 98 -10.28 2.06 4.64
C GLU A 98 -9.85 2.81 5.90
N LYS A 99 -9.67 2.06 6.99
CA LYS A 99 -9.09 2.51 8.26
C LYS A 99 -7.66 3.02 8.04
N ALA A 100 -6.96 2.28 7.19
CA ALA A 100 -5.59 2.50 6.78
C ALA A 100 -5.36 3.78 5.96
N LEU A 101 -6.22 4.08 4.99
CA LEU A 101 -6.19 5.37 4.26
C LEU A 101 -6.27 6.60 5.16
N GLY A 102 -6.78 6.41 6.37
CA GLY A 102 -6.78 7.40 7.43
C GLY A 102 -5.39 7.95 7.83
N LYS A 103 -4.28 7.32 7.39
CA LYS A 103 -2.93 7.94 7.34
C LYS A 103 -2.91 9.28 6.60
N HIS A 104 -3.54 9.29 5.42
CA HIS A 104 -3.54 10.29 4.33
C HIS A 104 -2.15 10.76 3.82
N LYS A 105 -1.27 11.23 4.71
CA LYS A 105 0.11 11.69 4.43
C LYS A 105 0.98 11.35 5.66
N GLU A 106 1.85 10.34 5.55
CA GLU A 106 2.67 9.82 6.66
C GLU A 106 4.10 9.46 6.19
N ARG A 107 4.92 8.73 6.97
CA ARG A 107 6.30 8.35 6.60
C ARG A 107 6.61 6.86 6.80
N ILE A 108 7.55 6.37 5.99
CA ILE A 108 8.11 5.01 6.08
C ILE A 108 9.48 4.97 6.80
N GLY A 109 10.19 6.10 6.82
CA GLY A 109 11.49 6.25 7.51
C GLY A 109 12.07 7.66 7.39
N HIS A 110 12.18 8.17 6.15
CA HIS A 110 12.59 9.55 5.83
C HIS A 110 11.81 10.20 4.66
N ARG A 111 11.01 9.43 3.91
CA ARG A 111 10.05 9.94 2.92
C ARG A 111 8.64 9.45 3.19
N TYR A 112 7.75 9.88 2.31
CA TYR A 112 6.60 10.70 2.61
C TYR A 112 5.46 10.25 1.73
N ILE A 113 4.49 9.61 2.37
CA ILE A 113 3.77 8.49 1.79
C ILE A 113 2.29 8.85 1.65
N GLU A 114 1.90 8.86 0.40
CA GLU A 114 0.55 8.86 -0.15
C GLU A 114 -0.24 7.59 0.21
N VAL A 115 -1.58 7.69 0.21
CA VAL A 115 -2.47 6.52 0.24
C VAL A 115 -3.69 6.73 -0.67
N PHE A 116 -4.00 5.72 -1.49
CA PHE A 116 -5.16 5.67 -2.39
C PHE A 116 -5.78 4.27 -2.35
N LYS A 117 -7.10 4.19 -2.45
CA LYS A 117 -7.82 2.91 -2.43
C LYS A 117 -7.61 2.14 -3.73
N SER A 118 -7.70 0.82 -3.61
CA SER A 118 -7.14 -0.09 -4.61
C SER A 118 -7.75 -1.49 -4.52
N SER A 119 -7.45 -2.34 -5.50
CA SER A 119 -7.77 -3.78 -5.54
C SER A 119 -6.81 -4.55 -6.46
N GLN A 120 -6.76 -5.89 -6.30
CA GLN A 120 -6.02 -6.97 -7.00
C GLN A 120 -5.81 -6.90 -8.54
N GLU A 121 -6.19 -5.82 -9.22
CA GLU A 121 -5.79 -5.58 -10.62
C GLU A 121 -5.50 -4.14 -11.04
N GLU A 122 -5.60 -3.22 -10.09
CA GLU A 122 -4.95 -1.90 -10.20
C GLU A 122 -3.55 -1.94 -9.58
N VAL A 123 -3.35 -2.95 -8.71
CA VAL A 123 -2.14 -3.26 -7.96
C VAL A 123 -1.13 -4.09 -8.75
N ARG A 124 -1.65 -4.80 -9.76
CA ARG A 124 -1.02 -5.85 -10.56
C ARG A 124 -0.18 -5.32 -11.73
N SER A 125 0.51 -4.21 -11.49
CA SER A 125 1.62 -3.73 -12.33
C SER A 125 2.85 -4.69 -12.27
N TYR A 126 2.77 -5.74 -11.43
CA TYR A 126 3.86 -6.67 -11.12
C TYR A 126 3.28 -8.10 -10.88
N ASN A 35 -10.26 -4.43 -11.79
CA ASN A 35 -11.37 -4.49 -10.80
C ASN A 35 -11.99 -3.11 -10.64
N SER A 36 -11.42 -2.23 -9.81
CA SER A 36 -12.04 -0.95 -9.38
C SER A 36 -11.14 -0.16 -8.41
N ALA A 37 -11.53 1.08 -8.08
CA ALA A 37 -10.96 1.84 -6.96
C ALA A 37 -11.54 1.43 -5.58
N ASP A 38 -12.69 0.74 -5.54
CA ASP A 38 -13.37 0.31 -4.30
C ASP A 38 -14.23 -0.96 -4.54
N SER A 39 -14.49 -1.75 -3.49
CA SER A 39 -15.10 -3.08 -3.57
C SER A 39 -15.79 -3.51 -2.25
N ALA A 40 -15.33 -4.61 -1.61
CA ALA A 40 -15.81 -5.14 -0.34
C ALA A 40 -14.75 -5.99 0.41
N ASN A 41 -14.00 -6.83 -0.32
CA ASN A 41 -13.15 -7.87 0.26
C ASN A 41 -11.68 -7.84 -0.16
N ASP A 42 -11.45 -7.59 -1.44
CA ASP A 42 -10.15 -7.37 -2.09
C ASP A 42 -9.59 -5.95 -1.82
N GLY A 43 -9.74 -5.55 -0.56
CA GLY A 43 -9.26 -4.32 0.06
C GLY A 43 -7.79 -4.05 -0.11
N PHE A 44 -7.41 -3.21 -1.07
CA PHE A 44 -6.02 -2.89 -1.32
C PHE A 44 -5.81 -1.42 -1.05
N VAL A 45 -4.55 -1.06 -0.86
CA VAL A 45 -4.17 0.32 -0.65
C VAL A 45 -2.85 0.63 -1.30
N ARG A 46 -2.83 1.66 -2.15
CA ARG A 46 -1.67 2.10 -2.91
C ARG A 46 -0.92 3.19 -2.17
N LEU A 47 0.40 3.13 -2.27
CA LEU A 47 1.39 4.08 -1.82
C LEU A 47 2.03 4.80 -3.00
N ARG A 48 2.54 6.01 -2.78
CA ARG A 48 3.32 6.79 -3.76
C ARG A 48 4.22 7.80 -3.06
N GLY A 49 5.34 7.35 -2.50
CA GLY A 49 6.21 8.25 -1.71
C GLY A 49 7.64 7.76 -1.38
N LEU A 50 7.86 6.46 -1.58
CA LEU A 50 8.84 5.60 -0.92
C LEU A 50 10.34 5.92 -1.17
N PRO A 51 11.23 5.44 -0.27
CA PRO A 51 12.66 5.73 -0.22
C PRO A 51 13.51 4.86 -1.16
N PHE A 52 14.75 5.30 -1.31
CA PHE A 52 15.82 4.71 -2.10
C PHE A 52 16.28 3.38 -1.47
N GLY A 53 15.76 2.28 -2.00
CA GLY A 53 15.85 0.93 -1.43
C GLY A 53 14.62 0.48 -0.62
N CYS A 54 13.42 1.05 -0.84
CA CYS A 54 12.21 0.67 -0.10
C CYS A 54 11.91 -0.85 -0.12
N THR A 55 11.22 -1.37 0.91
CA THR A 55 10.87 -2.79 0.98
C THR A 55 9.49 -3.01 1.60
N LYS A 56 8.92 -4.19 1.33
CA LYS A 56 7.65 -4.68 1.83
C LYS A 56 7.49 -4.42 3.32
N GLU A 57 8.49 -4.70 4.14
CA GLU A 57 8.51 -4.50 5.58
C GLU A 57 8.44 -3.03 6.04
N GLU A 58 8.62 -2.04 5.15
CA GLU A 58 8.36 -0.66 5.50
C GLU A 58 6.87 -0.39 5.35
N ILE A 59 6.24 -1.04 4.37
CA ILE A 59 4.75 -1.11 4.34
C ILE A 59 4.20 -1.94 5.51
N VAL A 60 4.85 -3.06 5.84
CA VAL A 60 4.56 -3.83 7.06
C VAL A 60 4.71 -3.02 8.36
N GLN A 61 5.48 -1.91 8.38
CA GLN A 61 5.47 -0.98 9.53
C GLN A 61 4.49 0.18 9.37
N PHE A 62 4.19 0.52 8.12
CA PHE A 62 3.24 1.55 7.75
C PHE A 62 1.84 1.19 8.25
N PHE A 63 1.42 -0.04 7.97
CA PHE A 63 0.16 -0.62 8.41
C PHE A 63 0.36 -1.79 9.40
N SER A 64 1.43 -1.74 10.22
CA SER A 64 1.49 -2.50 11.48
C SER A 64 0.27 -2.20 12.39
N GLY A 65 -0.39 -1.07 12.14
CA GLY A 65 -1.69 -0.69 12.70
C GLY A 65 -2.82 -1.72 12.51
N LEU A 66 -2.81 -2.47 11.40
CA LEU A 66 -4.01 -3.10 10.82
C LEU A 66 -3.74 -4.54 10.33
N GLU A 67 -4.80 -5.24 9.89
CA GLU A 67 -4.76 -6.63 9.47
C GLU A 67 -4.64 -6.76 7.94
N ILE A 68 -3.53 -7.39 7.54
CA ILE A 68 -3.06 -7.65 6.18
C ILE A 68 -3.00 -9.18 5.99
N VAL A 69 -3.49 -9.69 4.86
CA VAL A 69 -3.38 -11.14 4.54
C VAL A 69 -1.91 -11.57 4.37
N PRO A 70 -1.53 -12.83 4.61
CA PRO A 70 -0.14 -13.25 4.89
C PRO A 70 1.04 -12.84 4.00
N ASN A 71 0.83 -12.33 2.78
CA ASN A 71 1.88 -11.77 1.90
C ASN A 71 1.45 -10.43 1.28
N GLY A 72 0.37 -9.82 1.79
CA GLY A 72 -0.59 -8.93 1.09
C GLY A 72 -0.05 -7.73 0.29
N ILE A 73 1.21 -7.38 0.46
CA ILE A 73 1.86 -6.14 0.05
C ILE A 73 2.55 -6.34 -1.34
N THR A 74 2.42 -5.41 -2.30
CA THR A 74 3.05 -5.51 -3.66
C THR A 74 3.95 -4.31 -4.00
N LEU A 75 5.13 -4.58 -4.58
CA LEU A 75 6.23 -3.64 -4.89
C LEU A 75 6.60 -3.66 -6.38
N PRO A 76 6.08 -2.72 -7.20
CA PRO A 76 6.44 -2.63 -8.60
C PRO A 76 7.77 -1.85 -8.85
N VAL A 77 7.69 -0.52 -8.96
CA VAL A 77 8.76 0.49 -9.14
C VAL A 77 8.21 1.84 -8.64
N ASP A 78 9.00 2.91 -8.64
CA ASP A 78 8.60 4.29 -8.37
C ASP A 78 7.82 4.97 -9.52
N PRO A 79 7.34 6.20 -9.29
CA PRO A 79 6.68 7.05 -10.28
C PRO A 79 7.47 7.38 -11.58
N GLU A 80 8.75 7.02 -11.72
CA GLU A 80 9.54 7.23 -12.95
C GLU A 80 10.02 5.90 -13.56
N GLY A 81 10.25 4.88 -12.71
CA GLY A 81 10.32 3.47 -13.12
C GLY A 81 11.71 2.84 -13.03
N LYS A 82 12.50 3.18 -12.00
CA LYS A 82 13.88 2.70 -11.80
C LYS A 82 14.13 2.15 -10.39
N ILE A 83 13.14 2.20 -9.49
CA ILE A 83 13.26 1.73 -8.10
C ILE A 83 12.03 1.01 -7.53
N THR A 84 11.21 1.69 -6.72
CA THR A 84 10.16 1.23 -5.79
C THR A 84 9.78 2.39 -4.85
N GLY A 85 9.11 3.40 -5.42
CA GLY A 85 8.52 4.58 -4.78
C GLY A 85 7.02 4.72 -4.94
N GLU A 86 6.37 3.67 -5.44
CA GLU A 86 4.96 3.36 -5.25
C GLU A 86 4.83 1.84 -5.03
N ALA A 87 3.72 1.43 -4.42
CA ALA A 87 3.45 0.09 -3.91
C ALA A 87 1.98 -0.02 -3.55
N PHE A 88 1.59 -1.19 -3.06
CA PHE A 88 0.21 -1.57 -2.87
C PHE A 88 0.09 -2.57 -1.71
N VAL A 89 -1.09 -2.77 -1.10
CA VAL A 89 -1.27 -3.71 0.02
C VAL A 89 -2.70 -4.16 0.29
N GLN A 90 -2.94 -5.48 0.32
CA GLN A 90 -4.21 -6.14 0.61
C GLN A 90 -4.40 -6.37 2.11
N PHE A 91 -5.61 -6.15 2.59
CA PHE A 91 -6.02 -6.35 3.97
C PHE A 91 -6.96 -7.56 4.09
N ALA A 92 -7.53 -7.88 5.25
CA ALA A 92 -8.60 -8.88 5.28
C ALA A 92 -9.94 -8.38 4.70
N SER A 93 -10.05 -7.07 4.43
CA SER A 93 -11.25 -6.43 3.91
C SER A 93 -10.97 -5.05 3.30
N GLN A 94 -11.87 -4.57 2.43
CA GLN A 94 -11.86 -3.21 1.85
C GLN A 94 -12.27 -2.10 2.86
N GLU A 95 -12.56 -2.49 4.09
CA GLU A 95 -12.84 -1.62 5.25
C GLU A 95 -11.57 -1.41 6.10
N LEU A 96 -10.88 -2.49 6.44
CA LEU A 96 -9.54 -2.47 7.02
C LEU A 96 -8.56 -1.70 6.15
N ALA A 97 -8.72 -1.83 4.83
CA ALA A 97 -7.96 -1.07 3.87
C ALA A 97 -8.27 0.44 3.94
N GLU A 98 -9.46 0.84 4.42
CA GLU A 98 -9.94 2.24 4.49
C GLU A 98 -9.56 2.89 5.83
N LYS A 99 -9.41 2.07 6.86
CA LYS A 99 -8.79 2.42 8.13
C LYS A 99 -7.34 2.84 7.89
N ALA A 100 -6.72 2.15 6.94
CA ALA A 100 -5.40 2.41 6.39
C ALA A 100 -5.29 3.64 5.46
N LEU A 101 -6.28 3.90 4.59
CA LEU A 101 -6.42 5.23 3.96
C LEU A 101 -6.48 6.35 4.99
N GLY A 102 -7.07 6.07 6.15
CA GLY A 102 -7.12 6.93 7.32
C GLY A 102 -5.75 7.40 7.87
N LYS A 103 -4.63 6.78 7.45
CA LYS A 103 -3.26 7.32 7.63
C LYS A 103 -3.06 8.70 6.98
N HIS A 104 -3.65 8.89 5.80
CA HIS A 104 -3.58 10.03 4.86
C HIS A 104 -2.19 10.56 4.46
N LYS A 105 -1.26 10.79 5.40
CA LYS A 105 0.11 11.26 5.15
C LYS A 105 1.04 10.88 6.32
N GLU A 106 2.08 10.09 6.04
CA GLU A 106 3.06 9.60 7.03
C GLU A 106 4.44 9.36 6.35
N ARG A 107 5.22 8.37 6.81
CA ARG A 107 6.58 8.00 6.39
C ARG A 107 6.76 6.48 6.52
N ILE A 108 7.58 5.90 5.64
CA ILE A 108 7.74 4.44 5.45
C ILE A 108 9.16 3.98 5.84
N GLY A 109 10.17 4.80 5.56
CA GLY A 109 11.58 4.58 5.90
C GLY A 109 12.24 5.94 6.17
N HIS A 110 13.23 6.35 5.39
CA HIS A 110 13.69 7.75 5.33
C HIS A 110 12.58 8.68 4.79
N ARG A 111 11.87 8.26 3.73
CA ARG A 111 10.94 9.10 2.96
C ARG A 111 9.49 8.98 3.40
N TYR A 112 8.64 9.70 2.67
CA TYR A 112 7.46 10.39 3.14
C TYR A 112 6.29 10.12 2.19
N ILE A 113 5.26 9.46 2.73
CA ILE A 113 4.37 8.54 2.02
C ILE A 113 2.90 8.98 2.13
N GLU A 114 2.16 8.49 1.14
CA GLU A 114 0.83 8.86 0.67
C GLU A 114 -0.07 7.62 0.59
N VAL A 115 -1.39 7.78 0.59
CA VAL A 115 -2.32 6.64 0.45
C VAL A 115 -3.54 6.90 -0.45
N PHE A 116 -3.92 5.87 -1.21
CA PHE A 116 -5.03 5.86 -2.18
C PHE A 116 -5.68 4.47 -2.21
N LYS A 117 -6.98 4.39 -2.50
CA LYS A 117 -7.74 3.14 -2.51
C LYS A 117 -7.56 2.36 -3.79
N SER A 118 -7.69 1.04 -3.65
CA SER A 118 -7.18 0.08 -4.63
C SER A 118 -7.89 -1.28 -4.52
N SER A 119 -7.73 -2.11 -5.55
CA SER A 119 -8.16 -3.53 -5.60
C SER A 119 -7.21 -4.38 -6.43
N GLN A 120 -7.19 -5.69 -6.17
CA GLN A 120 -6.38 -6.82 -6.66
C GLN A 120 -6.01 -6.93 -8.17
N GLU A 121 -6.37 -5.97 -9.01
CA GLU A 121 -5.96 -5.88 -10.41
C GLU A 121 -5.32 -4.50 -10.74
N GLU A 122 -5.61 -3.47 -9.96
CA GLU A 122 -5.08 -2.11 -10.11
C GLU A 122 -3.68 -2.00 -9.47
N VAL A 123 -3.24 -3.11 -8.86
CA VAL A 123 -2.20 -3.25 -7.86
C VAL A 123 -1.03 -4.13 -8.32
N ARG A 124 -1.30 -5.05 -9.26
CA ARG A 124 -0.31 -5.99 -9.84
C ARG A 124 0.37 -5.39 -11.07
N SER A 125 0.88 -4.16 -10.90
CA SER A 125 1.59 -3.35 -11.90
C SER A 125 2.98 -3.90 -12.28
N TYR A 126 3.35 -5.10 -11.83
CA TYR A 126 4.66 -5.75 -11.97
C TYR A 126 4.52 -7.28 -12.08
N ASN A 35 -14.20 -5.10 -5.57
CA ASN A 35 -13.39 -4.13 -6.34
C ASN A 35 -13.27 -2.82 -5.54
N SER A 36 -12.72 -1.76 -6.14
CA SER A 36 -12.01 -0.66 -5.45
C SER A 36 -12.67 -0.08 -4.19
N ALA A 37 -13.99 0.14 -4.17
CA ALA A 37 -14.70 0.83 -3.08
C ALA A 37 -16.06 0.16 -2.78
N ASP A 38 -16.10 -1.16 -2.89
CA ASP A 38 -17.29 -2.00 -3.06
C ASP A 38 -17.03 -3.47 -2.66
N SER A 39 -18.02 -4.32 -2.92
CA SER A 39 -18.01 -5.79 -2.73
C SER A 39 -16.64 -6.46 -2.97
N ALA A 40 -15.93 -6.95 -1.95
CA ALA A 40 -16.29 -6.98 -0.51
C ALA A 40 -15.09 -7.08 0.45
N ASN A 41 -14.02 -7.78 0.04
CA ASN A 41 -12.90 -8.15 0.92
C ASN A 41 -11.52 -7.76 0.37
N ASP A 42 -11.44 -7.54 -0.94
CA ASP A 42 -10.30 -7.13 -1.75
C ASP A 42 -9.89 -5.66 -1.55
N GLY A 43 -9.83 -5.25 -0.29
CA GLY A 43 -9.33 -3.99 0.21
C GLY A 43 -7.82 -3.91 0.04
N PHE A 44 -7.37 -3.32 -1.07
CA PHE A 44 -5.97 -3.04 -1.31
C PHE A 44 -5.76 -1.55 -1.10
N VAL A 45 -4.50 -1.18 -0.91
CA VAL A 45 -4.16 0.21 -0.65
C VAL A 45 -2.83 0.56 -1.27
N ARG A 46 -2.82 1.56 -2.14
CA ARG A 46 -1.65 1.97 -2.90
C ARG A 46 -0.92 3.10 -2.22
N LEU A 47 0.38 2.94 -2.16
CA LEU A 47 1.36 3.94 -1.80
C LEU A 47 1.90 4.67 -3.01
N ARG A 48 2.30 5.90 -2.73
CA ARG A 48 3.41 6.60 -3.37
C ARG A 48 4.18 7.27 -2.25
N GLY A 49 5.49 7.21 -2.24
CA GLY A 49 6.28 8.26 -1.58
C GLY A 49 7.75 7.88 -1.35
N LEU A 50 7.95 6.57 -1.41
CA LEU A 50 8.96 5.76 -0.76
C LEU A 50 10.42 6.20 -1.02
N PRO A 51 11.30 5.98 -0.04
CA PRO A 51 12.74 6.27 -0.06
C PRO A 51 13.54 5.27 -0.89
N PHE A 52 14.84 5.54 -1.03
CA PHE A 52 15.74 4.70 -1.79
C PHE A 52 15.94 3.32 -1.15
N GLY A 53 15.89 2.27 -1.98
CA GLY A 53 15.82 0.87 -1.54
C GLY A 53 14.60 0.52 -0.68
N CYS A 54 13.49 1.28 -0.73
CA CYS A 54 12.30 0.97 0.09
C CYS A 54 11.77 -0.45 -0.16
N THR A 55 11.14 -1.05 0.86
CA THR A 55 10.69 -2.45 0.84
C THR A 55 9.38 -2.64 1.57
N LYS A 56 8.77 -3.80 1.33
CA LYS A 56 7.58 -4.33 1.94
C LYS A 56 7.57 -4.18 3.46
N GLU A 57 8.66 -4.39 4.18
CA GLU A 57 8.73 -4.25 5.63
C GLU A 57 8.64 -2.79 6.13
N GLU A 58 8.87 -1.79 5.28
CA GLU A 58 8.55 -0.41 5.64
C GLU A 58 7.05 -0.20 5.49
N ILE A 59 6.40 -0.90 4.56
CA ILE A 59 4.93 -0.98 4.49
C ILE A 59 4.35 -1.80 5.66
N VAL A 60 5.04 -2.87 6.06
CA VAL A 60 4.75 -3.66 7.26
C VAL A 60 4.91 -2.85 8.56
N GLN A 61 5.60 -1.71 8.56
CA GLN A 61 5.54 -0.76 9.69
C GLN A 61 4.55 0.39 9.42
N PHE A 62 4.28 0.67 8.15
CA PHE A 62 3.34 1.70 7.69
C PHE A 62 1.94 1.37 8.21
N PHE A 63 1.52 0.12 8.00
CA PHE A 63 0.27 -0.46 8.47
C PHE A 63 0.48 -1.61 9.47
N SER A 64 1.55 -1.53 10.27
CA SER A 64 1.61 -2.25 11.57
C SER A 64 0.37 -2.04 12.45
N GLY A 65 -0.34 -0.94 12.21
CA GLY A 65 -1.67 -0.64 12.74
C GLY A 65 -2.71 -1.77 12.59
N LEU A 66 -2.68 -2.50 11.46
CA LEU A 66 -3.85 -3.20 10.91
C LEU A 66 -3.53 -4.60 10.38
N GLU A 67 -4.58 -5.38 10.08
CA GLU A 67 -4.52 -6.75 9.62
C GLU A 67 -4.44 -6.85 8.08
N ILE A 68 -3.45 -7.60 7.63
CA ILE A 68 -3.03 -7.81 6.23
C ILE A 68 -2.94 -9.33 6.00
N VAL A 69 -3.47 -9.82 4.87
CA VAL A 69 -3.37 -11.26 4.52
C VAL A 69 -1.90 -11.68 4.27
N PRO A 70 -1.52 -12.95 4.46
CA PRO A 70 -0.12 -13.41 4.46
C PRO A 70 0.78 -13.12 3.23
N ASN A 71 0.25 -12.59 2.13
CA ASN A 71 1.02 -12.17 0.95
C ASN A 71 0.68 -10.72 0.53
N GLY A 72 -0.02 -9.96 1.38
CA GLY A 72 -0.89 -8.84 0.96
C GLY A 72 -0.19 -7.68 0.25
N ILE A 73 1.08 -7.43 0.55
CA ILE A 73 1.81 -6.21 0.19
C ILE A 73 2.56 -6.44 -1.16
N THR A 74 2.48 -5.52 -2.13
CA THR A 74 3.12 -5.63 -3.48
C THR A 74 4.02 -4.43 -3.80
N LEU A 75 5.24 -4.70 -4.30
CA LEU A 75 6.32 -3.73 -4.61
C LEU A 75 6.72 -3.81 -6.09
N PRO A 76 6.13 -2.99 -6.97
CA PRO A 76 6.49 -3.02 -8.38
C PRO A 76 7.75 -2.20 -8.70
N VAL A 77 7.70 -0.88 -8.51
CA VAL A 77 8.71 0.17 -8.83
C VAL A 77 8.26 1.50 -8.21
N ASP A 78 9.04 2.57 -8.29
CA ASP A 78 8.62 3.96 -8.12
C ASP A 78 7.81 4.51 -9.31
N PRO A 79 7.23 5.72 -9.14
CA PRO A 79 6.56 6.48 -10.21
C PRO A 79 7.41 6.81 -11.47
N GLU A 80 8.66 6.36 -11.60
CA GLU A 80 9.54 6.57 -12.76
C GLU A 80 10.16 5.23 -13.25
N GLY A 81 9.88 4.11 -12.59
CA GLY A 81 10.14 2.77 -13.10
C GLY A 81 11.59 2.28 -12.98
N LYS A 82 12.33 2.62 -11.91
CA LYS A 82 13.74 2.28 -11.73
C LYS A 82 14.05 1.69 -10.34
N ILE A 83 13.13 1.84 -9.38
CA ILE A 83 13.35 1.52 -7.96
C ILE A 83 12.11 0.90 -7.28
N THR A 84 11.47 1.59 -6.33
CA THR A 84 10.41 1.16 -5.41
C THR A 84 10.00 2.38 -4.58
N GLY A 85 9.17 3.23 -5.17
CA GLY A 85 8.57 4.45 -4.61
C GLY A 85 7.05 4.56 -4.75
N GLU A 86 6.45 3.51 -5.28
CA GLU A 86 5.03 3.18 -5.10
C GLU A 86 4.91 1.67 -4.88
N ALA A 87 3.77 1.26 -4.35
CA ALA A 87 3.51 -0.06 -3.79
C ALA A 87 2.04 -0.15 -3.41
N PHE A 88 1.66 -1.31 -2.88
CA PHE A 88 0.26 -1.67 -2.70
C PHE A 88 0.13 -2.66 -1.54
N VAL A 89 -1.06 -2.80 -0.93
CA VAL A 89 -1.27 -3.72 0.21
C VAL A 89 -2.72 -4.13 0.45
N GLN A 90 -2.96 -5.44 0.45
CA GLN A 90 -4.23 -6.11 0.69
C GLN A 90 -4.41 -6.47 2.15
N PHE A 91 -5.55 -6.09 2.71
CA PHE A 91 -5.90 -6.31 4.10
C PHE A 91 -6.78 -7.56 4.23
N ALA A 92 -7.41 -7.83 5.37
CA ALA A 92 -8.49 -8.82 5.41
C ALA A 92 -9.84 -8.29 4.87
N SER A 93 -9.99 -6.99 4.61
CA SER A 93 -11.28 -6.38 4.21
C SER A 93 -11.21 -4.99 3.56
N GLN A 94 -12.25 -4.62 2.80
CA GLN A 94 -12.62 -3.26 2.35
C GLN A 94 -13.12 -2.35 3.50
N GLU A 95 -12.42 -2.41 4.64
CA GLU A 95 -12.72 -1.70 5.90
C GLU A 95 -11.42 -1.40 6.65
N LEU A 96 -10.67 -2.45 6.93
CA LEU A 96 -9.27 -2.40 7.33
C LEU A 96 -8.44 -1.63 6.31
N ALA A 97 -8.71 -1.85 5.02
CA ALA A 97 -8.09 -1.09 3.95
C ALA A 97 -8.57 0.38 3.89
N GLU A 98 -9.65 0.71 4.59
CA GLU A 98 -10.23 2.07 4.64
C GLU A 98 -9.73 2.81 5.88
N LYS A 99 -9.45 2.07 6.95
CA LYS A 99 -8.76 2.54 8.14
C LYS A 99 -7.33 2.95 7.76
N ALA A 100 -6.74 2.21 6.82
CA ALA A 100 -5.43 2.44 6.24
C ALA A 100 -5.30 3.71 5.38
N LEU A 101 -6.24 3.99 4.47
CA LEU A 101 -6.33 5.35 3.88
C LEU A 101 -6.40 6.45 4.92
N GLY A 102 -7.02 6.16 6.06
CA GLY A 102 -7.12 7.04 7.22
C GLY A 102 -5.77 7.48 7.83
N LYS A 103 -4.64 6.88 7.44
CA LYS A 103 -3.27 7.39 7.69
C LYS A 103 -3.02 8.77 7.11
N HIS A 104 -3.56 9.03 5.92
CA HIS A 104 -3.44 10.22 5.06
C HIS A 104 -2.01 10.71 4.74
N LYS A 105 -1.20 11.05 5.75
CA LYS A 105 0.13 11.64 5.66
C LYS A 105 1.05 11.09 6.77
N GLU A 106 1.95 10.21 6.36
CA GLU A 106 2.97 9.56 7.19
C GLU A 106 4.26 9.32 6.39
N ARG A 107 5.15 8.45 6.89
CA ARG A 107 6.49 8.15 6.40
C ARG A 107 6.77 6.66 6.58
N ILE A 108 7.69 6.13 5.79
CA ILE A 108 7.85 4.68 5.60
C ILE A 108 9.30 4.24 5.93
N GLY A 109 10.31 5.02 5.55
CA GLY A 109 11.73 4.86 5.91
C GLY A 109 12.34 6.20 6.25
N HIS A 110 13.05 6.85 5.32
CA HIS A 110 13.37 8.28 5.40
C HIS A 110 12.20 9.16 4.91
N ARG A 111 11.61 8.82 3.75
CA ARG A 111 10.67 9.66 2.99
C ARG A 111 9.21 9.38 3.30
N TYR A 112 8.34 10.10 2.60
CA TYR A 112 7.06 10.63 3.08
C TYR A 112 5.94 10.34 2.07
N ILE A 113 4.86 9.70 2.54
CA ILE A 113 4.04 8.76 1.76
C ILE A 113 2.55 9.16 1.75
N GLU A 114 2.01 9.10 0.54
CA GLU A 114 0.62 9.09 0.09
C GLU A 114 -0.11 7.75 0.32
N VAL A 115 -1.45 7.79 0.39
CA VAL A 115 -2.32 6.60 0.36
C VAL A 115 -3.53 6.82 -0.55
N PHE A 116 -3.85 5.80 -1.35
CA PHE A 116 -4.95 5.76 -2.31
C PHE A 116 -5.61 4.38 -2.26
N LYS A 117 -6.90 4.29 -2.57
CA LYS A 117 -7.67 3.06 -2.47
C LYS A 117 -7.62 2.25 -3.76
N SER A 118 -7.59 0.92 -3.59
CA SER A 118 -7.09 -0.01 -4.58
C SER A 118 -7.80 -1.37 -4.50
N SER A 119 -7.62 -2.18 -5.53
CA SER A 119 -8.01 -3.60 -5.61
C SER A 119 -7.03 -4.39 -6.47
N GLN A 120 -7.05 -5.71 -6.28
CA GLN A 120 -6.32 -6.83 -6.90
C GLN A 120 -6.09 -6.83 -8.43
N GLU A 121 -6.47 -5.76 -9.12
CA GLU A 121 -6.43 -5.61 -10.59
C GLU A 121 -5.69 -4.34 -11.06
N GLU A 122 -5.45 -3.41 -10.14
CA GLU A 122 -4.81 -2.10 -10.34
C GLU A 122 -3.46 -2.04 -9.60
N VAL A 123 -3.33 -2.93 -8.62
CA VAL A 123 -2.20 -3.21 -7.74
C VAL A 123 -1.10 -4.03 -8.37
N ARG A 124 -1.48 -4.78 -9.41
CA ARG A 124 -0.63 -5.66 -10.18
C ARG A 124 -0.08 -4.90 -11.39
N SER A 125 0.73 -3.88 -11.10
CA SER A 125 1.48 -3.16 -12.15
C SER A 125 2.34 -4.13 -12.98
N TYR A 126 2.79 -5.20 -12.30
CA TYR A 126 3.19 -6.50 -12.82
C TYR A 126 2.08 -7.22 -13.61
N ASN A 35 -15.29 3.67 0.15
CA ASN A 35 -15.57 4.96 -0.51
C ASN A 35 -16.23 4.74 -1.89
N SER A 36 -15.45 4.61 -2.97
CA SER A 36 -15.91 4.32 -4.36
C SER A 36 -14.87 3.48 -5.13
N ALA A 37 -14.16 2.61 -4.42
CA ALA A 37 -13.14 1.66 -4.90
C ALA A 37 -13.31 0.34 -4.12
N ASP A 38 -14.53 -0.21 -4.17
CA ASP A 38 -15.13 -0.99 -3.07
C ASP A 38 -15.52 -2.43 -3.44
N SER A 39 -15.66 -3.27 -2.41
CA SER A 39 -15.96 -4.72 -2.42
C SER A 39 -16.33 -5.16 -0.99
N ALA A 40 -16.58 -6.46 -0.76
CA ALA A 40 -16.60 -7.06 0.57
C ALA A 40 -15.19 -7.35 1.13
N ASN A 41 -14.20 -7.60 0.26
CA ASN A 41 -12.89 -8.14 0.67
C ASN A 41 -11.65 -7.46 0.08
N ASP A 42 -11.74 -7.01 -1.16
CA ASP A 42 -10.55 -6.64 -1.98
C ASP A 42 -10.04 -5.22 -1.71
N GLY A 43 -9.83 -4.91 -0.42
CA GLY A 43 -9.22 -3.69 0.08
C GLY A 43 -7.72 -3.71 -0.11
N PHE A 44 -7.26 -3.23 -1.26
CA PHE A 44 -5.86 -2.94 -1.47
C PHE A 44 -5.68 -1.46 -1.17
N VAL A 45 -4.43 -1.05 -1.00
CA VAL A 45 -4.12 0.34 -0.76
C VAL A 45 -2.79 0.69 -1.40
N ARG A 46 -2.80 1.66 -2.31
CA ARG A 46 -1.61 2.07 -3.07
C ARG A 46 -0.90 3.26 -2.43
N LEU A 47 0.41 3.13 -2.40
CA LEU A 47 1.40 4.09 -1.94
C LEU A 47 2.11 4.71 -3.14
N ARG A 48 2.54 5.97 -3.03
CA ARG A 48 3.28 6.71 -4.08
C ARG A 48 4.14 7.78 -3.44
N GLY A 49 5.27 7.39 -2.88
CA GLY A 49 5.97 8.27 -1.93
C GLY A 49 7.26 7.76 -1.32
N LEU A 50 7.66 6.51 -1.61
CA LEU A 50 8.63 5.79 -0.80
C LEU A 50 10.09 6.21 -1.12
N PRO A 51 10.99 6.11 -0.13
CA PRO A 51 12.40 6.50 -0.18
C PRO A 51 13.30 5.47 -0.87
N PHE A 52 14.57 5.85 -1.03
CA PHE A 52 15.64 5.00 -1.54
C PHE A 52 15.77 3.71 -0.71
N GLY A 53 15.76 2.55 -1.39
CA GLY A 53 15.81 1.22 -0.76
C GLY A 53 14.54 0.79 -0.01
N CYS A 54 13.38 1.45 -0.21
CA CYS A 54 12.14 1.06 0.48
C CYS A 54 11.75 -0.40 0.19
N THR A 55 11.03 -1.04 1.13
CA THR A 55 10.59 -2.42 1.02
C THR A 55 9.24 -2.62 1.70
N LYS A 56 8.61 -3.75 1.36
CA LYS A 56 7.39 -4.27 1.90
C LYS A 56 7.32 -4.20 3.42
N GLU A 57 8.37 -4.53 4.15
CA GLU A 57 8.41 -4.46 5.61
C GLU A 57 8.37 -3.03 6.18
N GLU A 58 8.68 -1.99 5.40
CA GLU A 58 8.40 -0.62 5.83
C GLU A 58 6.92 -0.29 5.64
N ILE A 59 6.25 -0.96 4.71
CA ILE A 59 4.78 -0.98 4.59
C ILE A 59 4.16 -1.85 5.71
N VAL A 60 4.81 -2.96 6.09
CA VAL A 60 4.47 -3.75 7.27
C VAL A 60 4.59 -2.95 8.59
N GLN A 61 5.33 -1.82 8.63
CA GLN A 61 5.27 -0.88 9.76
C GLN A 61 4.29 0.27 9.55
N PHE A 62 4.07 0.65 8.29
CA PHE A 62 3.12 1.67 7.86
C PHE A 62 1.69 1.31 8.28
N PHE A 63 1.33 0.04 8.03
CA PHE A 63 0.07 -0.55 8.48
C PHE A 63 0.27 -1.70 9.47
N SER A 64 1.31 -1.62 10.32
CA SER A 64 1.35 -2.37 11.60
C SER A 64 0.10 -2.12 12.47
N GLY A 65 -0.58 -0.99 12.22
CA GLY A 65 -1.88 -0.63 12.77
C GLY A 65 -2.99 -1.68 12.56
N LEU A 66 -2.94 -2.42 11.46
CA LEU A 66 -4.08 -3.12 10.85
C LEU A 66 -3.71 -4.53 10.34
N GLU A 67 -4.70 -5.35 9.97
CA GLU A 67 -4.56 -6.73 9.57
C GLU A 67 -4.55 -6.90 8.04
N ILE A 68 -3.62 -7.73 7.54
CA ILE A 68 -3.22 -7.93 6.14
C ILE A 68 -3.13 -9.45 5.86
N VAL A 69 -3.60 -9.91 4.69
CA VAL A 69 -3.38 -11.32 4.25
C VAL A 69 -1.89 -11.62 4.10
N PRO A 70 -1.41 -12.88 4.25
CA PRO A 70 -0.02 -13.17 4.59
C PRO A 70 1.13 -12.60 3.74
N ASN A 71 0.91 -12.25 2.48
CA ASN A 71 1.83 -11.46 1.64
C ASN A 71 1.04 -10.42 0.83
N GLY A 72 0.04 -9.81 1.47
CA GLY A 72 -0.87 -8.81 0.89
C GLY A 72 -0.18 -7.60 0.22
N ILE A 73 1.07 -7.32 0.57
CA ILE A 73 1.80 -6.10 0.22
C ILE A 73 2.61 -6.34 -1.09
N THR A 74 2.45 -5.49 -2.12
CA THR A 74 3.06 -5.63 -3.46
C THR A 74 3.93 -4.43 -3.85
N LEU A 75 5.15 -4.70 -4.36
CA LEU A 75 6.25 -3.74 -4.60
C LEU A 75 6.71 -3.76 -6.06
N PRO A 76 6.14 -2.93 -6.95
CA PRO A 76 6.52 -2.90 -8.34
C PRO A 76 7.84 -2.13 -8.61
N VAL A 77 7.81 -0.79 -8.47
CA VAL A 77 8.88 0.20 -8.72
C VAL A 77 8.41 1.56 -8.19
N ASP A 78 9.31 2.54 -8.12
CA ASP A 78 8.98 3.94 -7.92
C ASP A 78 8.30 4.61 -9.14
N PRO A 79 7.80 5.83 -8.97
CA PRO A 79 7.28 6.69 -10.04
C PRO A 79 8.24 7.02 -11.21
N GLU A 80 9.50 6.53 -11.22
CA GLU A 80 10.50 6.75 -12.29
C GLU A 80 11.13 5.41 -12.76
N GLY A 81 10.70 4.28 -12.19
CA GLY A 81 10.98 2.94 -12.72
C GLY A 81 12.41 2.41 -12.52
N LYS A 82 13.04 2.69 -11.36
CA LYS A 82 14.43 2.29 -11.04
C LYS A 82 14.55 1.60 -9.68
N ILE A 83 13.53 1.73 -8.83
CA ILE A 83 13.57 1.33 -7.41
C ILE A 83 12.25 0.73 -6.90
N THR A 84 11.54 1.40 -5.99
CA THR A 84 10.41 0.95 -5.16
C THR A 84 9.94 2.14 -4.31
N GLY A 85 9.29 3.09 -4.97
CA GLY A 85 8.67 4.29 -4.42
C GLY A 85 7.19 4.45 -4.72
N GLU A 86 6.59 3.44 -5.35
CA GLU A 86 5.16 3.14 -5.21
C GLU A 86 4.96 1.64 -4.99
N ALA A 87 3.81 1.29 -4.42
CA ALA A 87 3.49 -0.01 -3.83
C ALA A 87 2.01 -0.10 -3.50
N PHE A 88 1.60 -1.26 -3.01
CA PHE A 88 0.22 -1.65 -2.84
C PHE A 88 0.09 -2.60 -1.63
N VAL A 89 -1.08 -2.72 -1.00
CA VAL A 89 -1.29 -3.63 0.14
C VAL A 89 -2.74 -4.05 0.36
N GLN A 90 -2.99 -5.36 0.31
CA GLN A 90 -4.28 -6.00 0.56
C GLN A 90 -4.40 -6.34 2.03
N PHE A 91 -5.51 -5.95 2.63
CA PHE A 91 -5.75 -6.21 4.03
C PHE A 91 -6.41 -7.59 4.20
N ALA A 92 -6.98 -7.92 5.35
CA ALA A 92 -7.95 -9.02 5.42
C ALA A 92 -9.33 -8.62 4.86
N SER A 93 -9.58 -7.32 4.67
CA SER A 93 -10.87 -6.81 4.20
C SER A 93 -10.80 -5.41 3.58
N GLN A 94 -11.85 -5.03 2.84
CA GLN A 94 -12.10 -3.66 2.36
C GLN A 94 -12.17 -2.60 3.47
N GLU A 95 -12.67 -2.98 4.65
CA GLU A 95 -12.86 -2.11 5.81
C GLU A 95 -11.54 -1.74 6.48
N LEU A 96 -10.75 -2.77 6.74
CA LEU A 96 -9.40 -2.66 7.24
C LEU A 96 -8.53 -1.83 6.32
N ALA A 97 -8.76 -1.94 5.02
CA ALA A 97 -8.04 -1.13 4.05
C ALA A 97 -8.57 0.33 4.00
N GLU A 98 -9.77 0.57 4.53
CA GLU A 98 -10.40 1.90 4.55
C GLU A 98 -9.95 2.66 5.81
N LYS A 99 -9.69 1.92 6.89
CA LYS A 99 -9.06 2.40 8.11
C LYS A 99 -7.62 2.84 7.82
N ALA A 100 -6.97 2.13 6.89
CA ALA A 100 -5.59 2.34 6.45
C ALA A 100 -5.34 3.67 5.71
N LEU A 101 -6.22 4.06 4.79
CA LEU A 101 -6.20 5.43 4.21
C LEU A 101 -6.15 6.56 5.26
N GLY A 102 -6.64 6.26 6.46
CA GLY A 102 -6.52 7.11 7.63
C GLY A 102 -5.07 7.45 8.07
N LYS A 103 -4.04 6.71 7.59
CA LYS A 103 -2.61 7.06 7.70
C LYS A 103 -2.18 8.27 6.87
N HIS A 104 -3.02 8.68 5.92
CA HIS A 104 -3.04 9.89 5.06
C HIS A 104 -1.74 10.47 4.45
N LYS A 105 -0.66 10.66 5.22
CA LYS A 105 0.61 11.33 4.82
C LYS A 105 1.84 10.82 5.60
N GLU A 106 1.72 9.67 6.28
CA GLU A 106 2.76 9.07 7.15
C GLU A 106 4.13 8.80 6.48
N ARG A 107 5.12 8.36 7.29
CA ARG A 107 6.52 8.19 6.90
C ARG A 107 6.98 6.72 6.82
N ILE A 108 8.02 6.54 6.01
CA ILE A 108 8.89 5.37 5.80
C ILE A 108 10.35 5.88 5.84
N GLY A 109 11.36 5.02 5.90
CA GLY A 109 12.82 5.25 5.96
C GLY A 109 13.27 6.71 6.01
N HIS A 110 13.18 7.43 4.88
CA HIS A 110 13.40 8.88 4.81
C HIS A 110 12.29 9.71 4.10
N ARG A 111 11.24 9.09 3.53
CA ARG A 111 10.20 9.74 2.73
C ARG A 111 8.76 9.33 3.07
N TYR A 112 7.84 9.90 2.33
CA TYR A 112 6.70 10.64 2.87
C TYR A 112 5.50 10.38 1.97
N ILE A 113 4.52 9.66 2.49
CA ILE A 113 3.85 8.65 1.68
C ILE A 113 2.38 8.99 1.47
N GLU A 114 2.00 8.95 0.19
CA GLU A 114 0.63 8.95 -0.33
C GLU A 114 -0.17 7.70 0.06
N VAL A 115 -1.49 7.79 0.14
CA VAL A 115 -2.39 6.62 0.23
C VAL A 115 -3.65 6.81 -0.63
N PHE A 116 -4.02 5.77 -1.36
CA PHE A 116 -5.19 5.69 -2.24
C PHE A 116 -5.83 4.31 -2.09
N LYS A 117 -7.17 4.25 -2.14
CA LYS A 117 -7.90 3.00 -2.10
C LYS A 117 -7.80 2.31 -3.45
N SER A 118 -7.58 1.01 -3.36
CA SER A 118 -7.12 0.16 -4.46
C SER A 118 -7.83 -1.19 -4.39
N SER A 119 -7.73 -1.97 -5.46
CA SER A 119 -8.14 -3.38 -5.49
C SER A 119 -7.19 -4.19 -6.38
N GLN A 120 -7.15 -5.50 -6.11
CA GLN A 120 -6.47 -6.67 -6.71
C GLN A 120 -6.21 -6.73 -8.23
N GLU A 121 -6.51 -5.69 -8.99
CA GLU A 121 -6.23 -5.57 -10.41
C GLU A 121 -5.45 -4.28 -10.77
N GLU A 122 -5.50 -3.22 -9.95
CA GLU A 122 -4.65 -2.03 -10.15
C GLU A 122 -3.18 -2.35 -9.80
N VAL A 123 -3.04 -3.41 -8.99
CA VAL A 123 -1.98 -3.63 -8.01
C VAL A 123 -0.85 -4.50 -8.54
N ARG A 124 -1.17 -5.39 -9.49
CA ARG A 124 -0.21 -6.26 -10.18
C ARG A 124 0.38 -5.54 -11.39
N SER A 125 0.97 -4.38 -11.15
CA SER A 125 1.43 -3.42 -12.18
C SER A 125 2.51 -4.00 -13.10
N TYR A 126 3.10 -5.15 -12.73
CA TYR A 126 4.10 -5.92 -13.45
C TYR A 126 3.94 -7.45 -13.24
N ASN A 35 -15.60 3.73 0.70
CA ASN A 35 -15.37 3.06 -0.60
C ASN A 35 -15.19 4.07 -1.74
N SER A 36 -14.26 3.78 -2.65
CA SER A 36 -13.93 4.57 -3.86
C SER A 36 -13.24 3.76 -4.98
N ALA A 37 -12.72 2.56 -4.69
CA ALA A 37 -12.11 1.60 -5.63
C ALA A 37 -12.10 0.21 -4.95
N ASP A 38 -13.23 -0.50 -5.03
CA ASP A 38 -13.57 -1.63 -4.14
C ASP A 38 -14.47 -2.68 -4.84
N SER A 39 -14.51 -3.93 -4.32
CA SER A 39 -15.43 -4.97 -4.82
C SER A 39 -16.17 -5.73 -3.70
N ALA A 40 -15.46 -6.40 -2.80
CA ALA A 40 -16.06 -7.21 -1.72
C ALA A 40 -15.16 -7.52 -0.50
N ASN A 41 -13.87 -7.79 -0.71
CA ASN A 41 -12.89 -8.14 0.34
C ASN A 41 -11.44 -7.71 0.03
N ASP A 42 -11.15 -7.54 -1.25
CA ASP A 42 -10.06 -6.89 -1.97
C ASP A 42 -9.79 -5.41 -1.59
N GLY A 43 -9.82 -5.11 -0.29
CA GLY A 43 -9.26 -3.91 0.30
C GLY A 43 -7.75 -3.84 0.11
N PHE A 44 -7.28 -3.23 -0.98
CA PHE A 44 -5.88 -2.99 -1.27
C PHE A 44 -5.64 -1.51 -1.09
N VAL A 45 -4.38 -1.10 -0.90
CA VAL A 45 -4.06 0.29 -0.68
C VAL A 45 -2.75 0.69 -1.30
N ARG A 46 -2.78 1.60 -2.28
CA ARG A 46 -1.61 2.03 -3.04
C ARG A 46 -0.90 3.19 -2.37
N LEU A 47 0.36 2.95 -2.05
CA LEU A 47 1.34 3.95 -1.73
C LEU A 47 1.80 4.70 -2.97
N ARG A 48 2.20 5.93 -2.73
CA ARG A 48 3.23 6.64 -3.47
C ARG A 48 4.09 7.33 -2.42
N GLY A 49 5.40 7.35 -2.59
CA GLY A 49 6.24 8.32 -1.90
C GLY A 49 7.66 7.83 -1.66
N LEU A 50 7.80 6.49 -1.71
CA LEU A 50 8.85 5.71 -1.09
C LEU A 50 10.27 6.11 -1.56
N PRO A 51 11.22 6.07 -0.63
CA PRO A 51 12.64 6.34 -0.84
C PRO A 51 13.36 5.16 -1.49
N PHE A 52 14.57 5.44 -1.99
CA PHE A 52 15.50 4.43 -2.48
C PHE A 52 15.86 3.44 -1.36
N GLY A 53 15.51 2.16 -1.54
CA GLY A 53 15.69 1.11 -0.52
C GLY A 53 14.47 0.84 0.37
N CYS A 54 13.30 1.43 0.09
CA CYS A 54 12.03 0.96 0.70
C CYS A 54 11.79 -0.53 0.40
N THR A 55 11.14 -1.25 1.32
CA THR A 55 10.68 -2.62 1.07
C THR A 55 9.34 -2.85 1.77
N LYS A 56 8.72 -3.99 1.48
CA LYS A 56 7.51 -4.52 2.07
C LYS A 56 7.44 -4.31 3.58
N GLU A 57 8.54 -4.51 4.29
CA GLU A 57 8.72 -4.25 5.73
C GLU A 57 8.48 -2.80 6.19
N GLU A 58 8.76 -1.78 5.38
CA GLU A 58 8.41 -0.42 5.77
C GLU A 58 6.91 -0.18 5.56
N ILE A 59 6.28 -0.97 4.68
CA ILE A 59 4.82 -1.04 4.58
C ILE A 59 4.23 -1.86 5.74
N VAL A 60 4.92 -2.93 6.16
CA VAL A 60 4.61 -3.71 7.36
C VAL A 60 4.71 -2.89 8.66
N GLN A 61 5.38 -1.71 8.65
CA GLN A 61 5.33 -0.74 9.77
C GLN A 61 4.34 0.40 9.55
N PHE A 62 4.04 0.72 8.29
CA PHE A 62 3.01 1.69 7.88
C PHE A 62 1.63 1.25 8.39
N PHE A 63 1.34 -0.04 8.21
CA PHE A 63 0.10 -0.67 8.64
C PHE A 63 0.34 -1.84 9.60
N SER A 64 1.38 -1.76 10.44
CA SER A 64 1.44 -2.55 11.69
C SER A 64 0.20 -2.33 12.58
N GLY A 65 -0.52 -1.24 12.34
CA GLY A 65 -1.85 -0.97 12.88
C GLY A 65 -2.90 -2.08 12.66
N LEU A 66 -2.85 -2.77 11.52
CA LEU A 66 -4.00 -3.41 10.88
C LEU A 66 -3.70 -4.82 10.32
N GLU A 67 -4.75 -5.60 10.04
CA GLU A 67 -4.68 -6.96 9.51
C GLU A 67 -4.53 -7.00 7.97
N ILE A 68 -3.69 -7.90 7.47
CA ILE A 68 -3.21 -8.02 6.08
C ILE A 68 -3.06 -9.52 5.79
N VAL A 69 -3.57 -9.99 4.64
CA VAL A 69 -3.32 -11.38 4.19
C VAL A 69 -1.80 -11.67 4.00
N PRO A 70 -1.31 -12.91 4.12
CA PRO A 70 0.12 -13.18 4.37
C PRO A 70 1.20 -12.58 3.47
N ASN A 71 0.90 -12.23 2.22
CA ASN A 71 1.76 -11.41 1.35
C ASN A 71 0.89 -10.39 0.59
N GLY A 72 -0.10 -9.84 1.29
CA GLY A 72 -1.00 -8.79 0.81
C GLY A 72 -0.29 -7.57 0.19
N ILE A 73 0.94 -7.30 0.62
CA ILE A 73 1.73 -6.11 0.28
C ILE A 73 2.44 -6.36 -1.07
N THR A 74 2.39 -5.42 -2.03
CA THR A 74 2.91 -5.54 -3.41
C THR A 74 3.87 -4.41 -3.77
N LEU A 75 5.05 -4.72 -4.34
CA LEU A 75 6.20 -3.82 -4.54
C LEU A 75 6.72 -3.81 -6.00
N PRO A 76 6.14 -2.99 -6.89
CA PRO A 76 6.52 -2.99 -8.29
C PRO A 76 7.71 -2.07 -8.66
N VAL A 77 7.55 -0.73 -8.62
CA VAL A 77 8.56 0.32 -8.95
C VAL A 77 8.14 1.70 -8.45
N ASP A 78 9.05 2.68 -8.45
CA ASP A 78 8.81 4.10 -8.17
C ASP A 78 8.21 4.89 -9.35
N PRO A 79 7.85 6.17 -9.11
CA PRO A 79 7.39 7.12 -10.13
C PRO A 79 8.33 7.40 -11.33
N GLU A 80 9.56 6.86 -11.40
CA GLU A 80 10.48 7.02 -12.54
C GLU A 80 10.87 5.67 -13.15
N GLY A 81 10.95 4.61 -12.33
CA GLY A 81 11.00 3.22 -12.77
C GLY A 81 12.37 2.54 -12.60
N LYS A 82 13.05 2.78 -11.47
CA LYS A 82 14.37 2.21 -11.14
C LYS A 82 14.42 1.59 -9.73
N ILE A 83 13.33 1.69 -8.96
CA ILE A 83 13.25 1.16 -7.59
C ILE A 83 11.89 0.54 -7.22
N THR A 84 11.08 1.25 -6.44
CA THR A 84 9.94 0.84 -5.59
C THR A 84 9.58 2.00 -4.65
N GLY A 85 9.06 3.07 -5.27
CA GLY A 85 8.48 4.29 -4.68
C GLY A 85 6.99 4.50 -4.91
N GLU A 86 6.33 3.55 -5.56
CA GLU A 86 4.96 3.18 -5.22
C GLU A 86 4.88 1.67 -4.98
N ALA A 87 3.79 1.27 -4.35
CA ALA A 87 3.53 -0.04 -3.78
C ALA A 87 2.07 -0.10 -3.37
N PHE A 88 1.65 -1.24 -2.86
CA PHE A 88 0.26 -1.57 -2.66
C PHE A 88 0.11 -2.53 -1.47
N VAL A 89 -1.06 -2.67 -0.84
CA VAL A 89 -1.26 -3.58 0.30
C VAL A 89 -2.70 -4.02 0.53
N GLN A 90 -2.93 -5.33 0.48
CA GLN A 90 -4.21 -6.01 0.70
C GLN A 90 -4.37 -6.42 2.15
N PHE A 91 -5.46 -5.96 2.73
CA PHE A 91 -5.79 -6.19 4.12
C PHE A 91 -6.55 -7.52 4.28
N ALA A 92 -7.05 -7.83 5.47
CA ALA A 92 -7.97 -8.97 5.61
C ALA A 92 -9.40 -8.65 5.13
N SER A 93 -9.70 -7.38 4.83
CA SER A 93 -11.03 -6.91 4.44
C SER A 93 -11.01 -5.57 3.70
N GLN A 94 -12.10 -5.27 3.00
CA GLN A 94 -12.34 -4.00 2.30
C GLN A 94 -12.28 -2.77 3.23
N GLU A 95 -12.67 -2.97 4.49
CA GLU A 95 -12.83 -1.91 5.51
C GLU A 95 -11.52 -1.55 6.21
N LEU A 96 -10.75 -2.58 6.56
CA LEU A 96 -9.39 -2.48 7.07
C LEU A 96 -8.50 -1.68 6.12
N ALA A 97 -8.73 -1.83 4.83
CA ALA A 97 -8.04 -1.06 3.81
C ALA A 97 -8.42 0.43 3.78
N GLU A 98 -9.45 0.86 4.49
CA GLU A 98 -9.95 2.25 4.52
C GLU A 98 -9.80 2.88 5.90
N LYS A 99 -9.55 2.04 6.91
CA LYS A 99 -8.85 2.45 8.12
C LYS A 99 -7.43 2.90 7.77
N ALA A 100 -6.78 2.18 6.83
CA ALA A 100 -5.45 2.43 6.30
C ALA A 100 -5.28 3.68 5.42
N LEU A 101 -6.20 4.03 4.53
CA LEU A 101 -6.27 5.39 3.95
C LEU A 101 -6.24 6.53 4.98
N GLY A 102 -6.71 6.22 6.19
CA GLY A 102 -6.60 7.07 7.37
C GLY A 102 -5.16 7.39 7.80
N LYS A 103 -4.15 6.59 7.38
CA LYS A 103 -2.69 6.92 7.38
C LYS A 103 -2.32 7.93 6.28
N HIS A 104 -3.15 8.95 6.08
CA HIS A 104 -3.15 9.93 4.98
C HIS A 104 -1.80 10.61 4.73
N LYS A 105 -0.98 10.79 5.77
CA LYS A 105 0.43 11.19 5.67
C LYS A 105 1.27 10.58 6.78
N GLU A 106 2.09 9.59 6.42
CA GLU A 106 3.12 8.97 7.26
C GLU A 106 4.41 8.76 6.45
N ARG A 107 5.30 7.87 6.90
CA ARG A 107 6.72 7.88 6.59
C ARG A 107 7.27 6.47 6.39
N ILE A 108 8.26 6.36 5.51
CA ILE A 108 9.04 5.15 5.19
C ILE A 108 10.50 5.56 4.95
N GLY A 109 11.46 4.85 5.55
CA GLY A 109 12.92 5.02 5.40
C GLY A 109 13.48 6.40 5.79
N HIS A 110 13.15 7.42 5.00
CA HIS A 110 13.36 8.86 5.26
C HIS A 110 12.31 9.77 4.58
N ARG A 111 11.47 9.22 3.69
CA ARG A 111 10.46 9.91 2.87
C ARG A 111 9.04 9.62 3.33
N TYR A 112 8.09 10.14 2.56
CA TYR A 112 6.92 10.81 3.08
C TYR A 112 5.77 10.60 2.10
N ILE A 113 4.74 9.91 2.58
CA ILE A 113 4.05 8.92 1.76
C ILE A 113 2.53 9.17 1.70
N GLU A 114 2.01 9.06 0.49
CA GLU A 114 0.62 9.01 0.06
C GLU A 114 -0.08 7.66 0.30
N VAL A 115 -1.41 7.67 0.34
CA VAL A 115 -2.27 6.46 0.32
C VAL A 115 -3.51 6.68 -0.55
N PHE A 116 -3.87 5.68 -1.35
CA PHE A 116 -5.00 5.67 -2.27
C PHE A 116 -5.71 4.31 -2.21
N LYS A 117 -7.03 4.28 -2.39
CA LYS A 117 -7.84 3.07 -2.42
C LYS A 117 -7.57 2.28 -3.69
N SER A 118 -7.58 0.96 -3.54
CA SER A 118 -7.04 0.03 -4.54
C SER A 118 -7.71 -1.34 -4.45
N SER A 119 -7.60 -2.14 -5.51
CA SER A 119 -8.05 -3.53 -5.58
C SER A 119 -7.13 -4.38 -6.46
N GLN A 120 -7.16 -5.70 -6.22
CA GLN A 120 -6.39 -6.85 -6.75
C GLN A 120 -6.05 -6.91 -8.27
N GLU A 121 -6.45 -5.93 -9.06
CA GLU A 121 -6.16 -5.84 -10.51
C GLU A 121 -5.58 -4.49 -10.95
N GLU A 122 -5.72 -3.46 -10.11
CA GLU A 122 -5.14 -2.14 -10.28
C GLU A 122 -3.75 -2.10 -9.61
N VAL A 123 -3.63 -2.93 -8.58
CA VAL A 123 -2.42 -3.28 -7.82
C VAL A 123 -1.44 -4.19 -8.54
N ARG A 124 -1.93 -4.99 -9.48
CA ARG A 124 -1.26 -6.09 -10.19
C ARG A 124 -0.21 -5.65 -11.24
N SER A 125 0.39 -4.48 -11.02
CA SER A 125 1.65 -4.06 -11.64
C SER A 125 2.82 -4.99 -11.24
N TYR A 126 2.61 -5.91 -10.30
CA TYR A 126 3.53 -6.93 -9.80
C TYR A 126 2.68 -8.16 -9.41
#